data_4LO8
#
_entry.id   4LO8
#
_cell.length_a   45.810
_cell.length_b   228.859
_cell.length_c   78.718
_cell.angle_alpha   90.00
_cell.angle_beta   92.05
_cell.angle_gamma   90.00
#
_symmetry.space_group_name_H-M   'P 1 21 1'
#
loop_
_entity.id
_entity.type
_entity.pdbx_description
1 polymer HA-70
2 polymer HA-17
3 water water
#
loop_
_entity_poly.entity_id
_entity_poly.type
_entity_poly.pdbx_seq_one_letter_code
_entity_poly.pdbx_strand_id
1 'polypeptide(L)'
;GPLGSPSENIQEINTAISDNYTYNIPGIVNNNPFYILFTVNTTGIYKINAQNNLPSLKIYEAIGSGNRNFQSGNLCDDDI
KAINYITGFDSPNAKSYLVVLLNKDKNYYIRVPQTSSNIENQIQFKREEGDLRNLMNSSVNIIDNLNSTGAHYYTRQSPD
VHDYISYEFTIPGNFNNKDTSNIRLYTSYNQGIGTLFRVTETIDGYNLINIQQNLHLLNNTNSIRLLNGAIYILKVEVTE
LNNYNIRLHIDITN
;
A,C,E,G
2 'polypeptide(L)'
;GPSVERTFLPNGNYNIKSIFSGSLYLNPVSKSLTFSNESSANNQKWNVEYMAENRCFKISNVAEPNKYLSYDNFGFISLD
SLSNRCYWFPIKIAVNTYIMLSLNKVNELDYAWDIYDTNENILSQPLLLLPNFDIYNSNQMFKLEKI
;
B,D,F,H
#
# COMPACT_ATOMS: atom_id res chain seq x y z
N GLU A 8 10.85 57.34 -23.77
CA GLU A 8 11.21 55.99 -23.34
C GLU A 8 12.42 55.99 -22.41
N ASN A 9 12.24 56.48 -21.19
CA ASN A 9 13.32 56.56 -20.23
C ASN A 9 13.68 55.20 -19.63
N ILE A 10 14.85 54.69 -19.97
CA ILE A 10 15.35 53.45 -19.39
C ILE A 10 15.81 53.66 -17.96
N GLN A 11 15.21 52.93 -17.03
CA GLN A 11 15.63 52.98 -15.64
C GLN A 11 16.39 51.71 -15.29
N GLU A 12 17.10 51.71 -14.17
CA GLU A 12 17.93 50.56 -13.82
C GLU A 12 17.93 50.20 -12.34
N ILE A 13 17.71 48.92 -12.06
CA ILE A 13 17.92 48.38 -10.73
C ILE A 13 19.39 48.00 -10.62
N ASN A 14 20.18 48.89 -10.04
CA ASN A 14 21.64 48.70 -9.99
C ASN A 14 22.06 47.47 -9.20
N THR A 15 21.33 47.18 -8.14
CA THR A 15 21.63 46.03 -7.29
C THR A 15 21.01 44.75 -7.86
N ALA A 16 21.83 43.70 -7.96
CA ALA A 16 21.33 42.39 -8.39
C ALA A 16 20.36 41.85 -7.36
N ILE A 17 19.15 41.55 -7.80
CA ILE A 17 18.09 41.12 -6.89
C ILE A 17 18.19 39.62 -6.54
N SER A 18 17.69 39.26 -5.37
CA SER A 18 17.73 37.88 -4.90
C SER A 18 16.45 37.53 -4.16
N ASP A 19 15.87 36.38 -4.54
CA ASP A 19 14.65 35.87 -3.90
C ASP A 19 13.44 36.80 -3.99
N ASN A 20 13.50 37.95 -3.34
CA ASN A 20 12.39 38.90 -3.35
C ASN A 20 12.84 40.32 -3.70
N TYR A 21 12.02 41.02 -4.49
CA TYR A 21 12.30 42.42 -4.80
C TYR A 21 11.06 43.18 -5.27
N THR A 22 10.94 44.43 -4.83
CA THR A 22 9.82 45.27 -5.22
C THR A 22 10.29 46.63 -5.75
N TYR A 23 9.92 46.92 -6.99
CA TYR A 23 10.31 48.17 -7.64
C TYR A 23 9.11 49.06 -7.89
N ASN A 24 9.14 50.28 -7.34
CA ASN A 24 8.02 51.20 -7.49
C ASN A 24 8.11 52.06 -8.74
N ILE A 25 7.08 52.00 -9.57
CA ILE A 25 6.98 52.88 -10.73
C ILE A 25 6.86 54.32 -10.24
N PRO A 26 7.71 55.22 -10.75
CA PRO A 26 7.73 56.62 -10.33
C PRO A 26 6.37 57.29 -10.44
N GLY A 27 5.67 57.01 -11.53
CA GLY A 27 4.38 57.64 -11.79
C GLY A 27 4.53 58.76 -12.80
N ILE A 28 5.72 59.34 -12.85
CA ILE A 28 6.02 60.41 -13.79
C ILE A 28 6.53 59.84 -15.11
N VAL A 29 6.51 58.52 -15.21
CA VAL A 29 6.93 57.83 -16.43
C VAL A 29 5.80 56.95 -16.95
N ASN A 30 4.62 57.12 -16.37
CA ASN A 30 3.45 56.32 -16.73
C ASN A 30 2.84 56.68 -18.07
N ASN A 31 3.07 57.92 -18.52
CA ASN A 31 2.53 58.38 -19.79
C ASN A 31 3.35 57.93 -20.98
N ASN A 32 4.32 57.04 -20.74
CA ASN A 32 5.15 56.50 -21.80
C ASN A 32 5.51 55.05 -21.55
N PRO A 33 5.64 54.25 -22.62
CA PRO A 33 6.20 52.91 -22.51
C PRO A 33 7.62 53.03 -21.95
N PHE A 34 7.96 52.27 -20.93
CA PHE A 34 9.25 52.46 -20.28
C PHE A 34 9.91 51.15 -19.81
N TYR A 35 11.23 51.18 -19.66
CA TYR A 35 12.01 49.96 -19.47
C TYR A 35 12.73 49.88 -18.13
N ILE A 36 12.88 48.66 -17.63
CA ILE A 36 13.60 48.39 -16.40
C ILE A 36 14.76 47.44 -16.64
N LEU A 37 15.98 47.90 -16.38
CA LEU A 37 17.16 47.08 -16.54
C LEU A 37 17.56 46.44 -15.22
N PHE A 38 17.71 45.11 -15.21
CA PHE A 38 18.04 44.42 -13.97
C PHE A 38 18.79 43.11 -14.21
N THR A 39 19.33 42.57 -13.13
CA THR A 39 20.01 41.28 -13.13
C THR A 39 19.71 40.55 -11.82
N VAL A 40 19.85 39.23 -11.83
CA VAL A 40 19.58 38.44 -10.64
C VAL A 40 20.87 38.00 -9.94
N ASN A 41 20.82 37.94 -8.62
CA ASN A 41 21.96 37.55 -7.81
C ASN A 41 22.36 36.10 -8.06
N THR A 42 21.37 35.26 -8.31
CA THR A 42 21.58 33.84 -8.56
C THR A 42 20.63 33.32 -9.64
N THR A 43 21.15 32.45 -10.50
CA THR A 43 20.34 31.86 -11.58
C THR A 43 19.15 31.10 -11.02
N GLY A 44 17.97 31.37 -11.58
CA GLY A 44 16.76 30.69 -11.11
C GLY A 44 15.48 31.17 -11.77
N ILE A 45 14.39 30.50 -11.45
CA ILE A 45 13.10 30.82 -12.06
C ILE A 45 12.33 31.86 -11.24
N TYR A 46 11.97 32.96 -11.88
CA TYR A 46 11.33 34.08 -11.21
C TYR A 46 9.93 34.36 -11.73
N LYS A 47 9.05 34.75 -10.81
CA LYS A 47 7.74 35.28 -11.10
C LYS A 47 7.81 36.80 -11.04
N ILE A 48 7.43 37.45 -12.13
CA ILE A 48 7.49 38.90 -12.23
C ILE A 48 6.12 39.45 -12.62
N ASN A 49 5.63 40.44 -11.88
CA ASN A 49 4.30 40.96 -12.17
C ASN A 49 4.03 42.38 -11.66
N ALA A 50 3.10 43.08 -12.29
CA ALA A 50 2.65 44.36 -11.76
C ALA A 50 1.71 44.12 -10.58
N GLN A 51 1.26 45.19 -9.93
CA GLN A 51 0.58 45.11 -8.64
C GLN A 51 -0.58 44.13 -8.58
N ASN A 52 -1.55 44.28 -9.47
CA ASN A 52 -2.65 43.33 -9.57
C ASN A 52 -2.56 42.53 -10.86
N ASN A 53 -1.33 42.17 -11.21
CA ASN A 53 -1.02 41.56 -12.51
C ASN A 53 -1.42 42.49 -13.67
N LEU A 54 -1.44 43.79 -13.38
CA LEU A 54 -1.89 44.79 -14.35
C LEU A 54 -0.98 46.00 -14.24
N PRO A 55 -0.37 46.42 -15.36
CA PRO A 55 -0.55 45.86 -16.71
C PRO A 55 0.28 44.60 -16.95
N SER A 56 0.11 44.00 -18.13
CA SER A 56 0.96 42.89 -18.54
C SER A 56 2.35 43.43 -18.89
N LEU A 57 3.37 42.62 -18.68
CA LEU A 57 4.75 43.06 -18.88
C LEU A 57 5.44 42.25 -19.97
N LYS A 58 6.45 42.84 -20.60
CA LYS A 58 7.29 42.09 -21.53
C LYS A 58 8.68 41.94 -20.95
N ILE A 59 9.34 40.81 -21.24
CA ILE A 59 10.71 40.65 -20.78
C ILE A 59 11.66 40.31 -21.94
N TYR A 60 12.85 40.91 -21.89
CA TYR A 60 13.86 40.76 -22.92
C TYR A 60 15.19 40.35 -22.33
N GLU A 61 15.95 39.57 -23.11
CA GLU A 61 17.28 39.14 -22.71
C GLU A 61 18.33 40.07 -23.31
N ALA A 62 19.29 40.48 -22.51
CA ALA A 62 20.34 41.39 -22.96
C ALA A 62 21.74 40.80 -22.80
N ILE A 63 22.45 40.71 -23.94
CA ILE A 63 23.81 40.19 -23.99
C ILE A 63 24.79 41.34 -24.09
N GLY A 64 25.77 41.38 -23.20
CA GLY A 64 26.79 42.42 -23.23
C GLY A 64 28.02 42.02 -24.01
N ASP A 79 27.34 49.69 -24.92
CA ASP A 79 27.60 48.76 -26.01
C ASP A 79 27.09 47.36 -25.69
N ILE A 80 26.00 46.98 -26.36
CA ILE A 80 25.41 45.66 -26.18
C ILE A 80 25.59 44.81 -27.44
N LYS A 81 25.54 43.50 -27.27
CA LYS A 81 25.72 42.59 -28.39
C LYS A 81 24.39 42.17 -29.01
N ALA A 82 23.44 41.79 -28.16
CA ALA A 82 22.14 41.31 -28.65
C ALA A 82 21.03 41.52 -27.64
N ILE A 83 19.83 41.78 -28.15
CA ILE A 83 18.63 41.82 -27.32
C ILE A 83 17.62 40.83 -27.88
N ASN A 84 17.12 39.95 -27.02
CA ASN A 84 16.15 38.94 -27.46
C ASN A 84 14.89 38.91 -26.63
N TYR A 85 13.75 39.05 -27.30
CA TYR A 85 12.45 38.88 -26.67
C TYR A 85 12.33 37.47 -26.09
N ILE A 86 11.92 37.38 -24.84
CA ILE A 86 11.73 36.08 -24.21
C ILE A 86 10.24 35.73 -24.17
N THR A 87 9.48 36.50 -23.38
CA THR A 87 8.06 36.25 -23.23
C THR A 87 7.33 37.50 -22.75
N GLY A 88 6.00 37.46 -22.85
CA GLY A 88 5.17 38.60 -22.48
C GLY A 88 4.49 39.19 -23.70
N PHE A 89 3.40 39.91 -23.47
CA PHE A 89 2.66 40.54 -24.56
C PHE A 89 2.19 41.94 -24.17
N ASP A 90 1.45 42.59 -25.05
CA ASP A 90 0.98 43.94 -24.77
C ASP A 90 -0.49 44.12 -25.16
N SER A 91 -1.38 43.56 -24.34
CA SER A 91 -2.80 43.80 -24.49
C SER A 91 -3.30 44.68 -23.36
N PRO A 92 -3.95 45.81 -23.70
CA PRO A 92 -4.47 46.72 -22.68
C PRO A 92 -5.50 46.04 -21.80
N ASN A 93 -5.44 46.34 -20.49
CA ASN A 93 -6.37 45.79 -19.50
C ASN A 93 -6.34 44.26 -19.39
N ALA A 94 -5.24 43.65 -19.85
CA ALA A 94 -5.09 42.21 -19.76
C ALA A 94 -4.21 41.85 -18.58
N LYS A 95 -4.75 41.07 -17.66
CA LYS A 95 -4.00 40.64 -16.47
C LYS A 95 -3.09 39.46 -16.79
N SER A 96 -1.86 39.51 -16.29
CA SER A 96 -0.90 38.43 -16.51
C SER A 96 0.30 38.52 -15.58
N TYR A 97 0.99 37.41 -15.40
CA TYR A 97 2.30 37.44 -14.74
C TYR A 97 3.32 36.59 -15.48
N LEU A 98 4.60 36.93 -15.38
CA LEU A 98 5.64 36.19 -16.10
C LEU A 98 6.35 35.17 -15.21
N VAL A 99 6.58 33.98 -15.76
CA VAL A 99 7.41 32.99 -15.09
C VAL A 99 8.59 32.67 -16.01
N VAL A 100 9.78 33.09 -15.60
CA VAL A 100 10.94 33.04 -16.49
C VAL A 100 12.22 32.56 -15.82
N LEU A 101 12.96 31.70 -16.53
CA LEU A 101 14.30 31.31 -16.10
C LEU A 101 15.27 32.46 -16.35
N LEU A 102 15.89 32.94 -15.28
CA LEU A 102 16.84 34.04 -15.38
C LEU A 102 18.25 33.61 -15.01
N ASN A 103 19.21 33.95 -15.87
CA ASN A 103 20.61 33.63 -15.64
C ASN A 103 21.33 34.82 -15.00
N LYS A 104 22.15 34.54 -14.00
CA LYS A 104 22.86 35.62 -13.29
C LYS A 104 23.95 36.26 -14.13
N ASP A 105 24.30 35.61 -15.24
CA ASP A 105 25.38 36.11 -16.11
C ASP A 105 24.90 37.17 -17.09
N LYS A 106 23.61 37.16 -17.39
CA LYS A 106 23.07 38.02 -18.45
C LYS A 106 22.27 39.19 -17.89
N ASN A 107 21.88 40.11 -18.76
CA ASN A 107 21.07 41.24 -18.34
C ASN A 107 19.61 41.06 -18.77
N TYR A 108 18.69 41.78 -18.13
CA TYR A 108 17.28 41.63 -18.48
C TYR A 108 16.53 42.95 -18.49
N TYR A 109 15.70 43.13 -19.52
CA TYR A 109 14.87 44.31 -19.66
C TYR A 109 13.42 43.95 -19.41
N ILE A 110 12.70 44.84 -18.72
CA ILE A 110 11.26 44.68 -18.60
C ILE A 110 10.58 45.88 -19.24
N ARG A 111 9.84 45.62 -20.31
CA ARG A 111 9.01 46.65 -20.91
C ARG A 111 7.66 46.74 -20.21
N VAL A 112 7.46 47.86 -19.53
CA VAL A 112 6.20 48.23 -18.93
C VAL A 112 5.49 49.13 -19.91
N PRO A 113 4.24 48.80 -20.26
CA PRO A 113 3.45 49.57 -21.22
C PRO A 113 2.86 50.83 -20.59
N GLN A 114 1.95 51.48 -21.31
CA GLN A 114 1.35 52.71 -20.83
C GLN A 114 0.33 52.47 -19.73
N THR A 115 0.59 53.04 -18.55
CA THR A 115 -0.42 53.10 -17.51
C THR A 115 -1.21 54.37 -17.74
N SER A 116 -2.20 54.28 -18.62
CA SER A 116 -3.07 55.42 -18.95
C SER A 116 -4.01 55.74 -17.79
N SER A 117 -3.56 55.42 -16.59
CA SER A 117 -4.26 55.72 -15.35
C SER A 117 -3.17 55.97 -14.31
N ASN A 118 -3.15 57.18 -13.76
CA ASN A 118 -2.07 57.60 -12.88
C ASN A 118 -2.19 57.10 -11.45
N ILE A 119 -2.31 55.78 -11.29
CA ILE A 119 -2.11 55.15 -9.99
C ILE A 119 -0.73 54.53 -10.00
N GLU A 120 -0.01 54.63 -8.90
CA GLU A 120 1.37 54.12 -8.84
C GLU A 120 1.41 52.59 -8.83
N ASN A 121 2.16 52.04 -9.77
CA ASN A 121 2.28 50.59 -9.89
C ASN A 121 3.56 50.05 -9.28
N GLN A 122 3.57 48.76 -8.97
CA GLN A 122 4.75 48.11 -8.43
C GLN A 122 5.08 46.84 -9.21
N ILE A 123 6.35 46.67 -9.55
CA ILE A 123 6.81 45.45 -10.18
C ILE A 123 7.43 44.55 -9.13
N GLN A 124 6.84 43.36 -8.98
CA GLN A 124 7.27 42.38 -8.00
C GLN A 124 8.04 41.25 -8.65
N PHE A 125 9.20 40.96 -8.08
CA PHE A 125 10.05 39.87 -8.50
C PHE A 125 10.15 38.87 -7.36
N LYS A 126 9.88 37.60 -7.64
CA LYS A 126 9.95 36.57 -6.61
C LYS A 126 10.59 35.30 -7.14
N ARG A 127 11.54 34.75 -6.39
CA ARG A 127 12.20 33.51 -6.81
C ARG A 127 11.31 32.31 -6.48
N GLU A 128 11.07 31.46 -7.47
CA GLU A 128 10.18 30.32 -7.29
C GLU A 128 10.95 29.03 -7.03
N GLU A 129 10.64 28.38 -5.92
CA GLU A 129 11.29 27.13 -5.54
C GLU A 129 10.36 25.93 -5.66
N GLY A 130 9.09 26.19 -5.98
CA GLY A 130 8.08 25.15 -6.00
C GLY A 130 7.53 24.79 -7.37
N ASP A 131 6.25 24.47 -7.42
CA ASP A 131 5.61 23.92 -8.61
C ASP A 131 5.42 24.91 -9.76
N LEU A 132 5.47 26.21 -9.44
CA LEU A 132 5.28 27.24 -10.46
C LEU A 132 6.38 27.19 -11.51
N ARG A 133 7.49 26.53 -11.16
CA ARG A 133 8.60 26.30 -12.09
C ARG A 133 8.15 25.53 -13.33
N ASN A 134 7.02 24.83 -13.22
CA ASN A 134 6.44 24.15 -14.37
C ASN A 134 5.98 25.11 -15.47
N LEU A 135 6.01 26.40 -15.20
CA LEU A 135 5.43 27.40 -16.11
C LEU A 135 6.45 28.20 -16.93
N MET A 136 7.73 27.93 -16.76
CA MET A 136 8.76 28.62 -17.53
C MET A 136 8.89 28.04 -18.95
N ASN A 137 9.11 28.89 -19.94
CA ASN A 137 8.98 30.34 -19.81
C ASN A 137 7.66 30.76 -20.46
N SER A 138 6.82 31.46 -19.71
CA SER A 138 5.57 31.90 -20.28
C SER A 138 4.91 33.01 -19.47
N SER A 139 4.03 33.74 -20.13
CA SER A 139 3.11 34.63 -19.46
C SER A 139 1.92 33.79 -19.04
N VAL A 140 1.37 34.09 -17.88
CA VAL A 140 0.18 33.42 -17.39
C VAL A 140 -0.92 34.45 -17.37
N ASN A 141 -1.88 34.27 -18.28
CA ASN A 141 -3.05 35.15 -18.41
C ASN A 141 -4.06 34.88 -17.30
N ILE A 142 -4.38 35.91 -16.51
CA ILE A 142 -5.43 35.78 -15.52
C ILE A 142 -6.80 35.95 -16.18
N ILE A 143 -7.56 34.87 -16.25
CA ILE A 143 -8.92 34.91 -16.78
C ILE A 143 -9.92 35.06 -15.63
N ASP A 144 -10.72 36.12 -15.68
CA ASP A 144 -11.65 36.42 -14.58
C ASP A 144 -13.08 36.72 -15.02
N ASN A 145 -13.44 36.28 -16.22
CA ASN A 145 -14.78 36.51 -16.74
C ASN A 145 -15.58 35.23 -17.01
N LEU A 146 -15.20 34.15 -16.32
CA LEU A 146 -15.91 32.88 -16.44
C LEU A 146 -17.03 32.76 -15.41
N ASN A 147 -18.08 33.57 -15.56
CA ASN A 147 -19.15 33.62 -14.57
C ASN A 147 -20.29 32.66 -14.87
N SER A 148 -20.21 31.96 -16.00
CA SER A 148 -21.34 31.16 -16.46
C SER A 148 -20.96 30.08 -17.46
N THR A 149 -21.98 29.32 -17.89
CA THR A 149 -21.83 28.40 -19.00
C THR A 149 -21.88 29.19 -20.30
N GLY A 150 -21.50 28.55 -21.41
CA GLY A 150 -21.51 29.20 -22.70
C GLY A 150 -20.12 29.42 -23.25
N ALA A 151 -20.04 30.14 -24.37
CA ALA A 151 -18.78 30.33 -25.07
C ALA A 151 -17.95 31.50 -24.54
N HIS A 152 -16.66 31.26 -24.42
CA HIS A 152 -15.70 32.30 -24.07
C HIS A 152 -14.44 32.10 -24.91
N TYR A 153 -13.81 33.19 -25.32
CA TYR A 153 -12.50 33.10 -25.97
C TYR A 153 -11.60 34.27 -25.65
N TYR A 154 -10.29 34.06 -25.80
CA TYR A 154 -9.29 35.02 -25.38
C TYR A 154 -8.17 35.11 -26.40
N THR A 155 -7.97 36.31 -26.92
CA THR A 155 -7.02 36.54 -28.00
C THR A 155 -5.77 37.24 -27.50
N ARG A 156 -4.62 36.63 -27.74
CA ARG A 156 -3.35 37.22 -27.35
C ARG A 156 -2.37 37.04 -28.50
N GLN A 157 -1.28 37.82 -28.50
CA GLN A 157 -0.22 37.60 -29.48
C GLN A 157 0.36 36.20 -29.25
N SER A 158 0.50 35.45 -30.33
CA SER A 158 0.94 34.07 -30.23
C SER A 158 2.44 33.92 -30.08
N PRO A 159 2.88 33.06 -29.14
CA PRO A 159 4.29 32.71 -29.02
C PRO A 159 4.76 31.99 -30.28
N ASP A 160 6.05 32.05 -30.57
CA ASP A 160 6.59 31.30 -31.71
C ASP A 160 6.53 29.81 -31.39
N VAL A 161 6.79 28.98 -32.40
CA VAL A 161 6.82 27.54 -32.23
C VAL A 161 7.80 27.16 -31.11
N HIS A 162 7.38 26.21 -30.28
CA HIS A 162 8.15 25.74 -29.11
C HIS A 162 8.14 26.69 -27.92
N ASP A 163 7.51 27.85 -28.06
CA ASP A 163 7.36 28.77 -26.94
C ASP A 163 5.99 28.61 -26.29
N TYR A 164 5.85 29.10 -25.06
CA TYR A 164 4.67 28.81 -24.25
C TYR A 164 3.80 30.03 -23.94
N ILE A 165 2.50 29.78 -23.80
CA ILE A 165 1.58 30.75 -23.22
C ILE A 165 0.59 30.05 -22.30
N SER A 166 0.40 30.59 -21.10
CA SER A 166 -0.44 29.93 -20.10
C SER A 166 -1.70 30.71 -19.73
N TYR A 167 -2.65 30.00 -19.15
CA TYR A 167 -3.94 30.59 -18.79
C TYR A 167 -4.41 30.07 -17.43
N GLU A 168 -4.61 30.98 -16.49
CA GLU A 168 -5.11 30.63 -15.16
C GLU A 168 -6.57 31.03 -15.04
N PHE A 169 -7.43 30.04 -14.81
CA PHE A 169 -8.87 30.30 -14.77
C PHE A 169 -9.59 29.56 -13.64
N THR A 170 -10.81 30.01 -13.33
CA THR A 170 -11.62 29.39 -12.30
C THR A 170 -12.96 28.96 -12.85
N ILE A 171 -13.30 27.69 -12.68
CA ILE A 171 -14.58 27.16 -13.10
C ILE A 171 -15.71 27.83 -12.33
N PRO A 172 -16.74 28.31 -13.04
CA PRO A 172 -17.88 28.97 -12.40
C PRO A 172 -18.67 28.04 -11.48
N GLY A 173 -19.36 28.61 -10.50
CA GLY A 173 -20.16 27.84 -9.56
C GLY A 173 -19.52 27.76 -8.19
N ASN A 174 -20.26 27.22 -7.22
CA ASN A 174 -19.73 27.04 -5.88
C ASN A 174 -19.01 25.70 -5.75
N PHE A 175 -17.90 25.69 -5.02
CA PHE A 175 -17.11 24.48 -4.85
C PHE A 175 -17.66 23.58 -3.76
N ASN A 176 -17.79 22.29 -4.07
CA ASN A 176 -18.21 21.30 -3.08
C ASN A 176 -17.56 19.95 -3.34
N ASN A 177 -16.46 19.96 -4.08
CA ASN A 177 -15.70 18.76 -4.42
C ASN A 177 -16.56 17.73 -5.14
N LYS A 178 -17.64 18.19 -5.77
CA LYS A 178 -18.60 17.31 -6.40
C LYS A 178 -19.22 17.94 -7.65
N ASP A 179 -19.70 19.17 -7.50
CA ASP A 179 -20.29 19.89 -8.63
C ASP A 179 -19.24 20.14 -9.70
N THR A 180 -19.59 19.86 -10.94
CA THR A 180 -18.61 19.74 -12.01
C THR A 180 -19.15 20.26 -13.34
N SER A 181 -18.28 20.88 -14.14
CA SER A 181 -18.67 21.40 -15.45
C SER A 181 -17.87 20.79 -16.58
N ASN A 182 -18.49 20.71 -17.76
CA ASN A 182 -17.81 20.27 -18.97
C ASN A 182 -17.08 21.43 -19.63
N ILE A 183 -15.76 21.30 -19.71
CA ILE A 183 -14.92 22.36 -20.25
C ILE A 183 -14.31 21.95 -21.59
N ARG A 184 -14.69 22.67 -22.64
CA ARG A 184 -14.09 22.46 -23.94
C ARG A 184 -13.02 23.53 -24.21
N LEU A 185 -11.76 23.10 -24.22
CA LEU A 185 -10.64 23.99 -24.48
C LEU A 185 -10.12 23.76 -25.88
N TYR A 186 -10.03 24.82 -26.69
CA TYR A 186 -9.50 24.66 -28.03
C TYR A 186 -8.93 25.94 -28.65
N THR A 187 -8.23 25.80 -29.77
CA THR A 187 -7.70 26.97 -30.46
C THR A 187 -8.34 27.15 -31.83
N SER A 188 -8.24 28.36 -32.36
CA SER A 188 -8.90 28.69 -33.62
C SER A 188 -8.08 28.25 -34.83
N TYR A 189 -6.82 28.67 -34.88
CA TYR A 189 -5.98 28.44 -36.07
C TYR A 189 -4.65 27.77 -35.75
N ASN A 190 -3.97 28.27 -34.72
CA ASN A 190 -2.68 27.72 -34.32
C ASN A 190 -2.81 26.37 -33.62
N GLN A 191 -1.93 25.45 -33.96
CA GLN A 191 -1.86 24.18 -33.25
C GLN A 191 -0.99 24.33 -32.02
N GLY A 192 -1.42 23.73 -30.92
CA GLY A 192 -0.66 23.78 -29.68
C GLY A 192 -0.88 22.57 -28.81
N ILE A 193 0.11 22.23 -28.00
CA ILE A 193 0.00 21.11 -27.08
C ILE A 193 -0.20 21.62 -25.66
N GLY A 194 -1.30 21.19 -25.04
CA GLY A 194 -1.68 21.69 -23.74
C GLY A 194 -1.39 20.76 -22.58
N THR A 195 -0.96 21.35 -21.47
CA THR A 195 -0.78 20.64 -20.22
C THR A 195 -1.67 21.30 -19.17
N LEU A 196 -2.54 20.50 -18.56
CA LEU A 196 -3.52 21.01 -17.60
C LEU A 196 -3.16 20.67 -16.15
N PHE A 197 -3.08 21.72 -15.35
CA PHE A 197 -2.73 21.64 -13.93
C PHE A 197 -3.90 22.06 -13.05
N ARG A 198 -4.02 21.43 -11.88
CA ARG A 198 -4.95 21.87 -10.83
C ARG A 198 -4.20 22.70 -9.79
N VAL A 199 -4.74 23.87 -9.45
CA VAL A 199 -4.01 24.78 -8.57
C VAL A 199 -4.52 24.80 -7.13
N THR A 200 -3.61 24.60 -6.19
CA THR A 200 -3.88 24.86 -4.78
C THR A 200 -2.85 25.84 -4.26
N GLU A 201 -3.11 26.45 -3.11
CA GLU A 201 -2.21 27.47 -2.57
C GLU A 201 -1.99 27.33 -1.07
N THR A 202 -0.76 27.55 -0.66
CA THR A 202 -0.42 27.62 0.77
C THR A 202 0.24 28.96 1.05
N ILE A 203 0.80 29.10 2.24
CA ILE A 203 1.51 30.33 2.61
C ILE A 203 2.80 30.46 1.80
N ASP A 204 3.19 29.37 1.15
CA ASP A 204 4.43 29.34 0.37
C ASP A 204 4.20 29.43 -1.14
N GLY A 205 3.01 29.85 -1.54
CA GLY A 205 2.70 30.00 -2.95
C GLY A 205 1.91 28.83 -3.52
N TYR A 206 1.92 28.70 -4.85
CA TYR A 206 1.10 27.71 -5.53
C TYR A 206 1.64 26.28 -5.43
N ASN A 207 0.71 25.32 -5.39
CA ASN A 207 1.02 23.92 -5.63
C ASN A 207 0.28 23.48 -6.88
N LEU A 208 0.93 22.70 -7.73
CA LEU A 208 0.35 22.31 -9.01
C LEU A 208 0.25 20.80 -9.18
N ILE A 209 -0.96 20.32 -9.43
CA ILE A 209 -1.17 18.92 -9.77
C ILE A 209 -1.37 18.76 -11.27
N ASN A 210 -0.39 18.14 -11.92
CA ASN A 210 -0.45 17.90 -13.35
C ASN A 210 -1.49 16.83 -13.65
N ILE A 211 -2.69 17.26 -14.04
CA ILE A 211 -3.78 16.32 -14.28
C ILE A 211 -3.89 15.85 -15.73
N GLN A 212 -3.41 16.65 -16.69
CA GLN A 212 -3.47 16.18 -18.08
C GLN A 212 -2.30 16.65 -18.95
N GLN A 213 -1.89 15.81 -19.89
CA GLN A 213 -0.81 16.18 -20.83
C GLN A 213 -1.19 15.87 -22.27
N ASN A 214 -0.38 16.40 -23.19
CA ASN A 214 -0.49 16.10 -24.62
C ASN A 214 -1.85 16.43 -25.23
N LEU A 215 -2.47 17.50 -24.72
CA LEU A 215 -3.77 17.92 -25.23
C LEU A 215 -3.62 18.74 -26.51
N HIS A 216 -3.97 18.13 -27.64
CA HIS A 216 -3.91 18.82 -28.93
C HIS A 216 -5.10 19.76 -29.08
N LEU A 217 -4.82 21.06 -29.07
CA LEU A 217 -5.84 22.08 -28.93
C LEU A 217 -6.59 22.46 -30.21
N LEU A 218 -5.90 22.43 -31.35
CA LEU A 218 -6.51 22.85 -32.61
C LEU A 218 -7.73 22.03 -32.97
N ASN A 219 -8.89 22.66 -32.86
CA ASN A 219 -10.17 22.01 -33.12
C ASN A 219 -10.39 20.76 -32.27
N ASN A 220 -9.98 20.82 -31.01
CA ASN A 220 -10.20 19.73 -30.07
C ASN A 220 -11.69 19.60 -29.77
N THR A 221 -12.20 18.38 -29.90
CA THR A 221 -13.63 18.13 -29.72
C THR A 221 -13.91 17.41 -28.40
N ASN A 222 -12.86 17.09 -27.67
CA ASN A 222 -13.00 16.41 -26.39
C ASN A 222 -13.22 17.37 -25.23
N SER A 223 -14.18 17.05 -24.38
CA SER A 223 -14.48 17.88 -23.21
C SER A 223 -13.77 17.31 -21.99
N ILE A 224 -13.59 18.15 -20.98
CA ILE A 224 -13.02 17.72 -19.71
C ILE A 224 -13.92 18.16 -18.56
N ARG A 225 -14.24 17.23 -17.67
CA ARG A 225 -15.03 17.58 -16.50
C ARG A 225 -14.14 18.10 -15.38
N LEU A 226 -14.36 19.35 -15.01
CA LEU A 226 -13.57 19.98 -13.95
C LEU A 226 -14.44 20.49 -12.82
N LEU A 227 -13.88 20.56 -11.62
CA LEU A 227 -14.63 20.92 -10.43
C LEU A 227 -15.02 22.40 -10.41
N ASN A 228 -16.31 22.64 -10.19
CA ASN A 228 -16.82 24.00 -10.03
C ASN A 228 -16.11 24.75 -8.92
N GLY A 229 -15.71 25.99 -9.19
CA GLY A 229 -15.07 26.81 -8.19
C GLY A 229 -13.61 26.46 -7.93
N ALA A 230 -13.09 25.51 -8.71
CA ALA A 230 -11.68 25.14 -8.59
C ALA A 230 -10.84 25.95 -9.57
N ILE A 231 -9.56 26.10 -9.25
CA ILE A 231 -8.64 26.86 -10.11
C ILE A 231 -7.75 25.94 -10.93
N TYR A 232 -7.60 26.27 -12.20
CA TYR A 232 -6.78 25.47 -13.11
C TYR A 232 -5.84 26.33 -13.94
N ILE A 233 -4.76 25.72 -14.40
CA ILE A 233 -3.83 26.40 -15.31
C ILE A 233 -3.56 25.56 -16.54
N LEU A 234 -3.80 26.13 -17.71
CA LEU A 234 -3.49 25.49 -18.99
C LEU A 234 -2.21 26.08 -19.59
N LYS A 235 -1.16 25.27 -19.67
CA LYS A 235 0.09 25.70 -20.28
C LYS A 235 0.12 25.21 -21.72
N VAL A 236 0.26 26.13 -22.66
CA VAL A 236 0.19 25.79 -24.07
C VAL A 236 1.54 25.98 -24.78
N GLU A 237 1.99 24.92 -25.45
CA GLU A 237 3.17 25.01 -26.31
C GLU A 237 2.76 25.14 -27.76
N VAL A 238 3.05 26.29 -28.36
CA VAL A 238 2.76 26.49 -29.77
C VAL A 238 3.59 25.54 -30.61
N THR A 239 2.93 24.75 -31.45
CA THR A 239 3.62 23.80 -32.31
C THR A 239 3.44 24.15 -33.79
N GLU A 240 2.55 25.10 -34.06
CA GLU A 240 2.29 25.53 -35.43
C GLU A 240 1.71 26.93 -35.47
N LEU A 241 2.49 27.87 -36.01
CA LEU A 241 2.10 29.27 -36.06
C LEU A 241 1.41 29.59 -37.38
N ASN A 242 0.09 29.52 -37.41
CA ASN A 242 -0.69 29.79 -38.61
C ASN A 242 -1.36 31.16 -38.58
N ASN A 243 -1.26 31.83 -37.44
CA ASN A 243 -1.86 33.14 -37.26
C ASN A 243 -1.01 33.94 -36.28
N TYR A 244 -0.94 35.25 -36.50
CA TYR A 244 -0.17 36.12 -35.61
C TYR A 244 -0.68 36.03 -34.19
N ASN A 245 -1.99 35.84 -34.05
CA ASN A 245 -2.61 35.71 -32.74
C ASN A 245 -2.95 34.27 -32.39
N ILE A 246 -2.94 33.97 -31.10
CA ILE A 246 -3.49 32.74 -30.58
C ILE A 246 -4.78 33.06 -29.84
N ARG A 247 -5.84 32.33 -30.17
CA ARG A 247 -7.14 32.53 -29.55
C ARG A 247 -7.59 31.26 -28.83
N LEU A 248 -7.58 31.30 -27.51
CA LEU A 248 -8.00 30.17 -26.71
C LEU A 248 -9.48 30.23 -26.34
N HIS A 249 -10.23 29.19 -26.73
CA HIS A 249 -11.63 29.06 -26.39
C HIS A 249 -11.82 28.17 -25.16
N ILE A 250 -12.62 28.65 -24.23
CA ILE A 250 -13.03 27.87 -23.07
C ILE A 250 -14.55 27.85 -23.05
N ASP A 251 -15.16 26.85 -23.69
CA ASP A 251 -16.61 26.76 -23.71
C ASP A 251 -17.11 25.87 -22.57
N ILE A 252 -18.03 26.39 -21.77
CA ILE A 252 -18.49 25.68 -20.58
C ILE A 252 -19.94 25.23 -20.70
N THR A 253 -20.17 23.94 -20.46
CA THR A 253 -21.53 23.41 -20.38
C THR A 253 -21.71 22.66 -19.07
N ASN A 254 -22.96 22.33 -18.73
CA ASN A 254 -23.24 21.64 -17.48
C ASN A 254 -24.11 20.40 -17.70
N GLU B 5 -3.53 43.20 3.20
CA GLU B 5 -2.66 43.35 2.04
C GLU B 5 -2.13 42.00 1.59
N ARG B 6 -2.07 41.05 2.52
CA ARG B 6 -1.82 39.66 2.18
C ARG B 6 -3.11 39.09 1.62
N THR B 7 -3.06 38.48 0.45
CA THR B 7 -4.25 37.95 -0.19
C THR B 7 -4.61 36.57 0.37
N PHE B 8 -3.59 35.85 0.84
CA PHE B 8 -3.81 34.52 1.40
C PHE B 8 -4.28 34.59 2.85
N LEU B 9 -5.59 34.44 3.04
CA LEU B 9 -6.20 34.38 4.37
C LEU B 9 -5.81 35.56 5.27
N PRO B 10 -6.29 36.77 4.92
CA PRO B 10 -5.94 37.96 5.71
C PRO B 10 -6.55 37.91 7.11
N ASN B 11 -5.84 38.49 8.08
CA ASN B 11 -6.28 38.50 9.48
C ASN B 11 -7.68 39.05 9.67
N GLY B 12 -8.39 38.53 10.66
CA GLY B 12 -9.71 39.05 10.98
C GLY B 12 -10.73 38.01 11.37
N ASN B 13 -11.98 38.44 11.54
CA ASN B 13 -13.04 37.54 11.97
C ASN B 13 -13.69 36.79 10.82
N TYR B 14 -13.87 35.48 11.02
CA TYR B 14 -14.41 34.61 9.97
C TYR B 14 -15.54 33.73 10.50
N ASN B 15 -16.37 33.26 9.57
CA ASN B 15 -17.24 32.12 9.80
C ASN B 15 -16.54 30.88 9.29
N ILE B 16 -16.75 29.75 9.97
CA ILE B 16 -16.15 28.49 9.55
C ILE B 16 -17.24 27.47 9.27
N LYS B 17 -17.30 27.01 8.03
CA LYS B 17 -18.33 26.07 7.61
C LYS B 17 -17.71 24.82 6.98
N SER B 18 -18.50 23.76 6.88
CA SER B 18 -18.12 22.59 6.10
C SER B 18 -18.71 22.76 4.71
N ILE B 19 -18.09 22.17 3.71
CA ILE B 19 -18.59 22.28 2.34
C ILE B 19 -19.87 21.47 2.14
N PHE B 20 -20.22 20.66 3.14
CA PHE B 20 -21.45 19.89 3.09
C PHE B 20 -22.68 20.78 3.26
N SER B 21 -22.49 21.94 3.90
CA SER B 21 -23.60 22.84 4.17
C SER B 21 -23.16 24.31 4.29
N GLY B 22 -23.91 25.20 3.65
CA GLY B 22 -23.61 26.62 3.72
C GLY B 22 -24.43 27.34 4.77
N SER B 23 -25.10 26.59 5.63
CA SER B 23 -25.93 27.18 6.68
C SER B 23 -25.59 26.67 8.08
N LEU B 24 -24.58 25.80 8.18
CA LEU B 24 -24.12 25.31 9.47
C LEU B 24 -22.76 25.89 9.83
N TYR B 25 -22.68 26.45 11.03
CA TYR B 25 -21.55 27.26 11.46
C TYR B 25 -20.82 26.61 12.63
N LEU B 26 -19.49 26.59 12.58
CA LEU B 26 -18.70 26.00 13.64
C LEU B 26 -18.80 26.80 14.94
N ASN B 27 -19.05 26.09 16.03
CA ASN B 27 -19.07 26.68 17.36
C ASN B 27 -18.78 25.64 18.44
N PRO B 28 -18.32 26.10 19.62
CA PRO B 28 -18.08 25.18 20.74
C PRO B 28 -19.36 24.78 21.44
N VAL B 29 -19.53 23.47 21.67
CA VAL B 29 -20.65 22.97 22.44
C VAL B 29 -20.16 21.88 23.39
N SER B 30 -20.07 22.22 24.67
CA SER B 30 -19.64 21.28 25.71
C SER B 30 -18.32 20.59 25.37
N LYS B 31 -17.24 21.37 25.37
CA LYS B 31 -15.88 20.87 25.14
C LYS B 31 -15.58 20.45 23.68
N SER B 32 -16.61 20.02 22.96
CA SER B 32 -16.42 19.62 21.55
C SER B 32 -16.85 20.74 20.59
N LEU B 33 -16.27 20.71 19.39
CA LEU B 33 -16.60 21.66 18.34
C LEU B 33 -17.60 21.04 17.38
N THR B 34 -18.63 21.78 16.98
CA THR B 34 -19.64 21.23 16.09
C THR B 34 -20.28 22.30 15.20
N PHE B 35 -20.94 21.87 14.13
CA PHE B 35 -21.58 22.80 13.20
C PHE B 35 -23.08 22.94 13.47
N SER B 36 -23.50 24.13 13.87
CA SER B 36 -24.86 24.37 14.33
C SER B 36 -25.55 25.47 13.53
N ASN B 37 -26.87 25.56 13.66
CA ASN B 37 -27.65 26.60 12.97
C ASN B 37 -27.12 28.00 13.25
N GLU B 38 -27.29 28.90 12.28
CA GLU B 38 -26.80 30.27 12.40
C GLU B 38 -27.35 30.93 13.65
N SER B 39 -26.46 31.51 14.45
CA SER B 39 -26.82 32.05 15.75
C SER B 39 -26.79 33.56 15.79
N SER B 40 -26.02 34.15 14.88
CA SER B 40 -25.72 35.58 14.90
C SER B 40 -25.11 35.97 16.24
N ALA B 41 -24.36 35.03 16.81
CA ALA B 41 -23.73 35.22 18.11
C ALA B 41 -22.20 35.14 17.99
N ASN B 42 -21.52 35.63 19.01
CA ASN B 42 -20.06 35.72 18.99
C ASN B 42 -19.32 34.37 18.96
N ASN B 43 -19.98 33.31 19.39
CA ASN B 43 -19.31 32.01 19.48
C ASN B 43 -19.17 31.31 18.13
N GLN B 44 -19.80 31.88 17.09
CA GLN B 44 -19.66 31.36 15.74
C GLN B 44 -18.72 32.23 14.91
N LYS B 45 -18.13 33.23 15.56
CA LYS B 45 -17.16 34.09 14.90
C LYS B 45 -15.76 33.68 15.31
N TRP B 46 -14.84 33.67 14.36
CA TRP B 46 -13.48 33.21 14.62
C TRP B 46 -12.40 34.18 14.15
N ASN B 47 -11.59 34.63 15.10
CA ASN B 47 -10.47 35.52 14.81
C ASN B 47 -9.26 34.74 14.31
N VAL B 48 -8.99 34.87 13.01
CA VAL B 48 -7.83 34.24 12.39
C VAL B 48 -6.65 35.22 12.36
N GLU B 49 -5.52 34.77 12.87
CA GLU B 49 -4.31 35.58 12.90
C GLU B 49 -3.10 34.79 12.40
N TYR B 50 -2.39 35.38 11.44
CA TYR B 50 -1.16 34.78 10.93
C TYR B 50 -0.01 35.04 11.88
N MET B 51 0.82 34.03 12.08
CA MET B 51 2.04 34.17 12.88
C MET B 51 3.27 34.05 11.99
N ALA B 52 3.96 35.17 11.78
CA ALA B 52 5.11 35.21 10.88
C ALA B 52 6.24 34.30 11.34
N GLU B 53 6.47 34.25 12.65
CA GLU B 53 7.57 33.47 13.22
C GLU B 53 7.45 31.97 12.96
N ASN B 54 6.21 31.50 12.88
CA ASN B 54 5.97 30.07 12.64
C ASN B 54 5.43 29.79 11.24
N ARG B 55 5.12 30.87 10.52
CA ARG B 55 4.53 30.77 9.18
C ARG B 55 3.25 29.94 9.17
N CYS B 56 2.45 30.08 10.22
CA CYS B 56 1.18 29.36 10.32
C CYS B 56 0.12 30.28 10.88
N PHE B 57 -1.06 29.71 11.18
CA PHE B 57 -2.19 30.50 11.64
C PHE B 57 -2.72 30.01 12.98
N LYS B 58 -3.13 30.95 13.83
CA LYS B 58 -3.87 30.61 15.03
C LYS B 58 -5.27 31.22 14.96
N ILE B 59 -6.25 30.47 15.47
CA ILE B 59 -7.65 30.84 15.34
C ILE B 59 -8.34 30.81 16.69
N SER B 60 -8.82 31.96 17.13
CA SER B 60 -9.48 32.05 18.43
C SER B 60 -10.98 32.30 18.29
N ASN B 61 -11.74 31.92 19.32
CA ASN B 61 -13.16 32.24 19.38
C ASN B 61 -13.35 33.66 19.89
N VAL B 62 -14.20 34.46 19.25
CA VAL B 62 -14.32 35.86 19.65
C VAL B 62 -15.15 36.04 20.92
N ALA B 63 -15.98 35.06 21.23
CA ALA B 63 -16.73 35.08 22.49
C ALA B 63 -15.81 34.71 23.64
N GLU B 64 -14.83 33.85 23.35
CA GLU B 64 -13.80 33.48 24.31
C GLU B 64 -12.43 33.72 23.70
N PRO B 65 -11.97 34.98 23.69
CA PRO B 65 -10.76 35.44 22.97
C PRO B 65 -9.48 34.72 23.35
N ASN B 66 -9.42 34.16 24.55
CA ASN B 66 -8.22 33.47 25.01
C ASN B 66 -8.22 32.00 24.59
N LYS B 67 -9.33 31.56 24.00
CA LYS B 67 -9.49 30.17 23.59
C LYS B 67 -9.19 29.98 22.11
N TYR B 68 -8.26 29.07 21.81
CA TYR B 68 -7.88 28.79 20.43
C TYR B 68 -8.28 27.37 20.01
N LEU B 69 -8.47 27.20 18.70
CA LEU B 69 -8.70 25.89 18.12
C LEU B 69 -7.46 25.03 18.28
N SER B 70 -7.61 23.95 19.04
CA SER B 70 -6.51 23.05 19.34
C SER B 70 -6.99 21.61 19.14
N TYR B 71 -6.28 20.66 19.73
CA TYR B 71 -6.74 19.28 19.73
C TYR B 71 -6.28 18.54 20.99
N ASP B 72 -7.08 17.58 21.45
CA ASP B 72 -6.72 16.81 22.63
C ASP B 72 -5.95 15.54 22.26
N ASN B 73 -5.83 14.62 23.21
CA ASN B 73 -5.03 13.41 23.01
C ASN B 73 -5.80 12.26 22.36
N PHE B 74 -7.01 12.54 21.88
CA PHE B 74 -7.85 11.50 21.30
C PHE B 74 -8.35 11.84 19.90
N GLY B 75 -7.81 12.91 19.31
CA GLY B 75 -8.15 13.27 17.95
C GLY B 75 -9.34 14.20 17.81
N PHE B 76 -9.72 14.84 18.91
CA PHE B 76 -10.84 15.78 18.90
C PHE B 76 -10.33 17.21 18.86
N ILE B 77 -10.90 18.02 17.97
CA ILE B 77 -10.61 19.45 17.97
C ILE B 77 -11.23 20.05 19.23
N SER B 78 -10.45 20.86 19.93
CA SER B 78 -10.90 21.46 21.18
C SER B 78 -10.72 22.97 21.19
N LEU B 79 -11.18 23.60 22.27
CA LEU B 79 -10.84 24.99 22.56
C LEU B 79 -9.94 25.00 23.77
N ASP B 80 -8.75 25.59 23.64
CA ASP B 80 -7.79 25.54 24.73
C ASP B 80 -6.87 26.75 24.74
N SER B 81 -6.13 26.93 25.82
CA SER B 81 -5.15 28.01 25.91
C SER B 81 -4.07 27.80 24.85
N LEU B 82 -3.41 28.88 24.47
CA LEU B 82 -2.46 28.86 23.37
C LEU B 82 -1.30 27.89 23.58
N SER B 83 -1.07 27.03 22.60
CA SER B 83 0.05 26.09 22.62
C SER B 83 0.42 25.71 21.19
N ASN B 84 1.35 24.78 21.03
CA ASN B 84 1.82 24.38 19.70
C ASN B 84 0.79 23.54 18.96
N ARG B 85 -0.26 23.12 19.65
CA ARG B 85 -1.32 22.34 19.06
C ARG B 85 -2.33 23.26 18.37
N CYS B 86 -2.19 24.57 18.61
CA CYS B 86 -3.11 25.56 18.06
C CYS B 86 -2.65 26.09 16.70
N TYR B 87 -1.51 25.59 16.22
CA TYR B 87 -0.90 26.10 14.99
C TYR B 87 -1.43 25.40 13.75
N TRP B 88 -1.95 26.18 12.80
CA TRP B 88 -2.55 25.60 11.60
C TRP B 88 -1.92 26.07 10.29
N PHE B 89 -1.79 25.13 9.38
CA PHE B 89 -1.22 25.33 8.05
C PHE B 89 -2.31 25.05 7.03
N PRO B 90 -2.98 26.11 6.56
CA PRO B 90 -4.11 26.00 5.63
C PRO B 90 -3.67 25.75 4.19
N ILE B 91 -4.50 25.03 3.44
CA ILE B 91 -4.28 24.79 2.02
C ILE B 91 -5.54 25.20 1.25
N LYS B 92 -5.42 26.24 0.43
CA LYS B 92 -6.55 26.74 -0.34
C LYS B 92 -6.71 25.93 -1.62
N ILE B 93 -7.86 25.27 -1.76
CA ILE B 93 -8.11 24.40 -2.89
C ILE B 93 -9.24 24.91 -3.77
N ALA B 94 -9.86 26.01 -3.33
CA ALA B 94 -10.94 26.66 -4.07
C ALA B 94 -11.17 28.05 -3.49
N VAL B 95 -12.13 28.78 -4.07
CA VAL B 95 -12.38 30.19 -3.75
C VAL B 95 -12.24 30.57 -2.27
N ASN B 96 -13.02 29.92 -1.41
CA ASN B 96 -12.93 30.13 0.02
C ASN B 96 -12.77 28.83 0.79
N THR B 97 -12.29 27.80 0.12
CA THR B 97 -12.23 26.46 0.68
C THR B 97 -10.82 26.07 1.11
N TYR B 98 -10.70 25.54 2.32
CA TYR B 98 -9.40 25.21 2.89
C TYR B 98 -9.34 23.80 3.48
N ILE B 99 -8.17 23.18 3.39
CA ILE B 99 -7.85 22.00 4.20
C ILE B 99 -6.87 22.44 5.26
N MET B 100 -7.26 22.33 6.53
CA MET B 100 -6.46 22.85 7.63
C MET B 100 -5.58 21.76 8.22
N LEU B 101 -4.27 21.82 7.93
CA LEU B 101 -3.33 20.83 8.45
C LEU B 101 -2.78 21.29 9.79
N SER B 102 -2.50 20.35 10.68
CA SER B 102 -1.82 20.69 11.92
C SER B 102 -0.35 20.94 11.60
N LEU B 103 0.27 21.87 12.31
CA LEU B 103 1.69 22.14 12.11
C LEU B 103 2.49 20.95 12.60
N ASN B 104 1.94 20.25 13.59
CA ASN B 104 2.56 19.05 14.14
C ASN B 104 2.30 17.80 13.31
N LYS B 105 3.37 17.04 13.04
CA LYS B 105 3.26 15.80 12.31
C LYS B 105 3.58 14.63 13.24
N VAL B 106 2.68 13.65 13.30
CA VAL B 106 2.97 12.38 13.96
C VAL B 106 3.01 11.31 12.89
N ASN B 107 3.87 10.31 13.08
CA ASN B 107 4.39 9.49 11.99
C ASN B 107 5.08 10.43 11.00
N GLU B 108 4.97 10.13 9.71
CA GLU B 108 5.29 11.13 8.70
C GLU B 108 3.98 11.54 8.04
N LEU B 109 2.94 11.60 8.86
CA LEU B 109 1.58 11.90 8.39
C LEU B 109 1.15 13.31 8.72
N ASP B 110 0.43 13.93 7.80
CA ASP B 110 -0.24 15.18 8.07
C ASP B 110 -1.64 14.89 8.61
N TYR B 111 -2.11 15.76 9.50
CA TYR B 111 -3.44 15.60 10.06
C TYR B 111 -4.28 16.85 9.79
N ALA B 112 -5.55 16.64 9.47
CA ALA B 112 -6.44 17.74 9.10
C ALA B 112 -7.76 17.67 9.87
N TRP B 113 -8.42 18.83 9.95
CA TRP B 113 -9.78 18.90 10.45
C TRP B 113 -10.62 17.95 9.62
N ASP B 114 -11.50 17.21 10.28
CA ASP B 114 -12.33 16.23 9.58
C ASP B 114 -13.70 16.17 10.23
N ILE B 115 -14.74 16.23 9.40
CA ILE B 115 -16.10 16.18 9.90
C ILE B 115 -16.87 15.00 9.31
N TYR B 116 -17.47 14.19 10.16
CA TYR B 116 -18.28 13.06 9.71
C TYR B 116 -19.52 13.56 8.98
N ASP B 117 -20.04 12.75 8.07
CA ASP B 117 -21.27 13.08 7.39
C ASP B 117 -22.21 11.88 7.29
N THR B 118 -23.50 12.13 7.46
CA THR B 118 -24.53 11.12 7.23
C THR B 118 -25.30 11.54 5.98
N ASN B 119 -24.86 11.04 4.83
CA ASN B 119 -25.36 11.51 3.54
C ASN B 119 -25.34 13.03 3.46
N GLU B 120 -24.16 13.59 3.67
CA GLU B 120 -23.92 15.03 3.60
C GLU B 120 -24.59 15.83 4.73
N ASN B 121 -25.13 15.13 5.72
CA ASN B 121 -25.62 15.78 6.93
C ASN B 121 -24.59 15.66 8.04
N ILE B 122 -24.21 16.80 8.62
CA ILE B 122 -23.14 16.83 9.61
C ILE B 122 -23.61 17.27 10.99
N LEU B 123 -24.92 17.43 11.14
CA LEU B 123 -25.50 17.86 12.41
C LEU B 123 -25.14 16.89 13.54
N SER B 124 -24.73 17.45 14.67
CA SER B 124 -24.35 16.70 15.89
C SER B 124 -22.98 15.99 15.81
N GLN B 125 -22.38 15.93 14.62
CA GLN B 125 -21.07 15.32 14.48
C GLN B 125 -19.98 16.24 15.01
N PRO B 126 -19.02 15.67 15.76
CA PRO B 126 -17.92 16.45 16.36
C PRO B 126 -16.75 16.62 15.41
N LEU B 127 -16.02 17.73 15.55
CA LEU B 127 -14.87 18.02 14.70
C LEU B 127 -13.66 17.22 15.15
N LEU B 128 -13.09 16.44 14.24
CA LEU B 128 -11.96 15.58 14.58
C LEU B 128 -10.66 16.01 13.90
N LEU B 129 -9.56 15.42 14.33
CA LEU B 129 -8.27 15.61 13.68
C LEU B 129 -7.80 14.26 13.15
N LEU B 130 -7.90 14.08 11.83
CA LEU B 130 -7.67 12.77 11.22
C LEU B 130 -6.61 12.81 10.13
N PRO B 131 -6.00 11.66 9.81
CA PRO B 131 -4.96 11.59 8.77
C PRO B 131 -5.42 12.18 7.43
N ASN B 132 -4.51 12.88 6.75
CA ASN B 132 -4.79 13.49 5.47
C ASN B 132 -3.90 12.92 4.38
N PHE B 133 -4.51 12.46 3.29
CA PHE B 133 -3.78 11.76 2.24
C PHE B 133 -3.76 12.49 0.91
N ASP B 134 -4.84 13.22 0.61
CA ASP B 134 -4.92 13.98 -0.63
C ASP B 134 -5.76 15.25 -0.47
N ILE B 135 -6.09 15.88 -1.58
CA ILE B 135 -6.90 17.09 -1.56
C ILE B 135 -8.29 16.82 -2.10
N TYR B 136 -8.76 15.59 -1.92
CA TYR B 136 -10.03 15.17 -2.52
C TYR B 136 -11.05 14.64 -1.53
N ASN B 137 -10.72 14.69 -0.24
CA ASN B 137 -11.63 14.22 0.80
C ASN B 137 -12.58 15.33 1.27
N SER B 138 -13.85 15.20 0.92
CA SER B 138 -14.86 16.23 1.19
C SER B 138 -15.00 16.54 2.68
N ASN B 139 -14.73 15.55 3.52
CA ASN B 139 -14.87 15.71 4.96
C ASN B 139 -13.76 16.56 5.57
N GLN B 140 -12.75 16.88 4.78
CA GLN B 140 -11.61 17.66 5.25
C GLN B 140 -11.55 19.05 4.62
N MET B 141 -12.63 19.44 3.95
CA MET B 141 -12.70 20.73 3.28
C MET B 141 -13.60 21.69 4.01
N PHE B 142 -13.09 22.90 4.27
CA PHE B 142 -13.83 23.87 5.05
C PHE B 142 -13.78 25.27 4.46
N LYS B 143 -14.90 25.98 4.56
CA LYS B 143 -14.98 27.34 4.07
C LYS B 143 -14.76 28.35 5.18
N LEU B 144 -13.81 29.26 4.98
CA LEU B 144 -13.56 30.34 5.92
C LEU B 144 -14.00 31.64 5.28
N GLU B 145 -15.15 32.15 5.71
CA GLU B 145 -15.74 33.32 5.07
C GLU B 145 -15.61 34.58 5.93
N LYS B 146 -14.95 35.58 5.39
CA LYS B 146 -14.75 36.85 6.09
C LYS B 146 -16.10 37.50 6.42
N ILE B 147 -16.16 38.19 7.56
CA ILE B 147 -17.38 38.89 7.97
C ILE B 147 -17.09 40.31 8.45
N GLU C 8 35.95 10.62 -58.09
CA GLU C 8 36.35 10.89 -56.72
C GLU C 8 36.20 12.38 -56.38
N ASN C 9 34.97 12.82 -56.17
CA ASN C 9 34.70 14.21 -55.82
C ASN C 9 34.93 14.51 -54.36
N ILE C 10 35.99 15.27 -54.07
CA ILE C 10 36.24 15.72 -52.71
C ILE C 10 35.23 16.76 -52.28
N GLN C 11 34.48 16.46 -51.22
CA GLN C 11 33.55 17.44 -50.67
C GLN C 11 34.19 18.05 -49.43
N GLU C 12 33.62 19.15 -48.94
CA GLU C 12 34.21 19.84 -47.79
C GLU C 12 33.20 20.40 -46.80
N ILE C 13 33.42 20.09 -45.52
CA ILE C 13 32.70 20.76 -44.44
C ILE C 13 33.47 22.03 -44.10
N ASN C 14 33.03 23.14 -44.68
CA ASN C 14 33.75 24.41 -44.54
C ASN C 14 33.82 24.90 -43.09
N THR C 15 32.73 24.74 -42.35
CA THR C 15 32.68 25.16 -40.96
C THR C 15 33.33 24.12 -40.05
N ALA C 16 34.21 24.59 -39.17
CA ALA C 16 34.82 23.72 -38.18
C ALA C 16 33.74 23.21 -37.23
N ILE C 17 33.65 21.89 -37.10
CA ILE C 17 32.57 21.26 -36.35
C ILE C 17 32.88 21.15 -34.86
N SER C 18 31.84 21.04 -34.05
CA SER C 18 32.00 20.96 -32.60
C SER C 18 30.96 20.05 -31.96
N ASP C 19 31.41 19.17 -31.08
CA ASP C 19 30.55 18.29 -30.30
C ASP C 19 29.63 17.37 -31.11
N ASN C 20 28.69 17.97 -31.83
CA ASN C 20 27.78 17.20 -32.68
C ASN C 20 27.73 17.72 -34.10
N TYR C 21 27.71 16.81 -35.07
CA TYR C 21 27.51 17.21 -36.47
C TYR C 21 26.93 16.08 -37.31
N THR C 22 26.06 16.44 -38.24
CA THR C 22 25.47 15.48 -39.16
C THR C 22 25.63 15.94 -40.60
N TYR C 23 26.34 15.15 -41.39
CA TYR C 23 26.55 15.46 -42.80
C TYR C 23 25.73 14.50 -43.65
N ASN C 24 25.24 14.98 -44.80
CA ASN C 24 24.42 14.15 -45.67
C ASN C 24 25.09 13.77 -46.98
N ILE C 25 25.22 12.47 -47.22
CA ILE C 25 25.70 11.99 -48.52
C ILE C 25 24.63 12.32 -49.55
N PRO C 26 25.02 13.06 -50.60
CA PRO C 26 24.09 13.55 -51.63
C PRO C 26 23.27 12.44 -52.26
N GLY C 27 23.89 11.29 -52.47
CA GLY C 27 23.23 10.17 -53.14
C GLY C 27 23.72 10.06 -54.57
N ILE C 28 24.09 11.20 -55.14
CA ILE C 28 24.62 11.23 -56.51
C ILE C 28 26.15 11.08 -56.48
N VAL C 29 26.69 10.67 -55.34
CA VAL C 29 28.11 10.39 -55.22
C VAL C 29 28.30 8.98 -54.72
N ASN C 30 27.20 8.22 -54.70
CA ASN C 30 27.20 6.87 -54.16
C ASN C 30 27.87 5.84 -55.06
N ASN C 31 27.94 6.13 -56.35
CA ASN C 31 28.51 5.19 -57.31
C ASN C 31 30.03 5.30 -57.41
N ASN C 32 30.63 6.11 -56.54
CA ASN C 32 32.07 6.30 -56.55
C ASN C 32 32.65 6.44 -55.14
N PRO C 33 33.91 6.01 -54.96
CA PRO C 33 34.67 6.33 -53.74
C PRO C 33 34.73 7.85 -53.62
N PHE C 34 34.46 8.37 -52.42
CA PHE C 34 34.29 9.81 -52.29
C PHE C 34 34.71 10.34 -50.92
N TYR C 35 35.28 11.54 -50.89
CA TYR C 35 35.93 12.06 -49.68
C TYR C 35 35.23 13.24 -49.02
N ILE C 36 35.48 13.38 -47.73
CA ILE C 36 34.97 14.53 -46.96
C ILE C 36 36.10 15.20 -46.18
N LEU C 37 36.39 16.45 -46.54
CA LEU C 37 37.41 17.23 -45.86
C LEU C 37 36.78 18.05 -44.74
N PHE C 38 37.36 17.97 -43.54
CA PHE C 38 36.83 18.69 -42.39
C PHE C 38 37.88 18.99 -41.33
N THR C 39 37.48 19.79 -40.35
CA THR C 39 38.31 20.14 -39.22
C THR C 39 37.41 20.35 -38.00
N VAL C 40 37.98 20.22 -36.80
CA VAL C 40 37.20 20.34 -35.59
C VAL C 40 37.42 21.68 -34.87
N ASN C 41 36.39 22.15 -34.18
CA ASN C 41 36.44 23.42 -33.47
C ASN C 41 37.39 23.36 -32.27
N THR C 42 37.48 22.18 -31.65
CA THR C 42 38.33 21.99 -30.50
C THR C 42 38.97 20.60 -30.50
N THR C 43 40.16 20.50 -29.93
CA THR C 43 40.87 19.23 -29.83
C THR C 43 40.12 18.28 -28.91
N GLY C 44 40.01 17.02 -29.32
CA GLY C 44 39.31 16.03 -28.50
C GLY C 44 39.02 14.72 -29.22
N ILE C 45 38.47 13.76 -28.48
CA ILE C 45 38.15 12.46 -29.05
C ILE C 45 36.77 12.44 -29.68
N TYR C 46 36.70 11.99 -30.94
CA TYR C 46 35.45 11.96 -31.68
C TYR C 46 35.08 10.57 -32.19
N LYS C 47 33.80 10.27 -32.11
CA LYS C 47 33.21 9.09 -32.72
C LYS C 47 32.61 9.47 -34.06
N ILE C 48 32.99 8.76 -35.11
CA ILE C 48 32.55 9.08 -36.45
C ILE C 48 31.97 7.84 -37.12
N ASN C 49 30.77 7.95 -37.68
CA ASN C 49 30.15 6.78 -38.28
C ASN C 49 29.10 7.07 -39.34
N ALA C 50 28.84 6.09 -40.21
CA ALA C 50 27.70 6.18 -41.10
C ALA C 50 26.43 5.84 -40.31
N GLN C 51 25.29 5.83 -40.98
CA GLN C 51 24.00 5.73 -40.30
C GLN C 51 23.88 4.52 -39.38
N ASN C 52 23.80 3.33 -39.96
CA ASN C 52 23.79 2.10 -39.17
C ASN C 52 25.18 1.51 -39.10
N ASN C 53 26.17 2.39 -38.93
CA ASN C 53 27.58 2.02 -38.98
C ASN C 53 27.94 1.35 -40.30
N LEU C 54 27.22 1.72 -41.35
CA LEU C 54 27.39 1.11 -42.65
C LEU C 54 27.32 2.21 -43.72
N PRO C 55 28.36 2.30 -44.57
CA PRO C 55 29.54 1.42 -44.63
C PRO C 55 30.65 1.83 -43.67
N SER C 56 31.74 1.06 -43.68
CA SER C 56 32.91 1.36 -42.86
C SER C 56 33.72 2.51 -43.46
N LEU C 57 34.22 3.39 -42.60
CA LEU C 57 34.95 4.56 -43.05
C LEU C 57 36.44 4.49 -42.69
N LYS C 58 37.25 5.21 -43.46
CA LYS C 58 38.67 5.38 -43.14
C LYS C 58 38.91 6.87 -42.90
N ILE C 59 39.85 7.19 -42.02
CA ILE C 59 40.16 8.60 -41.76
C ILE C 59 41.64 8.91 -41.95
N TYR C 60 41.91 10.07 -42.54
CA TYR C 60 43.27 10.48 -42.86
C TYR C 60 43.62 11.83 -42.23
N GLU C 61 44.88 11.99 -41.88
CA GLU C 61 45.39 13.22 -41.29
C GLU C 61 46.13 14.03 -42.35
N ALA C 62 45.78 15.31 -42.48
CA ALA C 62 46.37 16.16 -43.52
C ALA C 62 47.07 17.39 -42.94
N ILE C 63 48.33 17.56 -43.33
CA ILE C 63 49.16 18.66 -42.89
C ILE C 63 49.28 19.68 -44.02
N GLY C 64 48.94 20.93 -43.75
CA GLY C 64 49.01 21.98 -44.76
C GLY C 64 50.23 22.87 -44.58
N ASP C 79 50.14 23.09 -51.71
CA ASP C 79 49.95 23.75 -50.42
C ASP C 79 49.88 22.68 -49.33
N ILE C 80 49.89 21.42 -49.75
CA ILE C 80 49.85 20.30 -48.81
C ILE C 80 51.21 19.60 -48.70
N LYS C 81 51.53 19.17 -47.48
CA LYS C 81 52.85 18.64 -47.16
C LYS C 81 52.83 17.14 -46.87
N ALA C 82 51.84 16.69 -46.10
CA ALA C 82 51.78 15.29 -45.70
C ALA C 82 50.34 14.79 -45.58
N ILE C 83 50.16 13.50 -45.86
CA ILE C 83 48.88 12.83 -45.66
C ILE C 83 49.13 11.54 -44.91
N ASN C 84 48.44 11.35 -43.80
CA ASN C 84 48.66 10.17 -42.96
C ASN C 84 47.38 9.40 -42.63
N TYR C 85 47.40 8.11 -42.93
CA TYR C 85 46.32 7.22 -42.54
C TYR C 85 46.29 7.10 -41.02
N ILE C 86 45.10 7.22 -40.44
CA ILE C 86 44.95 7.14 -38.99
C ILE C 86 44.34 5.81 -38.58
N THR C 87 43.13 5.55 -39.06
CA THR C 87 42.44 4.29 -38.76
C THR C 87 41.26 4.05 -39.70
N GLY C 88 40.69 2.85 -39.61
CA GLY C 88 39.59 2.46 -40.46
C GLY C 88 40.00 1.41 -41.46
N PHE C 89 39.03 0.81 -42.14
CA PHE C 89 39.31 -0.19 -43.16
C PHE C 89 38.24 -0.19 -44.25
N ASP C 90 38.41 -1.06 -45.24
CA ASP C 90 37.48 -1.11 -46.36
C ASP C 90 37.02 -2.53 -46.66
N SER C 91 36.10 -3.03 -45.86
CA SER C 91 35.45 -4.31 -46.13
C SER C 91 33.99 -4.07 -46.44
N PRO C 92 33.54 -4.52 -47.63
CA PRO C 92 32.14 -4.35 -48.02
C PRO C 92 31.19 -5.07 -47.06
N ASN C 93 30.03 -4.46 -46.82
CA ASN C 93 29.05 -4.99 -45.88
C ASN C 93 29.60 -5.25 -44.49
N ALA C 94 30.50 -4.39 -44.04
CA ALA C 94 31.08 -4.52 -42.70
C ALA C 94 30.73 -3.31 -41.85
N LYS C 95 30.05 -3.56 -40.73
CA LYS C 95 29.65 -2.50 -39.81
C LYS C 95 30.81 -2.09 -38.91
N SER C 96 30.98 -0.79 -38.71
CA SER C 96 32.01 -0.28 -37.82
C SER C 96 31.82 1.20 -37.54
N TYR C 97 32.43 1.68 -36.47
CA TYR C 97 32.54 3.13 -36.27
C TYR C 97 33.96 3.51 -35.87
N LEU C 98 34.32 4.78 -36.02
CA LEU C 98 35.67 5.21 -35.71
C LEU C 98 35.71 5.99 -34.40
N VAL C 99 36.80 5.81 -33.66
CA VAL C 99 37.06 6.62 -32.47
C VAL C 99 38.47 7.19 -32.60
N VAL C 100 38.57 8.51 -32.77
CA VAL C 100 39.85 9.12 -33.10
C VAL C 100 40.14 10.39 -32.32
N LEU C 101 41.41 10.60 -31.99
CA LEU C 101 41.85 11.86 -31.41
C LEU C 101 42.03 12.89 -32.50
N LEU C 102 41.25 13.96 -32.44
CA LEU C 102 41.30 15.00 -33.45
C LEU C 102 41.85 16.31 -32.91
N ASN C 103 42.88 16.83 -33.57
CA ASN C 103 43.48 18.12 -33.22
C ASN C 103 42.85 19.22 -34.06
N LYS C 104 42.72 20.41 -33.49
CA LYS C 104 42.03 21.51 -34.16
C LYS C 104 42.91 22.23 -35.19
N ASP C 105 44.22 22.01 -35.14
CA ASP C 105 45.14 22.70 -36.03
C ASP C 105 45.29 22.03 -37.39
N LYS C 106 45.06 20.71 -37.43
CA LYS C 106 45.31 19.93 -38.63
C LYS C 106 44.03 19.70 -39.42
N ASN C 107 44.17 19.18 -40.65
CA ASN C 107 42.98 18.87 -41.45
C ASN C 107 42.71 17.37 -41.48
N TYR C 108 41.49 16.99 -41.83
CA TYR C 108 41.14 15.56 -41.83
C TYR C 108 40.28 15.15 -43.02
N TYR C 109 40.55 13.96 -43.54
CA TYR C 109 39.79 13.40 -44.64
C TYR C 109 39.01 12.18 -44.19
N ILE C 110 37.83 11.99 -44.74
CA ILE C 110 37.08 10.76 -44.54
C ILE C 110 36.81 10.11 -45.90
N ARG C 111 37.34 8.90 -46.08
CA ARG C 111 37.08 8.16 -47.32
C ARG C 111 35.88 7.24 -47.18
N VAL C 112 34.83 7.57 -47.92
CA VAL C 112 33.66 6.72 -47.99
C VAL C 112 33.77 5.87 -49.25
N PRO C 113 33.56 4.56 -49.11
CA PRO C 113 33.61 3.68 -50.29
C PRO C 113 32.30 3.76 -51.07
N GLN C 114 32.05 2.78 -51.93
CA GLN C 114 30.83 2.77 -52.73
C GLN C 114 29.63 2.25 -51.98
N THR C 115 28.65 3.12 -51.76
CA THR C 115 27.33 2.68 -51.37
C THR C 115 26.67 2.11 -52.61
N SER C 116 26.96 0.84 -52.89
CA SER C 116 26.35 0.15 -54.02
C SER C 116 24.88 -0.15 -53.73
N SER C 117 24.20 0.87 -53.20
CA SER C 117 22.81 0.79 -52.80
C SER C 117 22.36 2.24 -52.63
N ASN C 118 21.49 2.69 -53.53
CA ASN C 118 21.13 4.10 -53.58
C ASN C 118 20.15 4.55 -52.50
N ILE C 119 20.47 4.24 -51.25
CA ILE C 119 19.81 4.87 -50.11
C ILE C 119 20.73 5.96 -49.58
N GLU C 120 20.17 7.10 -49.23
CA GLU C 120 20.97 8.23 -48.77
C GLU C 120 21.59 7.97 -47.38
N ASN C 121 22.91 8.09 -47.31
CA ASN C 121 23.62 7.87 -46.06
C ASN C 121 23.96 9.17 -45.34
N GLN C 122 24.26 9.07 -44.05
CA GLN C 122 24.67 10.22 -43.26
C GLN C 122 25.94 9.92 -42.48
N ILE C 123 26.81 10.92 -42.36
CA ILE C 123 28.00 10.79 -41.53
C ILE C 123 27.83 11.59 -40.25
N GLN C 124 27.79 10.86 -39.13
CA GLN C 124 27.63 11.44 -37.81
C GLN C 124 28.98 11.62 -37.13
N PHE C 125 29.15 12.79 -36.51
CA PHE C 125 30.34 13.15 -35.76
C PHE C 125 29.90 13.50 -34.34
N LYS C 126 30.51 12.89 -33.34
CA LYS C 126 30.14 13.16 -31.96
C LYS C 126 31.35 13.23 -31.04
N ARG C 127 31.47 14.33 -30.30
CA ARG C 127 32.56 14.48 -29.34
C ARG C 127 32.26 13.63 -28.11
N GLU C 128 33.26 12.84 -27.68
CA GLU C 128 33.08 11.93 -26.56
C GLU C 128 33.85 12.39 -25.32
N GLU C 129 33.13 12.53 -24.20
CA GLU C 129 33.72 13.00 -22.95
C GLU C 129 33.88 11.87 -21.93
N GLY C 130 33.43 10.67 -22.30
CA GLY C 130 33.38 9.57 -21.36
C GLY C 130 34.37 8.44 -21.61
N ASP C 131 33.95 7.21 -21.34
CA ASP C 131 34.84 6.06 -21.37
C ASP C 131 35.26 5.63 -22.78
N LEU C 132 34.51 6.06 -23.78
CA LEU C 132 34.79 5.66 -25.16
C LEU C 132 36.16 6.17 -25.61
N ARG C 133 36.69 7.15 -24.89
CA ARG C 133 38.02 7.69 -25.15
C ARG C 133 39.12 6.63 -24.94
N ASN C 134 38.75 5.52 -24.31
CA ASN C 134 39.66 4.38 -24.17
C ASN C 134 39.93 3.70 -25.53
N LEU C 135 39.09 4.02 -26.51
CA LEU C 135 39.14 3.32 -27.80
C LEU C 135 39.87 4.08 -28.91
N MET C 136 40.59 5.14 -28.55
CA MET C 136 41.38 5.89 -29.53
C MET C 136 42.77 5.28 -29.67
N ASN C 137 43.29 5.23 -30.91
CA ASN C 137 42.51 5.48 -32.11
C ASN C 137 42.25 4.15 -32.79
N SER C 138 40.98 3.84 -33.04
CA SER C 138 40.67 2.57 -33.70
C SER C 138 39.27 2.52 -34.31
N SER C 139 39.10 1.60 -35.25
CA SER C 139 37.79 1.24 -35.74
C SER C 139 37.22 0.19 -34.81
N VAL C 140 35.95 0.34 -34.46
CA VAL C 140 35.24 -0.63 -33.66
C VAL C 140 34.30 -1.38 -34.57
N ASN C 141 34.58 -2.68 -34.76
CA ASN C 141 33.78 -3.55 -35.59
C ASN C 141 32.51 -3.99 -34.87
N ILE C 142 31.35 -3.74 -35.50
CA ILE C 142 30.10 -4.25 -34.93
C ILE C 142 29.90 -5.71 -35.34
N ILE C 143 29.81 -6.58 -34.35
CA ILE C 143 29.60 -8.00 -34.60
C ILE C 143 28.19 -8.43 -34.20
N ASP C 144 27.42 -8.92 -35.17
CA ASP C 144 26.02 -9.23 -34.95
C ASP C 144 25.61 -10.62 -35.43
N ASN C 145 26.57 -11.55 -35.49
CA ASN C 145 26.27 -12.91 -35.94
C ASN C 145 26.57 -13.98 -34.90
N LEU C 146 26.79 -13.56 -33.65
CA LEU C 146 26.97 -14.50 -32.55
C LEU C 146 25.61 -14.95 -32.04
N ASN C 147 24.96 -15.82 -32.81
CA ASN C 147 23.61 -16.28 -32.49
C ASN C 147 23.62 -17.52 -31.61
N SER C 148 24.76 -18.20 -31.57
CA SER C 148 24.85 -19.48 -30.88
C SER C 148 26.27 -19.80 -30.44
N THR C 149 26.44 -21.03 -29.94
CA THR C 149 27.76 -21.55 -29.64
C THR C 149 28.38 -22.06 -30.92
N GLY C 150 29.71 -22.08 -30.96
CA GLY C 150 30.43 -22.50 -32.15
C GLY C 150 31.61 -21.60 -32.44
N ALA C 151 32.21 -21.80 -33.62
CA ALA C 151 33.36 -21.01 -34.02
C ALA C 151 32.95 -19.85 -34.91
N HIS C 152 33.44 -18.65 -34.58
CA HIS C 152 33.21 -17.49 -35.43
C HIS C 152 34.54 -16.79 -35.65
N TYR C 153 34.72 -16.21 -36.83
CA TYR C 153 35.91 -15.42 -37.09
C TYR C 153 35.65 -14.25 -38.02
N TYR C 154 36.48 -13.22 -37.89
CA TYR C 154 36.29 -11.96 -38.59
C TYR C 154 37.60 -11.42 -39.12
N THR C 155 37.68 -11.29 -40.44
CA THR C 155 38.92 -10.94 -41.12
C THR C 155 38.90 -9.50 -41.61
N ARG C 156 39.75 -8.67 -41.01
CA ARG C 156 39.87 -7.28 -41.44
C ARG C 156 41.30 -7.00 -41.82
N GLN C 157 41.54 -5.87 -42.47
CA GLN C 157 42.91 -5.43 -42.75
C GLN C 157 43.58 -5.09 -41.43
N SER C 158 44.74 -5.69 -41.19
CA SER C 158 45.44 -5.51 -39.92
C SER C 158 46.06 -4.14 -39.76
N PRO C 159 45.89 -3.53 -38.59
CA PRO C 159 46.59 -2.29 -38.24
C PRO C 159 48.09 -2.57 -38.10
N ASP C 160 48.91 -1.53 -38.21
CA ASP C 160 50.35 -1.70 -38.03
C ASP C 160 50.68 -1.96 -36.57
N VAL C 161 51.96 -2.20 -36.30
CA VAL C 161 52.43 -2.38 -34.93
C VAL C 161 52.13 -1.13 -34.12
N HIS C 162 51.66 -1.33 -32.89
CA HIS C 162 51.27 -0.26 -31.97
C HIS C 162 49.98 0.46 -32.38
N ASP C 163 49.30 -0.06 -33.39
CA ASP C 163 47.99 0.47 -33.78
C ASP C 163 46.86 -0.45 -33.36
N TYR C 164 45.65 0.11 -33.25
CA TYR C 164 44.55 -0.62 -32.64
C TYR C 164 43.40 -0.99 -33.59
N ILE C 165 42.77 -2.12 -33.30
CA ILE C 165 41.49 -2.48 -33.90
C ILE C 165 40.59 -3.10 -32.83
N SER C 166 39.35 -2.64 -32.76
CA SER C 166 38.45 -3.05 -31.69
C SER C 166 37.25 -3.82 -32.21
N TYR C 167 36.58 -4.53 -31.30
CA TYR C 167 35.44 -5.38 -31.66
C TYR C 167 34.35 -5.32 -30.59
N GLU C 168 33.15 -4.96 -31.00
CA GLU C 168 32.01 -4.90 -30.09
C GLU C 168 31.05 -6.05 -30.40
N PHE C 169 30.77 -6.89 -29.40
CA PHE C 169 29.98 -8.09 -29.63
C PHE C 169 29.06 -8.41 -28.45
N THR C 170 28.00 -9.16 -28.73
CA THR C 170 27.03 -9.53 -27.71
C THR C 170 26.94 -11.05 -27.54
N ILE C 171 27.14 -11.52 -26.31
CA ILE C 171 27.05 -12.94 -26.01
C ILE C 171 25.61 -13.43 -26.22
N PRO C 172 25.44 -14.48 -27.05
CA PRO C 172 24.12 -15.04 -27.33
C PRO C 172 23.44 -15.59 -26.08
N GLY C 173 22.11 -15.61 -26.08
CA GLY C 173 21.36 -16.11 -24.95
C GLY C 173 20.72 -15.01 -24.14
N ASN C 174 19.79 -15.39 -23.27
CA ASN C 174 19.07 -14.42 -22.44
C ASN C 174 19.87 -14.01 -21.20
N PHE C 175 19.87 -12.71 -20.91
CA PHE C 175 20.59 -12.20 -19.75
C PHE C 175 19.81 -12.43 -18.45
N ASN C 176 20.50 -12.93 -17.43
CA ASN C 176 19.91 -13.08 -16.11
C ASN C 176 20.94 -12.86 -14.99
N ASN C 177 22.00 -12.11 -15.31
CA ASN C 177 23.05 -11.79 -14.36
C ASN C 177 23.64 -13.04 -13.67
N LYS C 178 23.55 -14.17 -14.37
CA LYS C 178 23.99 -15.44 -13.79
C LYS C 178 24.49 -16.38 -14.88
N ASP C 179 23.64 -16.66 -15.85
CA ASP C 179 24.01 -17.54 -16.96
C ASP C 179 25.22 -16.98 -17.70
N THR C 180 26.09 -17.89 -18.13
CA THR C 180 27.40 -17.50 -18.60
C THR C 180 27.93 -18.48 -19.63
N SER C 181 28.63 -17.97 -20.64
CA SER C 181 29.23 -18.82 -21.66
C SER C 181 30.74 -18.70 -21.67
N ASN C 182 31.40 -19.76 -22.13
CA ASN C 182 32.85 -19.78 -22.22
C ASN C 182 33.33 -19.21 -23.55
N ILE C 183 34.15 -18.17 -23.47
CA ILE C 183 34.55 -17.43 -24.67
C ILE C 183 36.06 -17.51 -24.92
N ARG C 184 36.44 -18.01 -26.09
CA ARG C 184 37.83 -18.02 -26.49
C ARG C 184 38.10 -16.99 -27.59
N LEU C 185 38.90 -15.99 -27.25
CA LEU C 185 39.26 -14.94 -28.19
C LEU C 185 40.71 -15.13 -28.61
N TYR C 186 40.94 -15.29 -29.91
CA TYR C 186 42.33 -15.44 -30.38
C TYR C 186 42.56 -14.91 -31.78
N THR C 187 43.80 -14.97 -32.25
CA THR C 187 44.13 -14.57 -33.62
C THR C 187 44.93 -15.64 -34.33
N SER C 188 44.77 -15.70 -35.65
CA SER C 188 45.39 -16.76 -36.45
C SER C 188 46.89 -16.57 -36.64
N TYR C 189 47.30 -15.40 -37.11
CA TYR C 189 48.69 -15.19 -37.52
C TYR C 189 49.38 -14.00 -36.84
N ASN C 190 48.71 -12.86 -36.80
CA ASN C 190 49.29 -11.68 -36.16
C ASN C 190 49.16 -11.72 -34.65
N GLN C 191 50.17 -11.23 -33.95
CA GLN C 191 50.15 -11.18 -32.49
C GLN C 191 49.67 -9.82 -31.99
N GLY C 192 48.84 -9.84 -30.95
CA GLY C 192 48.31 -8.61 -30.40
C GLY C 192 47.98 -8.70 -28.92
N ILE C 193 47.98 -7.55 -28.26
CA ILE C 193 47.58 -7.46 -26.86
C ILE C 193 46.13 -7.01 -26.76
N GLY C 194 45.32 -7.81 -26.08
CA GLY C 194 43.91 -7.51 -25.95
C GLY C 194 43.48 -6.97 -24.60
N THR C 195 42.66 -5.93 -24.63
CA THR C 195 42.02 -5.40 -23.44
C THR C 195 40.51 -5.62 -23.57
N LEU C 196 39.92 -6.30 -22.61
CA LEU C 196 38.50 -6.61 -22.66
C LEU C 196 37.68 -5.76 -21.69
N PHE C 197 36.68 -5.07 -22.24
CA PHE C 197 35.79 -4.20 -21.50
C PHE C 197 34.36 -4.72 -21.50
N ARG C 198 33.65 -4.52 -20.41
CA ARG C 198 32.20 -4.73 -20.38
C ARG C 198 31.50 -3.40 -20.66
N VAL C 199 30.51 -3.43 -21.55
CA VAL C 199 29.81 -2.23 -21.95
C VAL C 199 28.47 -2.05 -21.23
N THR C 200 28.31 -0.88 -20.61
CA THR C 200 27.01 -0.44 -20.13
C THR C 200 26.72 0.92 -20.78
N GLU C 201 25.45 1.25 -20.96
CA GLU C 201 25.09 2.47 -21.69
C GLU C 201 24.03 3.29 -20.99
N THR C 202 24.24 4.60 -20.96
CA THR C 202 23.24 5.54 -20.48
C THR C 202 22.84 6.46 -21.61
N ILE C 203 22.18 7.56 -21.26
CA ILE C 203 21.79 8.58 -22.23
C ILE C 203 23.02 9.36 -22.68
N ASP C 204 24.07 9.30 -21.86
CA ASP C 204 25.28 10.08 -22.11
C ASP C 204 26.35 9.25 -22.84
N GLY C 205 26.00 8.03 -23.24
CA GLY C 205 26.92 7.19 -23.99
C GLY C 205 27.38 5.94 -23.26
N TYR C 206 28.43 5.32 -23.80
CA TYR C 206 28.97 4.08 -23.24
C TYR C 206 29.74 4.27 -21.95
N ASN C 207 29.63 3.31 -21.05
CA ASN C 207 30.55 3.18 -19.93
C ASN C 207 31.35 1.89 -20.09
N LEU C 208 32.64 1.94 -19.78
CA LEU C 208 33.52 0.80 -20.01
C LEU C 208 34.16 0.27 -18.73
N ILE C 209 33.82 -0.97 -18.39
CA ILE C 209 34.39 -1.64 -17.23
C ILE C 209 35.49 -2.60 -17.65
N ASN C 210 36.71 -2.33 -17.17
CA ASN C 210 37.86 -3.15 -17.53
C ASN C 210 37.82 -4.50 -16.84
N ILE C 211 37.54 -5.55 -17.61
CA ILE C 211 37.51 -6.90 -17.04
C ILE C 211 38.76 -7.71 -17.36
N GLN C 212 39.46 -7.39 -18.45
CA GLN C 212 40.74 -8.07 -18.68
C GLN C 212 41.82 -7.22 -19.35
N GLN C 213 43.06 -7.40 -18.91
CA GLN C 213 44.19 -6.69 -19.50
C GLN C 213 45.28 -7.65 -19.92
N ASN C 214 46.20 -7.16 -20.76
CA ASN C 214 47.38 -7.91 -21.18
C ASN C 214 47.07 -9.29 -21.75
N LEU C 215 46.10 -9.35 -22.65
CA LEU C 215 45.67 -10.62 -23.23
C LEU C 215 46.36 -10.88 -24.56
N HIS C 216 47.33 -11.80 -24.55
CA HIS C 216 48.05 -12.18 -25.77
C HIS C 216 47.18 -13.08 -26.63
N LEU C 217 46.91 -12.62 -27.86
CA LEU C 217 45.84 -13.20 -28.66
C LEU C 217 46.28 -14.30 -29.64
N LEU C 218 47.51 -14.21 -30.14
CA LEU C 218 48.00 -15.20 -31.10
C LEU C 218 47.94 -16.61 -30.51
N ASN C 219 47.01 -17.41 -31.02
CA ASN C 219 46.78 -18.77 -30.54
C ASN C 219 46.53 -18.86 -29.03
N ASN C 220 45.76 -17.91 -28.51
CA ASN C 220 45.35 -17.96 -27.11
C ASN C 220 44.47 -19.18 -26.87
N THR C 221 44.74 -19.91 -25.79
CA THR C 221 43.96 -21.09 -25.44
C THR C 221 43.15 -20.81 -24.19
N ASN C 222 43.49 -19.72 -23.50
CA ASN C 222 42.78 -19.32 -22.30
C ASN C 222 41.40 -18.75 -22.61
N SER C 223 40.37 -19.35 -22.05
CA SER C 223 39.00 -18.88 -22.23
C SER C 223 38.57 -18.01 -21.05
N ILE C 224 37.55 -17.20 -21.26
CA ILE C 224 37.00 -16.38 -20.19
C ILE C 224 35.47 -16.48 -20.17
N ARG C 225 34.91 -16.58 -18.97
CA ARG C 225 33.47 -16.72 -18.83
C ARG C 225 32.76 -15.38 -18.85
N LEU C 226 31.90 -15.18 -19.86
CA LEU C 226 31.19 -13.92 -20.00
C LEU C 226 29.68 -14.11 -19.88
N LEU C 227 29.01 -13.07 -19.38
CA LEU C 227 27.57 -13.13 -19.15
C LEU C 227 26.79 -13.23 -20.46
N ASN C 228 25.90 -14.20 -20.55
CA ASN C 228 24.98 -14.30 -21.67
C ASN C 228 24.12 -13.04 -21.74
N GLY C 229 23.99 -12.47 -22.93
CA GLY C 229 23.18 -11.28 -23.13
C GLY C 229 23.93 -9.99 -22.82
N ALA C 230 25.11 -10.11 -22.24
CA ALA C 230 25.93 -8.95 -21.94
C ALA C 230 26.71 -8.49 -23.18
N ILE C 231 27.12 -7.23 -23.17
CA ILE C 231 27.80 -6.63 -24.32
C ILE C 231 29.25 -6.30 -23.99
N TYR C 232 30.17 -6.63 -24.90
CA TYR C 232 31.59 -6.46 -24.63
C TYR C 232 32.37 -5.81 -25.77
N ILE C 233 33.50 -5.21 -25.43
CA ILE C 233 34.41 -4.65 -26.43
C ILE C 233 35.84 -5.10 -26.19
N LEU C 234 36.42 -5.76 -27.18
CA LEU C 234 37.83 -6.14 -27.15
C LEU C 234 38.66 -5.17 -27.98
N LYS C 235 39.52 -4.41 -27.30
CA LYS C 235 40.46 -3.53 -27.98
C LYS C 235 41.74 -4.30 -28.22
N VAL C 236 42.23 -4.27 -29.45
CA VAL C 236 43.41 -5.05 -29.81
C VAL C 236 44.56 -4.19 -30.33
N GLU C 237 45.70 -4.24 -29.64
CA GLU C 237 46.89 -3.57 -30.12
C GLU C 237 47.80 -4.55 -30.86
N VAL C 238 47.95 -4.34 -32.17
CA VAL C 238 48.83 -5.18 -32.96
C VAL C 238 50.28 -4.98 -32.53
N THR C 239 50.94 -6.07 -32.17
CA THR C 239 52.32 -6.02 -31.69
C THR C 239 53.27 -6.70 -32.66
N GLU C 240 52.72 -7.54 -33.53
CA GLU C 240 53.51 -8.30 -34.48
C GLU C 240 52.72 -8.50 -35.78
N LEU C 241 53.23 -7.94 -36.87
CA LEU C 241 52.53 -7.97 -38.15
C LEU C 241 53.06 -9.06 -39.08
N ASN C 242 52.50 -10.26 -38.97
CA ASN C 242 52.94 -11.38 -39.79
C ASN C 242 52.02 -11.63 -40.98
N ASN C 243 50.93 -10.87 -41.04
CA ASN C 243 49.96 -11.01 -42.12
C ASN C 243 49.27 -9.68 -42.43
N TYR C 244 48.95 -9.46 -43.69
CA TYR C 244 48.25 -8.26 -44.11
C TYR C 244 46.89 -8.16 -43.44
N ASN C 245 46.21 -9.29 -43.33
CA ASN C 245 44.93 -9.36 -42.64
C ASN C 245 45.07 -9.87 -41.21
N ILE C 246 44.34 -9.26 -40.29
CA ILE C 246 44.18 -9.81 -38.96
C ILE C 246 42.82 -10.49 -38.89
N ARG C 247 42.80 -11.68 -38.28
CA ARG C 247 41.58 -12.45 -38.18
C ARG C 247 41.26 -12.78 -36.73
N LEU C 248 40.20 -12.15 -36.20
CA LEU C 248 39.82 -12.40 -34.81
C LEU C 248 38.83 -13.55 -34.70
N HIS C 249 39.22 -14.56 -33.92
CA HIS C 249 38.36 -15.70 -33.63
C HIS C 249 37.66 -15.54 -32.29
N ILE C 250 36.34 -15.58 -32.35
CA ILE C 250 35.51 -15.68 -31.15
C ILE C 250 34.85 -17.04 -31.18
N ASP C 251 35.26 -17.92 -30.25
CA ASP C 251 34.68 -19.26 -30.16
C ASP C 251 33.90 -19.42 -28.86
N ILE C 252 32.66 -19.87 -28.98
CA ILE C 252 31.76 -19.93 -27.83
C ILE C 252 31.39 -21.36 -27.49
N THR C 253 31.63 -21.74 -26.24
CA THR C 253 31.14 -23.01 -25.72
C THR C 253 30.26 -22.76 -24.50
N ASN C 254 29.55 -23.78 -24.05
CA ASN C 254 28.70 -23.64 -22.88
C ASN C 254 28.91 -24.76 -21.87
N GLU D 5 16.04 8.23 -34.64
CA GLU D 5 17.48 8.44 -34.77
C GLU D 5 18.19 8.06 -33.46
N ARG D 6 17.41 8.01 -32.38
CA ARG D 6 17.94 7.57 -31.09
C ARG D 6 17.78 6.07 -30.93
N THR D 7 18.89 5.37 -30.77
CA THR D 7 18.87 3.92 -30.59
C THR D 7 18.67 3.52 -29.13
N PHE D 8 19.07 4.40 -28.22
CA PHE D 8 18.98 4.12 -26.79
C PHE D 8 17.56 4.30 -26.25
N LEU D 9 16.90 3.19 -25.98
CA LEU D 9 15.55 3.17 -25.41
C LEU D 9 14.57 4.09 -26.14
N PRO D 10 14.20 3.73 -27.37
CA PRO D 10 13.31 4.58 -28.18
C PRO D 10 11.91 4.69 -27.58
N ASN D 11 11.23 5.79 -27.87
CA ASN D 11 9.88 6.03 -27.36
C ASN D 11 8.88 4.96 -27.77
N GLY D 12 7.86 4.75 -26.94
CA GLY D 12 6.82 3.80 -27.30
C GLY D 12 6.42 2.86 -26.18
N ASN D 13 5.56 1.90 -26.49
CA ASN D 13 5.02 1.00 -25.48
C ASN D 13 5.89 -0.22 -25.16
N TYR D 14 6.11 -0.46 -23.88
CA TYR D 14 6.96 -1.55 -23.42
C TYR D 14 6.25 -2.41 -22.40
N ASN D 15 6.64 -3.67 -22.34
CA ASN D 15 6.36 -4.52 -21.19
C ASN D 15 7.54 -4.36 -20.24
N ILE D 16 7.28 -4.40 -18.93
CA ILE D 16 8.35 -4.32 -17.96
C ILE D 16 8.37 -5.58 -17.11
N LYS D 17 9.53 -6.26 -17.11
CA LYS D 17 9.67 -7.49 -16.35
C LYS D 17 10.92 -7.44 -15.48
N SER D 18 11.00 -8.36 -14.53
CA SER D 18 12.22 -8.56 -13.77
C SER D 18 13.02 -9.68 -14.43
N ILE D 19 14.34 -9.66 -14.28
CA ILE D 19 15.15 -10.75 -14.83
C ILE D 19 14.89 -12.07 -14.10
N PHE D 20 14.19 -11.98 -12.98
CA PHE D 20 13.81 -13.17 -12.21
C PHE D 20 12.72 -13.98 -12.92
N SER D 21 11.98 -13.33 -13.83
CA SER D 21 10.88 -14.00 -14.50
C SER D 21 10.57 -13.44 -15.89
N GLY D 22 10.32 -14.33 -16.84
CA GLY D 22 9.96 -13.92 -18.19
C GLY D 22 8.47 -14.03 -18.45
N SER D 23 7.71 -14.35 -17.40
CA SER D 23 6.27 -14.52 -17.53
C SER D 23 5.48 -13.61 -16.59
N LEU D 24 6.19 -12.75 -15.86
CA LEU D 24 5.54 -11.81 -14.95
C LEU D 24 5.72 -10.36 -15.41
N TYR D 25 4.60 -9.67 -15.59
CA TYR D 25 4.59 -8.32 -16.15
C TYR D 25 4.22 -7.31 -15.07
N LEU D 26 4.89 -6.16 -15.09
CA LEU D 26 4.64 -5.10 -14.12
C LEU D 26 3.27 -4.46 -14.36
N ASN D 27 2.49 -4.33 -13.29
CA ASN D 27 1.20 -3.63 -13.34
C ASN D 27 0.84 -3.01 -11.99
N PRO D 28 -0.04 -1.99 -12.02
CA PRO D 28 -0.54 -1.40 -10.78
C PRO D 28 -1.60 -2.26 -10.10
N VAL D 29 -1.41 -2.52 -8.82
CA VAL D 29 -2.44 -3.15 -8.01
C VAL D 29 -2.65 -2.33 -6.74
N SER D 30 -3.62 -1.43 -6.79
CA SER D 30 -3.97 -0.57 -5.66
C SER D 30 -2.78 0.22 -5.13
N LYS D 31 -2.53 1.39 -5.73
CA LYS D 31 -1.50 2.32 -5.27
C LYS D 31 -0.06 1.81 -5.45
N SER D 32 0.15 0.51 -5.25
CA SER D 32 1.48 -0.07 -5.38
C SER D 32 1.72 -0.65 -6.78
N LEU D 33 2.95 -1.10 -7.01
CA LEU D 33 3.33 -1.75 -8.27
C LEU D 33 3.75 -3.20 -8.00
N THR D 34 3.34 -4.12 -8.87
CA THR D 34 3.74 -5.51 -8.67
C THR D 34 3.86 -6.27 -9.99
N PHE D 35 4.50 -7.44 -9.95
CA PHE D 35 4.63 -8.28 -11.14
C PHE D 35 3.64 -9.43 -11.13
N SER D 36 2.73 -9.43 -12.10
CA SER D 36 1.64 -10.40 -12.12
C SER D 36 1.60 -11.20 -13.42
N ASN D 37 0.81 -12.27 -13.45
CA ASN D 37 0.65 -13.09 -14.65
C ASN D 37 0.12 -12.28 -15.81
N GLU D 38 0.39 -12.73 -17.03
CA GLU D 38 -0.02 -12.02 -18.24
C GLU D 38 -1.53 -11.87 -18.32
N SER D 39 -1.98 -10.62 -18.48
CA SER D 39 -3.40 -10.32 -18.55
C SER D 39 -3.80 -9.95 -19.97
N SER D 40 -2.81 -9.63 -20.80
CA SER D 40 -3.04 -9.14 -22.15
C SER D 40 -3.92 -7.89 -22.16
N ALA D 41 -3.85 -7.11 -21.09
CA ALA D 41 -4.63 -5.89 -20.95
C ALA D 41 -3.70 -4.69 -20.96
N ASN D 42 -4.27 -3.51 -21.17
CA ASN D 42 -3.49 -2.28 -21.27
C ASN D 42 -2.71 -1.92 -20.00
N ASN D 43 -3.16 -2.39 -18.85
CA ASN D 43 -2.52 -2.03 -17.58
C ASN D 43 -1.15 -2.67 -17.38
N GLN D 44 -0.77 -3.57 -18.29
CA GLN D 44 0.57 -4.15 -18.27
C GLN D 44 1.43 -3.58 -19.40
N LYS D 45 0.93 -2.55 -20.06
CA LYS D 45 1.68 -1.87 -21.10
C LYS D 45 2.16 -0.52 -20.59
N TRP D 46 3.38 -0.15 -20.96
CA TRP D 46 3.98 1.09 -20.44
C TRP D 46 4.54 1.99 -21.54
N ASN D 47 4.00 3.19 -21.62
CA ASN D 47 4.48 4.22 -22.53
C ASN D 47 5.76 4.88 -22.01
N VAL D 48 6.86 4.59 -22.68
CA VAL D 48 8.15 5.18 -22.34
C VAL D 48 8.44 6.38 -23.23
N GLU D 49 8.72 7.52 -22.60
CA GLU D 49 8.99 8.76 -23.32
C GLU D 49 10.23 9.49 -22.79
N TYR D 50 11.04 9.98 -23.71
CA TYR D 50 12.26 10.71 -23.37
C TYR D 50 11.97 12.20 -23.19
N MET D 51 12.60 12.79 -22.18
CA MET D 51 12.49 14.23 -21.95
C MET D 51 13.82 14.93 -22.24
N ALA D 52 13.89 15.61 -23.38
CA ALA D 52 15.12 16.27 -23.81
C ALA D 52 15.58 17.34 -22.84
N GLU D 53 14.63 18.05 -22.24
CA GLU D 53 14.94 19.17 -21.35
C GLU D 53 15.61 18.72 -20.05
N ASN D 54 15.36 17.49 -19.64
CA ASN D 54 15.90 16.97 -18.39
C ASN D 54 16.91 15.86 -18.61
N ARG D 55 17.00 15.40 -19.85
CA ARG D 55 17.87 14.27 -20.21
C ARG D 55 17.56 13.04 -19.37
N CYS D 56 16.29 12.66 -19.35
CA CYS D 56 15.84 11.49 -18.61
C CYS D 56 14.54 10.97 -19.22
N PHE D 57 13.92 10.00 -18.55
CA PHE D 57 12.71 9.36 -19.07
C PHE D 57 11.53 9.41 -18.12
N LYS D 58 10.35 9.55 -18.68
CA LYS D 58 9.12 9.35 -17.93
C LYS D 58 8.38 8.16 -18.50
N ILE D 59 7.71 7.42 -17.63
CA ILE D 59 6.99 6.22 -18.04
C ILE D 59 5.56 6.23 -17.50
N SER D 60 4.60 6.24 -18.41
CA SER D 60 3.19 6.26 -18.01
C SER D 60 2.52 4.92 -18.30
N ASN D 61 1.43 4.64 -17.59
CA ASN D 61 0.65 3.45 -17.85
C ASN D 61 -0.33 3.74 -18.99
N VAL D 62 -0.43 2.84 -19.97
CA VAL D 62 -1.26 3.12 -21.13
C VAL D 62 -2.76 2.97 -20.82
N ALA D 63 -3.07 2.31 -19.71
CA ALA D 63 -4.45 2.23 -19.25
C ALA D 63 -4.82 3.48 -18.46
N GLU D 64 -3.82 4.13 -17.88
CA GLU D 64 -4.00 5.40 -17.17
C GLU D 64 -2.92 6.40 -17.59
N PRO D 65 -3.09 6.99 -18.78
CA PRO D 65 -2.08 7.86 -19.40
C PRO D 65 -1.69 9.07 -18.57
N ASN D 66 -2.56 9.48 -17.64
CA ASN D 66 -2.26 10.60 -16.75
C ASN D 66 -1.44 10.15 -15.55
N LYS D 67 -1.16 8.85 -15.48
CA LYS D 67 -0.42 8.27 -14.36
C LYS D 67 0.97 7.80 -14.77
N TYR D 68 1.96 8.12 -13.93
CA TYR D 68 3.35 7.80 -14.22
C TYR D 68 4.02 7.05 -13.08
N LEU D 69 5.06 6.30 -13.43
CA LEU D 69 5.93 5.67 -12.44
C LEU D 69 6.65 6.74 -11.62
N SER D 70 6.43 6.72 -10.32
CA SER D 70 6.98 7.70 -9.41
C SER D 70 7.36 7.00 -8.12
N TYR D 71 7.47 7.75 -7.03
CA TYR D 71 7.72 7.13 -5.73
C TYR D 71 7.16 7.95 -4.57
N ASP D 72 6.79 7.26 -3.49
CA ASP D 72 6.28 7.93 -2.30
C ASP D 72 7.38 8.23 -1.30
N ASN D 73 7.02 8.84 -0.17
CA ASN D 73 7.99 9.23 0.83
C ASN D 73 8.48 8.05 1.68
N PHE D 74 8.10 6.84 1.30
CA PHE D 74 8.41 5.66 2.09
C PHE D 74 9.14 4.57 1.29
N GLY D 75 9.73 4.96 0.16
CA GLY D 75 10.56 4.06 -0.62
C GLY D 75 9.82 3.13 -1.56
N PHE D 76 8.54 3.39 -1.78
CA PHE D 76 7.74 2.59 -2.69
C PHE D 76 7.60 3.27 -4.04
N ILE D 77 7.67 2.49 -5.11
CA ILE D 77 7.34 2.98 -6.44
C ILE D 77 5.82 3.10 -6.56
N SER D 78 5.35 4.23 -7.07
CA SER D 78 3.91 4.49 -7.12
C SER D 78 3.42 4.88 -8.51
N LEU D 79 2.10 4.88 -8.69
CA LEU D 79 1.49 5.46 -9.88
C LEU D 79 0.91 6.81 -9.46
N ASP D 80 1.49 7.89 -9.98
CA ASP D 80 1.04 9.21 -9.55
C ASP D 80 1.09 10.24 -10.68
N SER D 81 0.53 11.41 -10.43
CA SER D 81 0.55 12.50 -11.40
C SER D 81 1.99 12.92 -11.70
N LEU D 82 2.20 13.51 -12.87
CA LEU D 82 3.53 13.87 -13.33
C LEU D 82 4.22 14.87 -12.40
N SER D 83 5.48 14.58 -12.07
CA SER D 83 6.29 15.45 -11.23
C SER D 83 7.77 15.08 -11.38
N ASN D 84 8.64 15.74 -10.62
CA ASN D 84 10.08 15.46 -10.68
C ASN D 84 10.42 14.07 -10.14
N ARG D 85 9.48 13.47 -9.43
CA ARG D 85 9.66 12.13 -8.89
C ARG D 85 9.47 11.07 -9.97
N CYS D 86 8.97 11.50 -11.13
CA CYS D 86 8.68 10.58 -12.23
C CYS D 86 9.83 10.51 -13.24
N TYR D 87 10.94 11.16 -12.93
CA TYR D 87 12.06 11.26 -13.87
C TYR D 87 13.07 10.14 -13.63
N TRP D 88 13.34 9.36 -14.67
CA TRP D 88 14.22 8.21 -14.54
C TRP D 88 15.44 8.24 -15.46
N PHE D 89 16.58 7.85 -14.89
CA PHE D 89 17.85 7.76 -15.58
C PHE D 89 18.24 6.29 -15.67
N PRO D 90 17.98 5.67 -16.84
CA PRO D 90 18.23 4.25 -17.05
C PRO D 90 19.68 3.92 -17.40
N ILE D 91 20.16 2.78 -16.93
CA ILE D 91 21.46 2.26 -17.31
C ILE D 91 21.29 0.90 -17.96
N LYS D 92 21.52 0.85 -19.27
CA LYS D 92 21.46 -0.40 -20.02
C LYS D 92 22.70 -1.24 -19.75
N ILE D 93 22.50 -2.41 -19.17
CA ILE D 93 23.62 -3.28 -18.79
C ILE D 93 23.68 -4.55 -19.64
N ALA D 94 22.63 -4.79 -20.42
CA ALA D 94 22.56 -5.96 -21.30
C ALA D 94 21.45 -5.79 -22.33
N VAL D 95 21.36 -6.75 -23.25
CA VAL D 95 20.45 -6.73 -24.40
C VAL D 95 19.18 -5.88 -24.27
N ASN D 96 18.32 -6.25 -23.33
CA ASN D 96 17.10 -5.50 -23.06
C ASN D 96 16.94 -5.24 -21.57
N THR D 97 18.06 -5.12 -20.86
CA THR D 97 18.04 -5.07 -19.41
C THR D 97 18.54 -3.72 -18.88
N TYR D 98 17.87 -3.20 -17.85
CA TYR D 98 18.18 -1.88 -17.34
C TYR D 98 18.21 -1.81 -15.81
N ILE D 99 19.00 -0.87 -15.30
CA ILE D 99 18.91 -0.47 -13.91
C ILE D 99 18.36 0.95 -13.90
N MET D 100 17.20 1.13 -13.29
CA MET D 100 16.50 2.41 -13.35
C MET D 100 16.80 3.32 -12.17
N LEU D 101 17.67 4.29 -12.37
CA LEU D 101 18.01 5.22 -11.30
C LEU D 101 17.02 6.36 -11.25
N SER D 102 16.78 6.90 -10.06
CA SER D 102 16.00 8.12 -9.94
C SER D 102 16.90 9.31 -10.23
N LEU D 103 16.37 10.33 -10.87
CA LEU D 103 17.15 11.54 -11.14
C LEU D 103 17.49 12.24 -9.84
N ASN D 104 16.65 12.03 -8.83
CA ASN D 104 16.84 12.61 -7.51
C ASN D 104 17.79 11.79 -6.63
N LYS D 105 18.83 12.45 -6.14
CA LYS D 105 19.78 11.83 -5.23
C LYS D 105 19.59 12.38 -3.82
N VAL D 106 19.45 11.48 -2.84
CA VAL D 106 19.48 11.90 -1.44
C VAL D 106 20.84 11.50 -0.89
N ASN D 107 21.36 12.30 0.04
CA ASN D 107 22.79 12.36 0.32
C ASN D 107 23.51 12.62 -1.00
N GLU D 108 24.38 11.69 -1.39
CA GLU D 108 25.01 11.73 -2.70
C GLU D 108 24.83 10.36 -3.34
N LEU D 109 23.84 9.62 -2.84
CA LEU D 109 23.57 8.25 -3.27
C LEU D 109 22.55 8.20 -4.40
N ASP D 110 22.76 7.29 -5.34
CA ASP D 110 21.76 7.01 -6.38
C ASP D 110 20.80 5.93 -5.90
N TYR D 111 19.54 6.02 -6.32
CA TYR D 111 18.54 5.04 -5.94
C TYR D 111 17.93 4.41 -7.18
N ALA D 112 17.64 3.11 -7.09
CA ALA D 112 17.13 2.37 -8.23
C ALA D 112 15.89 1.56 -7.87
N TRP D 113 15.17 1.11 -8.89
CA TRP D 113 14.08 0.17 -8.69
C TRP D 113 14.65 -1.10 -8.06
N ASP D 114 13.87 -1.73 -7.20
CA ASP D 114 14.34 -2.93 -6.51
C ASP D 114 13.16 -3.81 -6.16
N ILE D 115 13.22 -5.07 -6.60
CA ILE D 115 12.17 -6.02 -6.30
C ILE D 115 12.70 -7.18 -5.45
N TYR D 116 12.03 -7.45 -4.34
CA TYR D 116 12.40 -8.55 -3.46
C TYR D 116 12.12 -9.87 -4.15
N ASP D 117 12.93 -10.89 -3.85
CA ASP D 117 12.68 -12.22 -4.37
C ASP D 117 12.79 -13.24 -3.23
N THR D 118 12.05 -14.34 -3.36
CA THR D 118 12.21 -15.45 -2.44
C THR D 118 12.59 -16.68 -3.23
N ASN D 119 13.89 -16.96 -3.27
CA ASN D 119 14.44 -17.98 -4.16
C ASN D 119 13.98 -17.74 -5.60
N GLU D 120 14.24 -16.52 -6.07
CA GLU D 120 13.94 -16.10 -7.44
C GLU D 120 12.45 -16.00 -7.76
N ASN D 121 11.62 -15.99 -6.72
CA ASN D 121 10.19 -15.77 -6.90
C ASN D 121 9.79 -14.38 -6.38
N ILE D 122 9.23 -13.56 -7.26
CA ILE D 122 8.90 -12.18 -6.90
C ILE D 122 7.41 -11.94 -6.73
N LEU D 123 6.61 -13.00 -6.78
CA LEU D 123 5.15 -12.89 -6.68
C LEU D 123 4.72 -12.20 -5.39
N SER D 124 3.82 -11.23 -5.54
CA SER D 124 3.25 -10.46 -4.42
C SER D 124 4.25 -9.59 -3.68
N GLN D 125 5.40 -9.34 -4.30
CA GLN D 125 6.40 -8.43 -3.73
C GLN D 125 6.24 -7.05 -4.37
N PRO D 126 6.45 -5.99 -3.58
CA PRO D 126 6.28 -4.62 -4.05
C PRO D 126 7.55 -3.99 -4.64
N LEU D 127 7.38 -3.20 -5.69
CA LEU D 127 8.49 -2.48 -6.30
C LEU D 127 8.93 -1.36 -5.38
N LEU D 128 10.22 -1.31 -5.07
CA LEU D 128 10.74 -0.32 -4.13
C LEU D 128 11.82 0.56 -4.75
N LEU D 129 12.14 1.67 -4.08
CA LEU D 129 13.23 2.54 -4.50
C LEU D 129 14.32 2.46 -3.45
N LEU D 130 15.43 1.81 -3.79
CA LEU D 130 16.46 1.47 -2.81
C LEU D 130 17.85 1.94 -3.23
N PRO D 131 18.77 2.09 -2.26
CA PRO D 131 20.14 2.49 -2.57
C PRO D 131 20.79 1.62 -3.66
N ASN D 132 21.53 2.25 -4.56
CA ASN D 132 22.26 1.55 -5.61
C ASN D 132 23.76 1.77 -5.47
N PHE D 133 24.52 0.68 -5.53
CA PHE D 133 25.96 0.74 -5.31
C PHE D 133 26.76 0.26 -6.53
N ASP D 134 26.16 -0.60 -7.34
CA ASP D 134 26.85 -1.15 -8.50
C ASP D 134 25.88 -1.68 -9.55
N ILE D 135 26.41 -2.36 -10.56
CA ILE D 135 25.59 -2.92 -11.63
C ILE D 135 25.49 -4.43 -11.54
N TYR D 136 25.59 -4.98 -10.33
CA TYR D 136 25.65 -6.42 -10.16
C TYR D 136 24.54 -6.99 -9.28
N ASN D 137 23.63 -6.13 -8.84
CA ASN D 137 22.51 -6.55 -8.00
C ASN D 137 21.30 -7.00 -8.81
N SER D 138 21.06 -8.31 -8.83
CA SER D 138 19.99 -8.90 -9.64
C SER D 138 18.60 -8.31 -9.36
N ASN D 139 18.38 -7.90 -8.11
CA ASN D 139 17.09 -7.38 -7.70
C ASN D 139 16.82 -5.98 -8.26
N GLN D 140 17.84 -5.37 -8.83
CA GLN D 140 17.73 -4.01 -9.36
C GLN D 140 17.78 -4.01 -10.89
N MET D 141 17.57 -5.18 -11.49
CA MET D 141 17.69 -5.32 -12.94
C MET D 141 16.33 -5.62 -13.57
N PHE D 142 16.00 -4.88 -14.62
CA PHE D 142 14.67 -4.99 -15.21
C PHE D 142 14.72 -4.94 -16.74
N LYS D 143 13.95 -5.83 -17.36
CA LYS D 143 13.85 -5.87 -18.81
C LYS D 143 12.70 -5.02 -19.32
N LEU D 144 13.02 -4.09 -20.22
CA LEU D 144 12.02 -3.30 -20.92
C LEU D 144 11.91 -3.83 -22.34
N GLU D 145 10.80 -4.48 -22.66
CA GLU D 145 10.64 -5.13 -23.95
C GLU D 145 9.61 -4.43 -24.83
N LYS D 146 10.07 -3.89 -25.96
CA LYS D 146 9.23 -3.14 -26.88
C LYS D 146 8.10 -3.99 -27.46
N ILE D 147 6.90 -3.43 -27.52
CA ILE D 147 5.77 -4.10 -28.14
C ILE D 147 5.02 -3.18 -29.10
N GLU E 8 1.30 -37.44 49.26
CA GLU E 8 0.69 -36.58 48.25
C GLU E 8 0.18 -35.28 48.87
N ASN E 9 1.10 -34.39 49.22
CA ASN E 9 0.75 -33.11 49.81
C ASN E 9 0.21 -32.11 48.79
N ILE E 10 -1.08 -31.80 48.90
CA ILE E 10 -1.69 -30.79 48.03
C ILE E 10 -1.26 -29.39 48.46
N GLN E 11 -0.67 -28.64 47.54
CA GLN E 11 -0.31 -27.26 47.81
C GLN E 11 -1.21 -26.33 47.02
N GLU E 12 -1.28 -25.06 47.42
CA GLU E 12 -2.26 -24.16 46.83
C GLU E 12 -1.73 -22.74 46.55
N ILE E 13 -1.97 -22.27 45.33
CA ILE E 13 -1.73 -20.87 45.00
C ILE E 13 -2.99 -20.09 45.35
N ASN E 14 -3.01 -19.52 46.55
CA ASN E 14 -4.19 -18.85 47.08
C ASN E 14 -4.64 -17.66 46.21
N THR E 15 -3.67 -16.94 45.67
CA THR E 15 -3.98 -15.80 44.81
C THR E 15 -4.25 -16.24 43.38
N ALA E 16 -5.35 -15.74 42.81
CA ALA E 16 -5.66 -16.00 41.41
C ALA E 16 -4.61 -15.33 40.53
N ILE E 17 -3.96 -16.11 39.67
CA ILE E 17 -2.84 -15.61 38.89
C ILE E 17 -3.29 -14.94 37.58
N SER E 18 -2.48 -14.02 37.09
CA SER E 18 -2.79 -13.28 35.87
C SER E 18 -1.55 -13.11 35.02
N ASP E 19 -1.72 -13.29 33.70
CA ASP E 19 -0.65 -13.08 32.73
C ASP E 19 0.62 -13.91 32.95
N ASN E 20 1.36 -13.62 34.01
CA ASN E 20 2.60 -14.32 34.30
C ASN E 20 2.68 -14.74 35.77
N TYR E 21 3.12 -15.98 36.00
CA TYR E 21 3.32 -16.45 37.37
C TYR E 21 4.38 -17.54 37.44
N THR E 22 5.21 -17.50 38.47
CA THR E 22 6.26 -18.48 38.66
C THR E 22 6.19 -19.10 40.06
N TYR E 23 5.89 -20.38 40.12
CA TYR E 23 5.77 -21.10 41.38
C TYR E 23 6.96 -22.02 41.58
N ASN E 24 7.59 -21.97 42.75
CA ASN E 24 8.76 -22.81 43.00
C ASN E 24 8.47 -24.08 43.77
N ILE E 25 8.89 -25.22 43.22
CA ILE E 25 8.82 -26.49 43.92
C ILE E 25 9.75 -26.41 45.11
N PRO E 26 9.22 -26.67 46.32
CA PRO E 26 9.97 -26.56 47.58
C PRO E 26 11.28 -27.35 47.55
N GLY E 27 11.21 -28.58 47.06
CA GLY E 27 12.38 -29.46 47.03
C GLY E 27 12.22 -30.58 48.04
N ILE E 28 11.42 -30.33 49.06
CA ILE E 28 11.15 -31.34 50.09
C ILE E 28 9.87 -32.10 49.77
N VAL E 29 9.36 -31.91 48.56
CA VAL E 29 8.15 -32.60 48.11
C VAL E 29 8.42 -33.27 46.77
N ASN E 30 9.68 -33.26 46.34
CA ASN E 30 10.08 -33.78 45.04
C ASN E 30 10.09 -35.31 44.98
N ASN E 31 10.14 -35.94 46.14
CA ASN E 31 10.20 -37.41 46.21
C ASN E 31 8.83 -38.06 46.26
N ASN E 32 7.80 -37.27 46.03
CA ASN E 32 6.44 -37.77 45.99
C ASN E 32 5.58 -37.01 44.97
N PRO E 33 4.66 -37.73 44.30
CA PRO E 33 3.67 -37.09 43.44
C PRO E 33 2.92 -36.02 44.22
N PHE E 34 2.71 -34.85 43.64
CA PHE E 34 2.24 -33.71 44.40
C PHE E 34 1.45 -32.71 43.54
N TYR E 35 0.45 -32.07 44.13
CA TYR E 35 -0.52 -31.27 43.39
C TYR E 35 -0.45 -29.77 43.67
N ILE E 36 -0.84 -28.98 42.68
CA ILE E 36 -0.92 -27.54 42.81
C ILE E 36 -2.32 -27.04 42.45
N LEU E 37 -3.02 -26.45 43.42
CA LEU E 37 -4.36 -25.94 43.20
C LEU E 37 -4.32 -24.43 42.91
N PHE E 38 -4.96 -24.01 41.82
CA PHE E 38 -4.91 -22.61 41.40
C PHE E 38 -6.11 -22.18 40.56
N THR E 39 -6.18 -20.88 40.29
CA THR E 39 -7.21 -20.30 39.45
C THR E 39 -6.64 -19.09 38.71
N VAL E 40 -7.29 -18.68 37.63
CA VAL E 40 -6.80 -17.55 36.84
C VAL E 40 -7.67 -16.30 37.01
N ASN E 41 -7.02 -15.14 36.98
CA ASN E 41 -7.70 -13.86 37.14
C ASN E 41 -8.66 -13.56 36.00
N THR E 42 -8.30 -14.02 34.80
CA THR E 42 -9.13 -13.80 33.62
C THR E 42 -9.09 -15.00 32.68
N THR E 43 -10.23 -15.27 32.02
CA THR E 43 -10.36 -16.39 31.10
C THR E 43 -9.40 -16.23 29.93
N GLY E 44 -8.77 -17.34 29.52
CA GLY E 44 -7.86 -17.28 28.40
C GLY E 44 -6.94 -18.48 28.26
N ILE E 45 -6.19 -18.52 27.16
CA ILE E 45 -5.27 -19.60 26.89
C ILE E 45 -3.96 -19.41 27.66
N TYR E 46 -3.51 -20.47 28.32
CA TYR E 46 -2.28 -20.41 29.11
C TYR E 46 -1.26 -21.49 28.71
N LYS E 47 0.01 -21.12 28.80
CA LYS E 47 1.12 -22.05 28.66
C LYS E 47 1.68 -22.35 30.05
N ILE E 48 1.75 -23.63 30.38
CA ILE E 48 2.19 -24.05 31.71
C ILE E 48 3.29 -25.10 31.58
N ASN E 49 4.44 -24.86 32.22
CA ASN E 49 5.55 -25.80 32.06
C ASN E 49 6.54 -25.81 33.20
N ALA E 50 7.23 -26.94 33.38
CA ALA E 50 8.34 -26.99 34.31
C ALA E 50 9.52 -26.25 33.68
N GLN E 51 10.59 -26.07 34.47
CA GLN E 51 11.70 -25.20 34.07
C GLN E 51 12.24 -25.45 32.66
N ASN E 52 12.62 -26.69 32.38
CA ASN E 52 13.07 -27.06 31.04
C ASN E 52 12.09 -28.02 30.39
N ASN E 53 10.80 -27.72 30.57
CA ASN E 53 9.71 -28.59 30.14
C ASN E 53 9.81 -29.97 30.77
N LEU E 54 10.46 -30.02 31.93
CA LEU E 54 10.77 -31.29 32.58
C LEU E 54 10.59 -31.15 34.09
N PRO E 55 9.70 -31.97 34.68
CA PRO E 55 8.95 -33.05 34.03
C PRO E 55 7.68 -32.59 33.31
N SER E 56 7.02 -33.53 32.63
CA SER E 56 5.74 -33.26 32.00
C SER E 56 4.63 -33.18 33.04
N LEU E 57 3.61 -32.38 32.76
CA LEU E 57 2.57 -32.14 33.74
C LEU E 57 1.18 -32.59 33.26
N LYS E 58 0.31 -32.88 34.22
CA LYS E 58 -1.09 -33.16 33.93
C LYS E 58 -1.95 -32.08 34.58
N ILE E 59 -3.01 -31.68 33.90
CA ILE E 59 -3.89 -30.65 34.44
C ILE E 59 -5.33 -31.12 34.56
N TYR E 60 -5.94 -30.82 35.71
CA TYR E 60 -7.29 -31.27 36.00
C TYR E 60 -8.23 -30.09 36.22
N GLU E 61 -9.47 -30.24 35.75
CA GLU E 61 -10.51 -29.27 36.00
C GLU E 61 -11.23 -29.64 37.30
N ALA E 62 -11.40 -28.65 38.18
CA ALA E 62 -12.05 -28.88 39.45
C ALA E 62 -13.28 -28.00 39.66
N ILE E 63 -14.43 -28.66 39.76
CA ILE E 63 -15.69 -27.97 40.01
C ILE E 63 -15.95 -27.94 41.51
N GLY E 64 -16.32 -26.77 42.02
CA GLY E 64 -16.58 -26.61 43.46
C GLY E 64 -18.04 -26.86 43.82
N ASP E 79 -14.09 -29.82 49.72
CA ASP E 79 -15.35 -30.40 49.24
C ASP E 79 -15.59 -30.06 47.79
N ILE E 80 -15.44 -31.05 46.93
CA ILE E 80 -15.55 -30.86 45.49
C ILE E 80 -16.69 -31.67 44.90
N LYS E 81 -17.29 -31.15 43.83
CA LYS E 81 -18.36 -31.85 43.15
C LYS E 81 -17.81 -32.81 42.12
N ALA E 82 -16.88 -32.31 41.30
CA ALA E 82 -16.29 -33.11 40.24
C ALA E 82 -14.85 -32.72 39.94
N ILE E 83 -14.05 -33.71 39.56
CA ILE E 83 -12.72 -33.47 39.02
C ILE E 83 -12.63 -34.12 37.65
N ASN E 84 -12.12 -33.38 36.67
CA ASN E 84 -11.97 -33.92 35.32
C ASN E 84 -10.59 -33.67 34.73
N TYR E 85 -9.95 -34.76 34.30
CA TYR E 85 -8.68 -34.68 33.60
C TYR E 85 -8.88 -33.88 32.32
N ILE E 86 -8.00 -32.91 32.08
CA ILE E 86 -8.08 -32.10 30.88
C ILE E 86 -7.07 -32.56 29.84
N THR E 87 -5.79 -32.45 30.18
CA THR E 87 -4.72 -32.87 29.28
C THR E 87 -3.42 -33.12 30.05
N GLY E 88 -2.47 -33.75 29.38
CA GLY E 88 -1.17 -34.03 29.98
C GLY E 88 -0.96 -35.51 30.24
N PHE E 89 0.29 -35.92 30.33
CA PHE E 89 0.63 -37.32 30.55
C PHE E 89 1.71 -37.45 31.62
N ASP E 90 2.19 -38.67 31.82
CA ASP E 90 3.22 -38.92 32.83
C ASP E 90 4.28 -39.89 32.36
N SER E 91 5.17 -39.42 31.49
CA SER E 91 6.30 -40.22 31.05
C SER E 91 7.57 -39.62 31.64
N PRO E 92 8.34 -40.43 32.38
CA PRO E 92 9.57 -39.93 32.99
C PRO E 92 10.57 -39.48 31.92
N ASN E 93 11.27 -38.38 32.19
CA ASN E 93 12.26 -37.82 31.27
C ASN E 93 11.67 -37.40 29.92
N ALA E 94 10.37 -37.17 29.88
CA ALA E 94 9.71 -36.74 28.65
C ALA E 94 9.34 -35.27 28.74
N LYS E 95 9.99 -34.45 27.92
CA LYS E 95 9.74 -33.01 27.92
C LYS E 95 8.40 -32.67 27.28
N SER E 96 7.65 -31.76 27.91
CA SER E 96 6.40 -31.26 27.34
C SER E 96 5.98 -29.97 28.01
N TYR E 97 5.09 -29.23 27.36
CA TYR E 97 4.43 -28.09 28.01
C TYR E 97 2.95 -28.04 27.68
N LEU E 98 2.14 -27.49 28.57
CA LEU E 98 0.70 -27.50 28.37
C LEU E 98 0.14 -26.18 27.80
N VAL E 99 -0.78 -26.32 26.86
CA VAL E 99 -1.53 -25.18 26.34
C VAL E 99 -3.01 -25.42 26.60
N VAL E 100 -3.59 -24.64 27.51
CA VAL E 100 -4.97 -24.91 27.93
C VAL E 100 -5.84 -23.66 28.03
N LEU E 101 -7.07 -23.77 27.57
CA LEU E 101 -8.05 -22.73 27.82
C LEU E 101 -8.49 -22.83 29.27
N LEU E 102 -8.27 -21.75 30.02
CA LEU E 102 -8.63 -21.71 31.43
C LEU E 102 -9.73 -20.69 31.70
N ASN E 103 -10.78 -21.13 32.39
CA ASN E 103 -11.88 -20.28 32.79
C ASN E 103 -11.68 -19.77 34.22
N LYS E 104 -12.08 -18.53 34.47
CA LYS E 104 -11.82 -17.90 35.76
C LYS E 104 -12.76 -18.36 36.87
N ASP E 105 -13.84 -19.06 36.51
CA ASP E 105 -14.83 -19.48 37.49
C ASP E 105 -14.45 -20.80 38.14
N LYS E 106 -13.72 -21.63 37.40
CA LYS E 106 -13.44 -22.98 37.85
C LYS E 106 -12.12 -23.03 38.61
N ASN E 107 -11.83 -24.18 39.21
CA ASN E 107 -10.54 -24.37 39.85
C ASN E 107 -9.70 -25.34 39.04
N TYR E 108 -8.39 -25.37 39.27
CA TYR E 108 -7.53 -26.25 38.49
C TYR E 108 -6.44 -26.91 39.32
N TYR E 109 -6.20 -28.18 39.04
CA TYR E 109 -5.14 -28.94 39.68
C TYR E 109 -4.02 -29.16 38.68
N ILE E 110 -2.78 -29.16 39.17
CA ILE E 110 -1.64 -29.58 38.36
C ILE E 110 -0.91 -30.70 39.09
N ARG E 111 -0.81 -31.85 38.45
CA ARG E 111 -0.14 -32.99 39.06
C ARG E 111 1.30 -33.09 38.61
N VAL E 112 2.20 -32.70 39.50
CA VAL E 112 3.62 -32.87 39.27
C VAL E 112 4.03 -34.24 39.79
N PRO E 113 4.63 -35.07 38.93
CA PRO E 113 5.14 -36.37 39.36
C PRO E 113 6.40 -36.19 40.20
N GLN E 114 7.13 -37.28 40.41
CA GLN E 114 8.30 -37.24 41.27
C GLN E 114 9.57 -36.87 40.51
N THR E 115 10.20 -35.78 40.94
CA THR E 115 11.52 -35.44 40.44
C THR E 115 12.53 -36.29 41.19
N SER E 116 12.83 -37.46 40.63
CA SER E 116 13.82 -38.36 41.21
C SER E 116 15.22 -37.80 41.03
N SER E 117 15.34 -36.49 41.24
CA SER E 117 16.58 -35.75 41.14
C SER E 117 16.36 -34.48 41.96
N ASN E 118 17.10 -34.34 43.04
CA ASN E 118 16.83 -33.27 43.99
C ASN E 118 17.37 -31.89 43.56
N ILE E 119 17.05 -31.52 42.33
CA ILE E 119 17.21 -30.14 41.88
C ILE E 119 15.87 -29.45 42.00
N GLU E 120 15.89 -28.18 42.35
CA GLU E 120 14.66 -27.42 42.57
C GLU E 120 14.02 -26.95 41.26
N ASN E 121 12.77 -27.33 41.05
CA ASN E 121 12.08 -27.04 39.80
C ASN E 121 11.11 -25.87 39.91
N GLN E 122 10.80 -25.26 38.77
CA GLN E 122 9.87 -24.14 38.73
C GLN E 122 8.75 -24.38 37.73
N ILE E 123 7.53 -24.00 38.13
CA ILE E 123 6.38 -24.04 37.24
C ILE E 123 6.07 -22.64 36.72
N GLN E 124 6.08 -22.50 35.41
CA GLN E 124 5.82 -21.24 34.75
C GLN E 124 4.43 -21.23 34.12
N PHE E 125 3.67 -20.20 34.48
CA PHE E 125 2.36 -19.93 33.90
C PHE E 125 2.47 -18.66 33.07
N LYS E 126 2.02 -18.71 31.83
CA LYS E 126 2.05 -17.52 30.98
C LYS E 126 0.82 -17.43 30.10
N ARG E 127 0.08 -16.32 30.22
CA ARG E 127 -1.10 -16.10 29.38
C ARG E 127 -0.66 -15.77 27.96
N GLU E 128 -1.27 -16.45 26.99
CA GLU E 128 -0.90 -16.29 25.60
C GLU E 128 -2.06 -15.72 24.78
N GLU E 129 -1.79 -14.65 24.04
CA GLU E 129 -2.82 -14.01 23.23
C GLU E 129 -2.63 -14.32 21.75
N GLY E 130 -1.65 -15.16 21.43
CA GLY E 130 -1.27 -15.41 20.06
C GLY E 130 -1.63 -16.77 19.49
N ASP E 131 -0.95 -17.13 18.41
CA ASP E 131 -1.21 -18.36 17.65
C ASP E 131 -1.30 -19.65 18.46
N LEU E 132 -0.71 -19.65 19.65
CA LEU E 132 -0.63 -20.85 20.48
C LEU E 132 -2.02 -21.40 20.83
N ARG E 133 -3.04 -20.59 20.63
CA ARG E 133 -4.42 -20.99 20.90
C ARG E 133 -4.91 -22.03 19.91
N ASN E 134 -4.12 -22.25 18.86
CA ASN E 134 -4.36 -23.35 17.94
C ASN E 134 -4.13 -24.70 18.62
N LEU E 135 -3.36 -24.68 19.71
CA LEU E 135 -2.89 -25.90 20.36
C LEU E 135 -3.70 -26.34 21.59
N MET E 136 -4.84 -25.71 21.82
CA MET E 136 -5.66 -26.02 22.99
C MET E 136 -6.71 -27.09 22.66
N ASN E 137 -6.94 -28.02 23.58
CA ASN E 137 -6.10 -28.21 24.76
C ASN E 137 -5.20 -29.40 24.53
N SER E 138 -3.90 -29.24 24.77
CA SER E 138 -2.98 -30.34 24.56
C SER E 138 -1.63 -30.14 25.22
N SER E 139 -0.95 -31.25 25.45
CA SER E 139 0.46 -31.22 25.81
C SER E 139 1.23 -31.09 24.50
N VAL E 140 2.37 -30.41 24.56
CA VAL E 140 3.24 -30.25 23.40
C VAL E 140 4.56 -30.89 23.76
N ASN E 141 4.87 -32.00 23.09
CA ASN E 141 6.07 -32.77 23.33
C ASN E 141 7.32 -32.18 22.68
N ILE E 142 8.32 -31.82 23.48
CA ILE E 142 9.57 -31.34 22.93
C ILE E 142 10.38 -32.51 22.40
N ILE E 143 10.65 -32.50 21.10
CA ILE E 143 11.48 -33.51 20.46
C ILE E 143 12.87 -32.95 20.15
N ASP E 144 13.91 -33.59 20.68
CA ASP E 144 15.26 -33.04 20.59
C ASP E 144 16.35 -34.05 20.18
N ASN E 145 15.95 -35.11 19.49
CA ASN E 145 16.91 -36.12 19.05
C ASN E 145 16.91 -36.38 17.55
N LEU E 146 16.38 -35.42 16.79
CA LEU E 146 16.40 -35.49 15.33
C LEU E 146 17.72 -34.95 14.79
N ASN E 147 18.79 -35.71 14.99
CA ASN E 147 20.12 -35.27 14.56
C ASN E 147 20.45 -35.69 13.14
N SER E 148 19.62 -36.56 12.56
CA SER E 148 19.97 -37.19 11.30
C SER E 148 18.77 -37.58 10.45
N THR E 149 19.06 -38.06 9.25
CA THR E 149 18.09 -38.74 8.42
C THR E 149 17.86 -40.12 9.01
N GLY E 150 16.78 -40.79 8.62
CA GLY E 150 16.48 -42.11 9.14
C GLY E 150 15.21 -42.12 9.97
N ALA E 151 14.94 -43.24 10.63
CA ALA E 151 13.69 -43.41 11.36
C ALA E 151 13.78 -43.03 12.83
N HIS E 152 12.76 -42.34 13.32
CA HIS E 152 12.63 -42.00 14.72
C HIS E 152 11.17 -42.19 15.14
N TYR E 153 10.95 -42.62 16.38
CA TYR E 153 9.59 -42.72 16.90
C TYR E 153 9.50 -42.35 18.37
N TYR E 154 8.30 -41.97 18.80
CA TYR E 154 8.08 -41.42 20.13
C TYR E 154 6.73 -41.90 20.69
N THR E 155 6.79 -42.54 21.85
CA THR E 155 5.59 -43.13 22.44
C THR E 155 5.11 -42.34 23.65
N ARG E 156 3.83 -41.98 23.64
CA ARG E 156 3.23 -41.27 24.75
C ARG E 156 1.89 -41.91 25.11
N GLN E 157 1.30 -41.49 26.23
CA GLN E 157 -0.05 -41.92 26.55
C GLN E 157 -1.02 -41.25 25.58
N SER E 158 -1.83 -42.06 24.91
CA SER E 158 -2.75 -41.54 23.90
C SER E 158 -3.92 -40.80 24.53
N PRO E 159 -4.27 -39.64 23.95
CA PRO E 159 -5.48 -38.92 24.36
C PRO E 159 -6.71 -39.66 23.89
N ASP E 160 -7.87 -39.35 24.45
CA ASP E 160 -9.12 -39.92 24.01
C ASP E 160 -9.50 -39.35 22.65
N VAL E 161 -10.50 -39.95 22.01
CA VAL E 161 -11.01 -39.44 20.74
C VAL E 161 -11.46 -37.99 20.91
N HIS E 162 -11.22 -37.17 19.88
CA HIS E 162 -11.51 -35.73 19.88
C HIS E 162 -10.55 -34.90 20.74
N ASP E 163 -9.66 -35.57 21.47
CA ASP E 163 -8.66 -34.86 22.27
C ASP E 163 -7.32 -34.76 21.54
N TYR E 164 -6.46 -33.86 22.02
CA TYR E 164 -5.28 -33.47 21.27
C TYR E 164 -3.94 -33.80 21.94
N ILE E 165 -2.95 -34.12 21.11
CA ILE E 165 -1.56 -34.22 21.56
C ILE E 165 -0.64 -33.64 20.48
N SER E 166 0.28 -32.78 20.90
CA SER E 166 1.13 -32.05 19.95
C SER E 166 2.62 -32.42 20.04
N TYR E 167 3.36 -32.07 18.99
CA TYR E 167 4.78 -32.40 18.91
C TYR E 167 5.59 -31.27 18.28
N GLU E 168 6.53 -30.72 19.04
CA GLU E 168 7.42 -29.68 18.54
C GLU E 168 8.78 -30.27 18.18
N PHE E 169 9.16 -30.17 16.91
CA PHE E 169 10.43 -30.76 16.46
C PHE E 169 11.20 -29.88 15.49
N THR E 170 12.51 -30.11 15.41
CA THR E 170 13.38 -29.32 14.55
C THR E 170 14.04 -30.19 13.48
N ILE E 171 13.94 -29.76 12.23
CA ILE E 171 14.61 -30.47 11.14
C ILE E 171 16.13 -30.35 11.29
N PRO E 172 16.84 -31.47 11.18
CA PRO E 172 18.30 -31.45 11.29
C PRO E 172 18.96 -30.73 10.12
N GLY E 173 20.15 -30.19 10.36
CA GLY E 173 20.87 -29.49 9.31
C GLY E 173 20.92 -27.99 9.53
N ASN E 174 21.72 -27.32 8.70
CA ASN E 174 21.89 -25.88 8.77
C ASN E 174 20.76 -25.16 8.03
N PHE E 175 20.24 -24.09 8.62
CA PHE E 175 19.18 -23.32 7.97
C PHE E 175 19.74 -22.28 7.01
N ASN E 176 19.31 -22.34 5.75
CA ASN E 176 19.72 -21.37 4.76
C ASN E 176 18.53 -20.90 3.92
N ASN E 177 17.34 -21.11 4.46
CA ASN E 177 16.09 -20.70 3.80
C ASN E 177 15.92 -21.37 2.44
N LYS E 178 16.59 -22.51 2.27
CA LYS E 178 16.60 -23.19 0.99
C LYS E 178 16.71 -24.70 1.16
N ASP E 179 17.75 -25.14 1.87
CA ASP E 179 17.99 -26.57 2.08
C ASP E 179 16.77 -27.24 2.72
N THR E 180 16.47 -28.44 2.25
CA THR E 180 15.20 -29.06 2.59
C THR E 180 15.32 -30.59 2.75
N SER E 181 14.56 -31.13 3.70
CA SER E 181 14.54 -32.57 3.95
C SER E 181 13.15 -33.15 3.77
N ASN E 182 13.09 -34.40 3.34
CA ASN E 182 11.82 -35.10 3.18
C ASN E 182 11.37 -35.73 4.50
N ILE E 183 10.23 -35.26 5.00
CA ILE E 183 9.73 -35.67 6.31
C ILE E 183 8.48 -36.54 6.20
N ARG E 184 8.56 -37.74 6.76
CA ARG E 184 7.40 -38.62 6.83
C ARG E 184 6.89 -38.72 8.27
N LEU E 185 5.68 -38.23 8.50
CA LEU E 185 5.07 -38.26 9.82
C LEU E 185 3.93 -39.27 9.81
N TYR E 186 3.96 -40.23 10.74
CA TYR E 186 2.88 -41.22 10.78
C TYR E 186 2.67 -41.88 12.15
N THR E 187 1.59 -42.61 12.31
CA THR E 187 1.33 -43.32 13.56
C THR E 187 1.18 -44.83 13.35
N SER E 188 1.43 -45.59 14.40
CA SER E 188 1.46 -47.05 14.28
C SER E 188 0.07 -47.70 14.35
N TYR E 189 -0.73 -47.30 15.34
CA TYR E 189 -1.98 -48.00 15.60
C TYR E 189 -3.22 -47.10 15.69
N ASN E 190 -3.09 -45.98 16.40
CA ASN E 190 -4.20 -45.05 16.54
C ASN E 190 -4.32 -44.11 15.35
N GLN E 191 -5.54 -43.91 14.87
CA GLN E 191 -5.78 -42.98 13.78
C GLN E 191 -5.99 -41.57 14.34
N GLY E 192 -5.49 -40.57 13.62
CA GLY E 192 -5.65 -39.20 14.03
C GLY E 192 -5.52 -38.20 12.89
N ILE E 193 -6.08 -37.02 13.08
CA ILE E 193 -5.96 -35.95 12.10
C ILE E 193 -4.82 -35.02 12.49
N GLY E 194 -3.91 -34.79 11.56
CA GLY E 194 -2.75 -33.95 11.83
C GLY E 194 -2.84 -32.56 11.23
N THR E 195 -2.35 -31.59 11.99
CA THR E 195 -2.25 -30.22 11.51
C THR E 195 -0.82 -29.73 11.69
N LEU E 196 -0.13 -29.48 10.58
CA LEU E 196 1.29 -29.14 10.61
C LEU E 196 1.51 -27.63 10.48
N PHE E 197 2.19 -27.08 11.49
CA PHE E 197 2.51 -25.65 11.55
C PHE E 197 4.01 -25.42 11.52
N ARG E 198 4.42 -24.26 11.02
CA ARG E 198 5.80 -23.80 11.22
C ARG E 198 5.86 -22.76 12.34
N VAL E 199 6.89 -22.86 13.17
CA VAL E 199 7.03 -21.99 14.32
C VAL E 199 8.02 -20.84 14.08
N THR E 200 7.61 -19.63 14.43
CA THR E 200 8.53 -18.52 14.56
C THR E 200 8.36 -17.97 15.97
N GLU E 201 9.32 -17.18 16.44
CA GLU E 201 9.31 -16.74 17.82
C GLU E 201 9.76 -15.29 17.99
N THR E 202 9.02 -14.55 18.80
CA THR E 202 9.42 -13.20 19.19
C THR E 202 9.41 -13.11 20.71
N ILE E 203 9.59 -11.90 21.24
CA ILE E 203 9.56 -11.71 22.68
C ILE E 203 8.15 -11.95 23.23
N ASP E 204 7.15 -11.81 22.35
CA ASP E 204 5.75 -11.99 22.75
C ASP E 204 5.31 -13.45 22.59
N GLY E 205 6.27 -14.33 22.32
CA GLY E 205 6.00 -15.75 22.26
C GLY E 205 5.97 -16.34 20.87
N TYR E 206 5.26 -17.45 20.73
CA TYR E 206 5.23 -18.21 19.47
C TYR E 206 4.24 -17.66 18.44
N ASN E 207 4.66 -17.73 17.18
CA ASN E 207 3.74 -17.54 16.06
C ASN E 207 3.69 -18.85 15.27
N LEU E 208 2.49 -19.25 14.85
CA LEU E 208 2.32 -20.50 14.11
C LEU E 208 1.88 -20.25 12.68
N ILE E 209 2.60 -20.84 11.74
CA ILE E 209 2.26 -20.69 10.33
C ILE E 209 1.75 -22.01 9.75
N ASN E 210 0.55 -21.97 9.17
CA ASN E 210 -0.09 -23.15 8.64
C ASN E 210 0.57 -23.66 7.37
N ILE E 211 1.19 -24.83 7.43
CA ILE E 211 1.76 -25.43 6.23
C ILE E 211 1.01 -26.68 5.74
N GLN E 212 0.32 -27.38 6.64
CA GLN E 212 -0.53 -28.48 6.17
C GLN E 212 -1.71 -28.78 7.07
N GLN E 213 -2.85 -29.13 6.46
CA GLN E 213 -4.04 -29.49 7.23
C GLN E 213 -4.59 -30.85 6.81
N ASN E 214 -5.50 -31.38 7.63
CA ASN E 214 -6.21 -32.63 7.34
C ASN E 214 -5.29 -33.78 7.00
N LEU E 215 -4.24 -33.94 7.80
CA LEU E 215 -3.28 -35.02 7.60
C LEU E 215 -3.73 -36.27 8.35
N HIS E 216 -4.04 -37.33 7.60
CA HIS E 216 -4.41 -38.61 8.20
C HIS E 216 -3.16 -39.40 8.56
N LEU E 217 -2.98 -39.66 9.85
CA LEU E 217 -1.69 -40.06 10.39
C LEU E 217 -1.43 -41.57 10.44
N LEU E 218 -2.48 -42.37 10.53
CA LEU E 218 -2.32 -43.82 10.60
C LEU E 218 -1.72 -44.38 9.32
N ASN E 219 -0.44 -44.74 9.39
CA ASN E 219 0.31 -45.27 8.24
C ASN E 219 0.38 -44.32 7.05
N ASN E 220 0.53 -43.03 7.33
CA ASN E 220 0.68 -42.02 6.29
C ASN E 220 1.93 -42.27 5.47
N THR E 221 1.75 -42.55 4.19
CA THR E 221 2.87 -42.80 3.30
C THR E 221 3.30 -41.51 2.60
N ASN E 222 2.47 -40.48 2.75
CA ASN E 222 2.77 -39.18 2.15
C ASN E 222 3.82 -38.41 2.94
N SER E 223 4.84 -37.93 2.23
CA SER E 223 5.91 -37.17 2.86
C SER E 223 5.74 -35.69 2.55
N ILE E 224 6.54 -34.85 3.20
CA ILE E 224 6.49 -33.41 2.96
C ILE E 224 7.86 -32.78 3.16
N ARG E 225 8.26 -31.92 2.23
CA ARG E 225 9.58 -31.30 2.29
C ARG E 225 9.59 -30.08 3.20
N LEU E 226 10.38 -30.17 4.28
CA LEU E 226 10.47 -29.10 5.26
C LEU E 226 11.88 -28.52 5.32
N LEU E 227 11.98 -27.25 5.68
CA LEU E 227 13.26 -26.54 5.69
C LEU E 227 14.18 -27.03 6.79
N ASN E 228 15.42 -27.35 6.42
CA ASN E 228 16.45 -27.73 7.38
C ASN E 228 16.68 -26.61 8.39
N GLY E 229 16.79 -26.97 9.66
CA GLY E 229 17.03 -26.00 10.72
C GLY E 229 15.79 -25.24 11.16
N ALA E 230 14.68 -25.42 10.45
CA ALA E 230 13.43 -24.80 10.84
C ALA E 230 12.72 -25.58 11.94
N ILE E 231 11.82 -24.90 12.64
CA ILE E 231 11.10 -25.50 13.75
C ILE E 231 9.63 -25.66 13.40
N TYR E 232 9.07 -26.83 13.74
CA TYR E 232 7.70 -27.15 13.38
C TYR E 232 6.89 -27.76 14.54
N ILE E 233 5.56 -27.67 14.43
CA ILE E 233 4.69 -28.31 15.41
C ILE E 233 3.57 -29.08 14.71
N LEU E 234 3.43 -30.35 15.06
CA LEU E 234 2.34 -31.18 14.57
C LEU E 234 1.29 -31.37 15.65
N LYS E 235 0.08 -30.89 15.39
CA LYS E 235 -1.04 -31.07 16.30
C LYS E 235 -1.80 -32.31 15.88
N VAL E 236 -2.08 -33.19 16.83
CA VAL E 236 -2.77 -34.44 16.54
C VAL E 236 -4.12 -34.57 17.26
N GLU E 237 -5.18 -34.71 16.50
CA GLU E 237 -6.50 -34.98 17.05
C GLU E 237 -6.82 -36.46 16.90
N VAL E 238 -6.77 -37.19 18.02
CA VAL E 238 -7.08 -38.62 18.00
C VAL E 238 -8.54 -38.83 17.58
N THR E 239 -8.73 -39.60 16.51
CA THR E 239 -10.06 -39.86 15.98
C THR E 239 -10.45 -41.33 16.10
N GLU E 240 -9.48 -42.16 16.49
CA GLU E 240 -9.71 -43.59 16.63
C GLU E 240 -8.71 -44.21 17.60
N LEU E 241 -9.19 -44.57 18.78
CA LEU E 241 -8.34 -45.08 19.85
C LEU E 241 -8.25 -46.61 19.83
N ASN E 242 -7.24 -47.14 19.16
CA ASN E 242 -7.06 -48.59 19.06
C ASN E 242 -5.91 -49.09 19.94
N ASN E 243 -5.25 -48.16 20.63
CA ASN E 243 -4.14 -48.51 21.51
C ASN E 243 -3.99 -47.51 22.65
N TYR E 244 -3.58 -48.00 23.82
CA TYR E 244 -3.43 -47.15 24.99
C TYR E 244 -2.36 -46.09 24.77
N ASN E 245 -1.31 -46.47 24.05
CA ASN E 245 -0.23 -45.55 23.70
C ASN E 245 -0.34 -45.06 22.27
N ILE E 246 0.06 -43.81 22.05
CA ILE E 246 0.22 -43.30 20.70
C ILE E 246 1.70 -43.25 20.35
N ARG E 247 2.03 -43.75 19.16
CA ARG E 247 3.42 -43.79 18.71
C ARG E 247 3.58 -42.96 17.44
N LEU E 248 4.28 -41.84 17.55
CA LEU E 248 4.52 -40.98 16.40
C LEU E 248 5.91 -41.21 15.79
N HIS E 249 5.91 -41.65 14.54
CA HIS E 249 7.13 -41.81 13.76
C HIS E 249 7.42 -40.56 12.93
N ILE E 250 8.66 -40.08 13.05
CA ILE E 250 9.17 -39.00 12.24
C ILE E 250 10.38 -39.51 11.47
N ASP E 251 10.14 -40.03 10.27
CA ASP E 251 11.21 -40.58 9.44
C ASP E 251 11.75 -39.53 8.49
N ILE E 252 13.07 -39.35 8.48
CA ILE E 252 13.67 -38.30 7.67
C ILE E 252 14.55 -38.87 6.56
N THR E 253 14.26 -38.46 5.33
CA THR E 253 15.10 -38.78 4.18
C THR E 253 15.56 -37.49 3.51
N ASN E 254 16.47 -37.60 2.54
CA ASN E 254 17.00 -36.43 1.87
C ASN E 254 16.97 -36.56 0.35
N ARG F 6 15.96 -17.40 30.37
CA ARG F 6 15.39 -17.10 29.06
C ARG F 6 16.10 -17.88 27.96
N THR F 7 15.32 -18.65 27.19
CA THR F 7 15.87 -19.44 26.10
C THR F 7 15.90 -18.64 24.79
N PHE F 8 15.05 -17.62 24.71
CA PHE F 8 14.98 -16.77 23.53
C PHE F 8 16.09 -15.73 23.55
N LEU F 9 17.12 -15.96 22.73
CA LEU F 9 18.27 -15.05 22.60
C LEU F 9 18.80 -14.54 23.94
N PRO F 10 19.49 -15.41 24.69
CA PRO F 10 20.04 -15.02 25.99
C PRO F 10 21.11 -13.94 25.87
N ASN F 11 21.32 -13.20 26.96
CA ASN F 11 22.31 -12.12 26.98
C ASN F 11 23.73 -12.64 26.84
N GLY F 12 24.58 -11.87 26.18
CA GLY F 12 25.98 -12.24 26.05
C GLY F 12 26.62 -11.90 24.71
N ASN F 13 27.84 -12.36 24.51
CA ASN F 13 28.60 -12.02 23.31
C ASN F 13 28.29 -12.93 22.13
N TYR F 14 28.12 -12.31 20.96
CA TYR F 14 27.74 -13.04 19.75
C TYR F 14 28.55 -12.63 18.52
N ASN F 15 28.71 -13.57 17.60
CA ASN F 15 29.09 -13.26 16.23
C ASN F 15 27.81 -13.11 15.42
N ILE F 16 27.76 -12.10 14.57
CA ILE F 16 26.60 -11.92 13.69
C ILE F 16 27.00 -12.21 12.25
N LYS F 17 26.23 -13.08 11.59
CA LYS F 17 26.54 -13.48 10.23
C LYS F 17 25.29 -13.47 9.36
N SER F 18 25.48 -13.39 8.04
CA SER F 18 24.38 -13.57 7.12
C SER F 18 24.21 -15.05 6.83
N ILE F 19 23.00 -15.46 6.44
CA ILE F 19 22.79 -16.86 6.09
C ILE F 19 23.41 -17.19 4.73
N PHE F 20 23.82 -16.15 4.01
CA PHE F 20 24.50 -16.33 2.72
C PHE F 20 25.89 -16.92 2.90
N SER F 21 26.53 -16.61 4.02
CA SER F 21 27.87 -17.13 4.27
C SER F 21 28.13 -17.43 5.75
N GLY F 22 28.82 -18.54 6.01
CA GLY F 22 29.16 -18.91 7.37
C GLY F 22 30.58 -18.53 7.73
N SER F 23 31.21 -17.72 6.90
CA SER F 23 32.60 -17.32 7.12
C SER F 23 32.78 -15.80 7.13
N LEU F 24 31.69 -15.07 6.92
CA LEU F 24 31.77 -13.61 6.98
C LEU F 24 31.06 -13.06 8.22
N TYR F 25 31.77 -12.20 8.94
CA TYR F 25 31.35 -11.72 10.25
C TYR F 25 31.08 -10.23 10.22
N LEU F 26 30.00 -9.80 10.86
CA LEU F 26 29.65 -8.40 10.90
C LEU F 26 30.66 -7.60 11.71
N ASN F 27 31.16 -6.52 11.11
CA ASN F 27 32.06 -5.60 11.78
C ASN F 27 31.94 -4.17 11.22
N PRO F 28 32.27 -3.16 12.05
CA PRO F 28 32.27 -1.78 11.60
C PRO F 28 33.49 -1.44 10.75
N VAL F 29 33.26 -0.93 9.54
CA VAL F 29 34.34 -0.47 8.68
C VAL F 29 34.03 0.92 8.15
N SER F 30 34.68 1.93 8.72
CA SER F 30 34.51 3.32 8.32
C SER F 30 33.05 3.77 8.34
N LYS F 31 32.53 3.95 9.56
CA LYS F 31 31.16 4.43 9.78
C LYS F 31 30.05 3.46 9.35
N SER F 32 30.34 2.60 8.38
CA SER F 32 29.37 1.61 7.90
C SER F 32 29.59 0.26 8.56
N LEU F 33 28.58 -0.61 8.42
CA LEU F 33 28.66 -1.98 8.94
C LEU F 33 28.71 -2.95 7.76
N THR F 34 29.60 -3.94 7.83
CA THR F 34 29.76 -4.87 6.72
C THR F 34 30.26 -6.23 7.18
N PHE F 35 30.10 -7.24 6.33
CA PHE F 35 30.53 -8.60 6.67
C PHE F 35 31.90 -8.92 6.07
N SER F 36 32.88 -9.16 6.93
CA SER F 36 34.27 -9.35 6.50
C SER F 36 34.84 -10.71 6.91
N ASN F 37 36.06 -11.00 6.45
CA ASN F 37 36.74 -12.24 6.84
C ASN F 37 36.94 -12.31 8.36
N GLU F 38 37.01 -13.54 8.89
CA GLU F 38 37.20 -13.73 10.33
C GLU F 38 38.48 -13.05 10.79
N SER F 39 38.36 -12.24 11.84
CA SER F 39 39.48 -11.44 12.32
C SER F 39 39.96 -11.88 13.70
N SER F 40 39.09 -12.60 14.42
CA SER F 40 39.36 -13.03 15.79
C SER F 40 39.63 -11.84 16.71
N ALA F 41 39.13 -10.68 16.32
CA ALA F 41 39.29 -9.46 17.09
C ALA F 41 37.98 -9.03 17.73
N ASN F 42 38.07 -8.14 18.71
CA ASN F 42 36.90 -7.69 19.46
C ASN F 42 35.81 -7.02 18.62
N ASN F 43 36.18 -6.41 17.51
CA ASN F 43 35.22 -5.67 16.69
C ASN F 43 34.25 -6.57 15.92
N GLN F 44 34.45 -7.88 16.02
CA GLN F 44 33.54 -8.84 15.40
C GLN F 44 32.69 -9.55 16.46
N LYS F 45 32.81 -9.09 17.71
CA LYS F 45 32.04 -9.63 18.81
C LYS F 45 30.97 -8.65 19.25
N TRP F 46 29.77 -9.14 19.51
CA TRP F 46 28.65 -8.27 19.84
C TRP F 46 27.93 -8.67 21.13
N ASN F 47 27.89 -7.73 22.07
CA ASN F 47 27.19 -7.93 23.34
C ASN F 47 25.71 -7.63 23.21
N VAL F 48 24.90 -8.68 23.22
CA VAL F 48 23.45 -8.55 23.15
C VAL F 48 22.85 -8.53 24.55
N GLU F 49 22.03 -7.51 24.83
CA GLU F 49 21.35 -7.37 26.11
C GLU F 49 19.86 -7.08 25.95
N TYR F 50 19.05 -7.79 26.70
CA TYR F 50 17.60 -7.58 26.71
C TYR F 50 17.25 -6.41 27.62
N MET F 51 16.29 -5.60 27.19
CA MET F 51 15.79 -4.50 28.01
C MET F 51 14.33 -4.74 28.36
N ALA F 52 14.09 -5.10 29.62
CA ALA F 52 12.74 -5.45 30.09
C ALA F 52 11.78 -4.26 30.01
N GLU F 53 12.32 -3.06 30.21
CA GLU F 53 11.50 -1.85 30.24
C GLU F 53 10.90 -1.52 28.87
N ASN F 54 11.57 -1.94 27.81
CA ASN F 54 11.11 -1.65 26.45
C ASN F 54 10.72 -2.92 25.70
N ARG F 55 10.95 -4.07 26.33
CA ARG F 55 10.74 -5.37 25.71
C ARG F 55 11.40 -5.46 24.33
N CYS F 56 12.69 -5.17 24.32
CA CYS F 56 13.48 -5.21 23.09
C CYS F 56 14.93 -5.56 23.44
N PHE F 57 15.82 -5.46 22.46
CA PHE F 57 17.22 -5.75 22.69
C PHE F 57 18.12 -4.61 22.20
N LYS F 58 19.20 -4.37 22.92
CA LYS F 58 20.27 -3.52 22.40
C LYS F 58 21.53 -4.34 22.22
N ILE F 59 22.28 -4.03 21.17
CA ILE F 59 23.47 -4.77 20.80
C ILE F 59 24.65 -3.83 20.69
N SER F 60 25.64 -4.00 21.58
CA SER F 60 26.83 -3.17 21.54
C SER F 60 27.99 -3.92 20.93
N ASN F 61 29.01 -3.19 20.49
CA ASN F 61 30.24 -3.80 20.00
C ASN F 61 31.23 -3.89 21.16
N VAL F 62 31.83 -5.05 21.36
CA VAL F 62 32.67 -5.24 22.54
C VAL F 62 33.99 -4.46 22.46
N ALA F 63 34.34 -4.02 21.26
CA ALA F 63 35.52 -3.17 21.09
C ALA F 63 35.17 -1.70 21.33
N GLU F 64 33.89 -1.37 21.19
CA GLU F 64 33.37 -0.05 21.49
C GLU F 64 32.08 -0.17 22.28
N PRO F 65 32.19 -0.44 23.59
CA PRO F 65 31.07 -0.79 24.47
C PRO F 65 29.99 0.28 24.58
N ASN F 66 30.33 1.52 24.25
CA ASN F 66 29.38 2.61 24.30
C ASN F 66 28.74 2.83 22.94
N LYS F 67 29.16 2.02 21.97
CA LYS F 67 28.61 2.06 20.62
C LYS F 67 27.61 0.94 20.42
N TYR F 68 26.43 1.28 19.90
CA TYR F 68 25.38 0.30 19.66
C TYR F 68 24.98 0.28 18.20
N LEU F 69 24.39 -0.84 17.79
CA LEU F 69 23.79 -0.99 16.47
C LEU F 69 22.56 -0.09 16.37
N SER F 70 22.64 0.90 15.50
CA SER F 70 21.56 1.86 15.30
C SER F 70 21.35 2.06 13.81
N TYR F 71 20.69 3.14 13.42
CA TYR F 71 20.55 3.47 12.02
C TYR F 71 20.52 4.98 11.79
N ASP F 72 21.01 5.41 10.63
CA ASP F 72 20.99 6.83 10.30
C ASP F 72 19.72 7.25 9.55
N ASN F 73 19.71 8.46 9.04
CA ASN F 73 18.54 9.01 8.37
C ASN F 73 18.41 8.57 6.92
N PHE F 74 19.26 7.64 6.49
CA PHE F 74 19.27 7.21 5.11
C PHE F 74 19.25 5.69 4.96
N GLY F 75 18.78 5.01 6.00
CA GLY F 75 18.56 3.57 5.94
C GLY F 75 19.81 2.72 6.02
N PHE F 76 20.89 3.28 6.57
CA PHE F 76 22.10 2.52 6.82
C PHE F 76 22.19 2.18 8.30
N ILE F 77 22.62 0.96 8.61
CA ILE F 77 22.91 0.61 9.99
C ILE F 77 24.21 1.29 10.39
N SER F 78 24.27 1.84 11.60
CA SER F 78 25.46 2.54 12.06
C SER F 78 25.86 2.10 13.45
N LEU F 79 27.06 2.49 13.88
CA LEU F 79 27.46 2.35 15.27
C LEU F 79 27.35 3.73 15.91
N ASP F 80 26.56 3.86 16.95
CA ASP F 80 26.34 5.18 17.54
C ASP F 80 25.96 5.12 19.02
N SER F 81 25.89 6.27 19.66
CA SER F 81 25.51 6.36 21.06
C SER F 81 24.10 5.84 21.27
N LEU F 82 23.73 5.65 22.54
CA LEU F 82 22.44 5.10 22.87
C LEU F 82 21.29 6.07 22.55
N SER F 83 20.28 5.55 21.85
CA SER F 83 19.09 6.31 21.51
C SER F 83 17.97 5.33 21.16
N ASN F 84 16.79 5.86 20.81
CA ASN F 84 15.65 5.00 20.49
C ASN F 84 15.80 4.25 19.16
N ARG F 85 16.89 4.53 18.47
CA ARG F 85 17.18 3.87 17.20
C ARG F 85 18.00 2.61 17.43
N CYS F 86 18.38 2.38 18.68
CA CYS F 86 19.24 1.24 19.03
C CYS F 86 18.43 0.03 19.50
N TYR F 87 17.12 0.18 19.52
CA TYR F 87 16.24 -0.86 20.06
C TYR F 87 15.80 -1.84 18.98
N TRP F 88 15.97 -3.13 19.25
CA TRP F 88 15.66 -4.14 18.25
C TRP F 88 14.69 -5.23 18.72
N PHE F 89 13.83 -5.64 17.79
CA PHE F 89 12.81 -6.65 18.03
C PHE F 89 13.08 -7.84 17.12
N PRO F 90 13.74 -8.87 17.67
CA PRO F 90 14.12 -10.07 16.90
C PRO F 90 12.97 -11.04 16.67
N ILE F 91 12.96 -11.68 15.51
CA ILE F 91 12.04 -12.76 15.20
C ILE F 91 12.84 -13.99 14.85
N LYS F 92 12.79 -15.00 15.72
CA LYS F 92 13.51 -16.25 15.49
C LYS F 92 12.71 -17.13 14.53
N ILE F 93 13.32 -17.46 13.39
CA ILE F 93 12.64 -18.23 12.35
C ILE F 93 13.26 -19.61 12.16
N ALA F 94 14.38 -19.83 12.83
CA ALA F 94 15.10 -21.10 12.76
C ALA F 94 16.11 -21.19 13.91
N VAL F 95 16.83 -22.31 13.97
CA VAL F 95 17.74 -22.64 15.08
C VAL F 95 18.52 -21.46 15.67
N ASN F 96 19.32 -20.81 14.84
CA ASN F 96 20.06 -19.62 15.27
C ASN F 96 19.85 -18.45 14.33
N THR F 97 18.73 -18.46 13.63
CA THR F 97 18.46 -17.46 12.59
C THR F 97 17.39 -16.45 13.01
N TYR F 98 17.71 -15.17 12.81
CA TYR F 98 16.81 -14.09 13.22
C TYR F 98 16.55 -13.06 12.13
N ILE F 99 15.35 -12.48 12.17
CA ILE F 99 15.08 -11.26 11.43
C ILE F 99 15.02 -10.14 12.45
N MET F 100 15.79 -9.08 12.23
CA MET F 100 15.90 -8.02 13.23
C MET F 100 15.08 -6.79 12.86
N LEU F 101 13.92 -6.64 13.52
CA LEU F 101 13.07 -5.49 13.26
C LEU F 101 13.48 -4.30 14.12
N SER F 102 13.25 -3.08 13.61
CA SER F 102 13.44 -1.89 14.42
C SER F 102 12.20 -1.72 15.29
N LEU F 103 12.38 -1.22 16.51
CA LEU F 103 11.24 -0.96 17.39
C LEU F 103 10.43 0.22 16.88
N ASN F 104 11.06 1.05 16.06
CA ASN F 104 10.41 2.19 15.45
C ASN F 104 9.68 1.85 14.14
N LYS F 105 8.44 2.29 14.05
CA LYS F 105 7.64 2.08 12.84
C LYS F 105 7.37 3.43 12.17
N VAL F 106 7.78 3.55 10.90
CA VAL F 106 7.40 4.70 10.10
C VAL F 106 6.41 4.23 9.03
N ASN F 107 5.39 5.03 8.78
CA ASN F 107 4.11 4.52 8.29
C ASN F 107 3.65 3.47 9.30
N GLU F 108 3.06 2.37 8.82
CA GLU F 108 2.83 1.22 9.69
C GLU F 108 3.88 0.15 9.37
N LEU F 109 4.78 0.51 8.45
CA LEU F 109 5.82 -0.39 7.96
C LEU F 109 6.77 -0.85 9.05
N ASP F 110 7.16 -2.12 8.99
CA ASP F 110 8.26 -2.62 9.80
C ASP F 110 9.54 -2.60 8.98
N TYR F 111 10.66 -2.36 9.64
CA TYR F 111 11.95 -2.33 8.96
C TYR F 111 12.91 -3.33 9.59
N ALA F 112 13.71 -3.97 8.76
CA ALA F 112 14.63 -5.01 9.21
C ALA F 112 16.01 -4.83 8.63
N TRP F 113 17.01 -5.42 9.29
CA TRP F 113 18.35 -5.49 8.77
C TRP F 113 18.31 -6.16 7.41
N ASP F 114 19.06 -5.63 6.46
CA ASP F 114 19.05 -6.17 5.10
C ASP F 114 20.43 -6.02 4.46
N ILE F 115 20.95 -7.14 3.97
CA ILE F 115 22.22 -7.11 3.26
C ILE F 115 22.01 -7.49 1.79
N TYR F 116 22.55 -6.66 0.90
CA TYR F 116 22.49 -6.96 -0.52
C TYR F 116 23.35 -8.18 -0.82
N ASP F 117 23.03 -8.87 -1.90
CA ASP F 117 23.85 -9.99 -2.35
C ASP F 117 23.99 -9.99 -3.87
N THR F 118 25.15 -10.43 -4.34
CA THR F 118 25.36 -10.62 -5.78
C THR F 118 25.57 -12.11 -6.01
N ASN F 119 24.50 -12.80 -6.36
CA ASN F 119 24.50 -14.26 -6.46
C ASN F 119 25.07 -14.89 -5.19
N GLU F 120 24.47 -14.52 -4.06
CA GLU F 120 24.82 -15.04 -2.74
C GLU F 120 26.16 -14.54 -2.19
N ASN F 121 26.78 -13.61 -2.92
CA ASN F 121 28.01 -12.97 -2.45
C ASN F 121 27.67 -11.64 -1.79
N ILE F 122 28.07 -11.47 -0.53
CA ILE F 122 27.71 -10.27 0.22
C ILE F 122 28.91 -9.35 0.50
N LEU F 123 30.07 -9.71 -0.03
CA LEU F 123 31.29 -8.94 0.21
C LEU F 123 31.18 -7.47 -0.22
N SER F 124 31.66 -6.59 0.66
CA SER F 124 31.68 -5.14 0.43
C SER F 124 30.30 -4.47 0.39
N GLN F 125 29.24 -5.23 0.63
CA GLN F 125 27.90 -4.67 0.71
C GLN F 125 27.63 -4.13 2.12
N PRO F 126 27.01 -2.95 2.20
CA PRO F 126 26.72 -2.32 3.50
C PRO F 126 25.40 -2.80 4.11
N LEU F 127 25.35 -2.92 5.43
CA LEU F 127 24.14 -3.36 6.13
C LEU F 127 23.12 -2.23 6.17
N LEU F 128 21.90 -2.52 5.72
CA LEU F 128 20.87 -1.50 5.62
C LEU F 128 19.67 -1.81 6.50
N LEU F 129 18.74 -0.86 6.56
CA LEU F 129 17.46 -1.05 7.24
C LEU F 129 16.37 -0.82 6.20
N LEU F 130 15.70 -1.90 5.81
CA LEU F 130 14.75 -1.85 4.70
C LEU F 130 13.39 -2.42 5.07
N PRO F 131 12.34 -2.04 4.32
CA PRO F 131 10.99 -2.57 4.54
C PRO F 131 10.94 -4.09 4.62
N ASN F 132 10.22 -4.59 5.63
CA ASN F 132 10.03 -6.02 5.81
C ASN F 132 8.56 -6.41 5.61
N PHE F 133 8.33 -7.45 4.83
CA PHE F 133 6.96 -7.84 4.48
C PHE F 133 6.63 -9.27 4.91
N ASP F 134 7.64 -10.10 5.09
CA ASP F 134 7.43 -11.50 5.46
C ASP F 134 8.68 -12.14 6.05
N ILE F 135 8.59 -13.42 6.36
CA ILE F 135 9.71 -14.15 6.95
C ILE F 135 10.40 -15.05 5.92
N TYR F 136 10.39 -14.62 4.65
CA TYR F 136 10.92 -15.46 3.58
C TYR F 136 11.98 -14.75 2.73
N ASN F 137 12.47 -13.61 3.22
CA ASN F 137 13.50 -12.85 2.51
C ASN F 137 14.90 -13.20 3.03
N SER F 138 15.67 -13.92 2.23
CA SER F 138 17.00 -14.38 2.65
C SER F 138 17.95 -13.24 3.01
N ASN F 139 17.78 -12.10 2.34
CA ASN F 139 18.61 -10.94 2.58
C ASN F 139 18.35 -10.28 3.93
N GLN F 140 17.34 -10.78 4.64
CA GLN F 140 16.98 -10.22 5.94
C GLN F 140 17.07 -11.27 7.05
N MET F 141 17.86 -12.31 6.81
CA MET F 141 18.02 -13.39 7.78
C MET F 141 19.46 -13.45 8.28
N PHE F 142 19.61 -13.50 9.60
CA PHE F 142 20.94 -13.44 10.19
C PHE F 142 21.14 -14.43 11.34
N LYS F 143 22.30 -15.08 11.34
CA LYS F 143 22.66 -15.99 12.41
C LYS F 143 23.41 -15.28 13.53
N LEU F 144 22.87 -15.41 14.75
CA LEU F 144 23.53 -14.89 15.94
C LEU F 144 24.12 -16.06 16.72
N GLU F 145 25.45 -16.18 16.70
CA GLU F 145 26.10 -17.32 17.31
C GLU F 145 26.86 -16.95 18.58
N LYS F 146 26.49 -17.60 19.69
CA LYS F 146 27.11 -17.34 20.98
C LYS F 146 28.59 -17.68 20.97
N ILE F 147 29.37 -16.90 21.70
CA ILE F 147 30.81 -17.14 21.84
C ILE F 147 31.27 -16.95 23.28
N GLU G 8 -53.84 -36.02 20.00
CA GLU G 8 -53.39 -34.81 20.69
C GLU G 8 -52.68 -35.15 22.00
N ASN G 9 -51.49 -35.72 21.90
CA ASN G 9 -50.72 -36.10 23.09
C ASN G 9 -50.06 -34.90 23.77
N ILE G 10 -50.50 -34.59 24.97
CA ILE G 10 -49.89 -33.52 25.76
C ILE G 10 -48.54 -33.97 26.30
N GLN G 11 -47.50 -33.23 25.96
CA GLN G 11 -46.17 -33.51 26.50
C GLN G 11 -45.82 -32.44 27.53
N GLU G 12 -44.80 -32.69 28.34
CA GLU G 12 -44.50 -31.77 29.43
C GLU G 12 -43.01 -31.57 29.68
N ILE G 13 -42.60 -30.30 29.74
CA ILE G 13 -41.28 -29.95 30.23
C ILE G 13 -41.36 -29.84 31.74
N ASN G 14 -40.95 -30.91 32.43
CA ASN G 14 -41.08 -30.99 33.88
C ASN G 14 -40.21 -29.97 34.60
N THR G 15 -39.12 -29.56 33.95
CA THR G 15 -38.19 -28.60 34.54
C THR G 15 -38.53 -27.18 34.15
N ALA G 16 -38.67 -26.31 35.15
CA ALA G 16 -38.88 -24.90 34.89
C ALA G 16 -37.67 -24.34 34.16
N ILE G 17 -37.89 -23.80 32.97
CA ILE G 17 -36.80 -23.37 32.11
C ILE G 17 -36.29 -21.97 32.45
N SER G 18 -35.02 -21.73 32.20
CA SER G 18 -34.39 -20.45 32.54
C SER G 18 -33.54 -19.91 31.39
N ASP G 19 -33.73 -18.64 31.07
CA ASP G 19 -32.95 -17.95 30.04
C ASP G 19 -32.99 -18.62 28.67
N ASN G 20 -32.43 -19.82 28.58
CA ASN G 20 -32.41 -20.56 27.32
C ASN G 20 -32.88 -22.00 27.47
N TYR G 21 -33.68 -22.46 26.53
CA TYR G 21 -34.06 -23.87 26.49
C TYR G 21 -34.36 -24.35 25.08
N THR G 22 -34.07 -25.62 24.83
CA THR G 22 -34.33 -26.25 23.55
C THR G 22 -35.10 -27.56 23.73
N TYR G 23 -36.25 -27.65 23.10
CA TYR G 23 -37.10 -28.85 23.19
C TYR G 23 -37.20 -29.53 21.84
N ASN G 24 -36.98 -30.83 21.79
CA ASN G 24 -37.04 -31.56 20.53
C ASN G 24 -38.39 -32.22 20.27
N ILE G 25 -39.00 -31.87 19.14
CA ILE G 25 -40.20 -32.56 18.68
C ILE G 25 -39.82 -33.99 18.35
N PRO G 26 -40.52 -34.97 18.95
CA PRO G 26 -40.21 -36.39 18.79
C PRO G 26 -40.17 -36.82 17.33
N GLY G 27 -41.15 -36.40 16.56
CA GLY G 27 -41.26 -36.79 15.16
C GLY G 27 -42.39 -37.78 14.96
N ILE G 28 -42.70 -38.54 16.01
CA ILE G 28 -43.79 -39.49 15.99
C ILE G 28 -45.09 -38.83 16.47
N VAL G 29 -45.04 -37.52 16.63
CA VAL G 29 -46.22 -36.75 17.04
C VAL G 29 -46.47 -35.63 16.03
N ASN G 30 -45.81 -35.73 14.88
CA ASN G 30 -45.90 -34.71 13.84
C ASN G 30 -47.18 -34.77 13.02
N ASN G 31 -47.82 -35.94 13.00
CA ASN G 31 -49.03 -36.13 12.21
C ASN G 31 -50.31 -35.72 12.95
N ASN G 32 -50.14 -35.09 14.11
CA ASN G 32 -51.27 -34.61 14.90
C ASN G 32 -50.97 -33.29 15.58
N PRO G 33 -52.00 -32.46 15.78
CA PRO G 33 -51.86 -31.27 16.63
C PRO G 33 -51.41 -31.71 18.01
N PHE G 34 -50.39 -31.06 18.55
CA PHE G 34 -49.79 -31.55 19.80
C PHE G 34 -49.30 -30.41 20.71
N TYR G 35 -49.36 -30.66 22.02
CA TYR G 35 -49.16 -29.60 23.01
C TYR G 35 -47.93 -29.79 23.90
N ILE G 36 -47.37 -28.67 24.34
CA ILE G 36 -46.23 -28.69 25.26
C ILE G 36 -46.51 -27.86 26.51
N LEU G 37 -46.52 -28.52 27.67
CA LEU G 37 -46.74 -27.83 28.94
C LEU G 37 -45.41 -27.42 29.56
N PHE G 38 -45.32 -26.16 29.98
CA PHE G 38 -44.10 -25.67 30.63
C PHE G 38 -44.36 -24.49 31.56
N THR G 39 -43.33 -24.16 32.33
CA THR G 39 -43.32 -23.00 33.20
C THR G 39 -41.93 -22.38 33.17
N VAL G 40 -41.80 -21.17 33.71
CA VAL G 40 -40.51 -20.47 33.68
C VAL G 40 -39.95 -20.25 35.08
N ASN G 41 -38.64 -20.30 35.20
CA ASN G 41 -37.95 -20.15 36.48
C ASN G 41 -38.15 -18.78 37.11
N THR G 42 -38.29 -17.76 36.26
CA THR G 42 -38.52 -16.40 36.74
C THR G 42 -39.41 -15.61 35.78
N THR G 43 -40.05 -14.57 36.29
CA THR G 43 -40.97 -13.76 35.50
C THR G 43 -40.22 -12.91 34.47
N GLY G 44 -40.75 -12.83 33.26
CA GLY G 44 -40.14 -11.99 32.25
C GLY G 44 -40.62 -12.21 30.82
N ILE G 45 -40.04 -11.45 29.90
CA ILE G 45 -40.38 -11.56 28.48
C ILE G 45 -39.54 -12.62 27.78
N TYR G 46 -40.20 -13.49 27.01
CA TYR G 46 -39.53 -14.57 26.31
C TYR G 46 -39.86 -14.60 24.82
N LYS G 47 -38.89 -15.10 24.05
CA LYS G 47 -39.05 -15.36 22.63
C LYS G 47 -39.13 -16.88 22.43
N ILE G 48 -40.15 -17.32 21.71
CA ILE G 48 -40.40 -18.74 21.52
C ILE G 48 -40.59 -19.02 20.03
N ASN G 49 -39.86 -20.00 19.49
CA ASN G 49 -39.96 -20.25 18.05
C ASN G 49 -39.61 -21.66 17.62
N ALA G 50 -40.17 -22.11 16.50
CA ALA G 50 -39.72 -23.34 15.87
C ALA G 50 -38.36 -23.10 15.21
N GLN G 51 -37.78 -24.12 14.61
CA GLN G 51 -36.42 -24.05 14.09
C GLN G 51 -36.16 -22.88 13.15
N ASN G 52 -36.85 -22.87 12.00
CA ASN G 52 -36.78 -21.74 11.09
C ASN G 52 -38.05 -20.91 11.18
N ASN G 53 -38.52 -20.70 12.41
CA ASN G 53 -39.79 -20.04 12.68
C ASN G 53 -40.95 -20.75 11.97
N LEU G 54 -40.79 -22.06 11.80
CA LEU G 54 -41.72 -22.86 11.03
C LEU G 54 -41.94 -24.21 11.71
N PRO G 55 -43.20 -24.52 12.08
CA PRO G 55 -44.40 -23.73 11.79
C PRO G 55 -44.67 -22.66 12.85
N SER G 56 -45.80 -21.97 12.71
CA SER G 56 -46.23 -20.98 13.68
C SER G 56 -46.84 -21.67 14.90
N LEU G 57 -46.55 -21.13 16.08
CA LEU G 57 -47.02 -21.74 17.33
C LEU G 57 -48.11 -20.91 17.98
N LYS G 58 -48.91 -21.55 18.83
CA LYS G 58 -49.85 -20.79 19.66
C LYS G 58 -49.47 -20.94 21.12
N ILE G 59 -49.73 -19.92 21.93
CA ILE G 59 -49.44 -20.04 23.37
C ILE G 59 -50.65 -19.74 24.25
N TYR G 60 -50.85 -20.59 25.26
CA TYR G 60 -52.00 -20.51 26.15
C TYR G 60 -51.60 -20.35 27.60
N GLU G 61 -52.39 -19.59 28.34
CA GLU G 61 -52.17 -19.39 29.77
C GLU G 61 -53.06 -20.34 30.58
N ALA G 62 -52.50 -20.97 31.60
CA ALA G 62 -53.25 -21.92 32.41
C ALA G 62 -53.16 -21.65 33.91
N ILE G 63 -54.32 -21.46 34.54
CA ILE G 63 -54.44 -21.24 35.97
C ILE G 63 -54.75 -22.56 36.65
N GLY G 64 -54.01 -22.88 37.72
CA GLY G 64 -54.24 -24.11 38.44
C GLY G 64 -55.21 -23.96 39.60
N ASP G 79 -56.80 -31.08 37.19
CA ASP G 79 -57.58 -30.03 37.84
C ASP G 79 -57.08 -28.62 37.51
N ILE G 80 -57.71 -28.02 36.50
CA ILE G 80 -57.35 -26.68 36.06
C ILE G 80 -58.55 -25.76 36.18
N LYS G 81 -58.28 -24.48 36.42
CA LYS G 81 -59.34 -23.50 36.63
C LYS G 81 -59.68 -22.74 35.36
N ALA G 82 -58.66 -22.29 34.64
CA ALA G 82 -58.89 -21.49 33.44
C ALA G 82 -57.78 -21.65 32.40
N ILE G 83 -58.17 -21.61 31.13
CA ILE G 83 -57.20 -21.61 30.03
C ILE G 83 -57.49 -20.44 29.10
N ASN G 84 -56.56 -19.51 29.01
CA ASN G 84 -56.72 -18.35 28.13
C ASN G 84 -55.71 -18.32 27.00
N TYR G 85 -56.21 -18.15 25.77
CA TYR G 85 -55.36 -17.92 24.62
C TYR G 85 -54.61 -16.61 24.81
N ILE G 86 -53.31 -16.63 24.53
CA ILE G 86 -52.49 -15.43 24.69
C ILE G 86 -52.19 -14.80 23.33
N THR G 87 -51.45 -15.54 22.50
CA THR G 87 -51.10 -15.06 21.17
C THR G 87 -50.59 -16.20 20.28
N GLY G 88 -50.36 -15.87 19.01
CA GLY G 88 -49.97 -16.86 18.02
C GLY G 88 -51.13 -17.19 17.12
N PHE G 89 -50.85 -17.84 15.99
CA PHE G 89 -51.89 -18.21 15.04
C PHE G 89 -51.58 -19.56 14.38
N ASP G 90 -52.42 -19.97 13.44
CA ASP G 90 -52.24 -21.25 12.78
C ASP G 90 -52.45 -21.17 11.27
N SER G 91 -51.54 -20.50 10.58
CA SER G 91 -51.53 -20.50 9.13
C SER G 91 -50.44 -21.45 8.64
N PRO G 92 -50.82 -22.42 7.80
CA PRO G 92 -49.84 -23.37 7.24
C PRO G 92 -48.82 -22.65 6.38
N ASN G 93 -47.57 -23.11 6.45
CA ASN G 93 -46.45 -22.49 5.72
C ASN G 93 -46.29 -21.01 6.02
N ALA G 94 -46.49 -20.62 7.28
CA ALA G 94 -46.34 -19.23 7.68
C ALA G 94 -45.28 -19.10 8.77
N LYS G 95 -44.20 -18.40 8.46
CA LYS G 95 -43.12 -18.20 9.42
C LYS G 95 -43.48 -17.16 10.46
N SER G 96 -43.13 -17.43 11.72
CA SER G 96 -43.40 -16.48 12.81
C SER G 96 -42.65 -16.86 14.08
N TYR G 97 -42.55 -15.91 15.01
CA TYR G 97 -42.07 -16.24 16.36
C TYR G 97 -42.83 -15.46 17.44
N LEU G 98 -42.94 -16.03 18.63
CA LEU G 98 -43.73 -15.42 19.68
C LEU G 98 -42.89 -14.62 20.68
N VAL G 99 -43.40 -13.47 21.09
CA VAL G 99 -42.77 -12.66 22.12
C VAL G 99 -43.80 -12.39 23.20
N VAL G 100 -43.60 -12.99 24.38
CA VAL G 100 -44.64 -13.03 25.39
C VAL G 100 -44.16 -12.70 26.81
N LEU G 101 -45.06 -12.16 27.62
CA LEU G 101 -44.78 -11.97 29.04
C LEU G 101 -45.21 -13.21 29.82
N LEU G 102 -44.23 -13.92 30.37
CA LEU G 102 -44.50 -15.13 31.14
C LEU G 102 -44.26 -14.93 32.63
N ASN G 103 -45.24 -15.31 33.44
CA ASN G 103 -45.15 -15.24 34.89
C ASN G 103 -44.74 -16.59 35.44
N LYS G 104 -43.91 -16.60 36.48
CA LYS G 104 -43.39 -17.85 37.02
C LYS G 104 -44.42 -18.62 37.87
N ASP G 105 -45.54 -17.96 38.17
CA ASP G 105 -46.56 -18.58 39.03
C ASP G 105 -47.55 -19.45 38.25
N LYS G 106 -47.79 -19.10 36.98
CA LYS G 106 -48.82 -19.75 36.19
C LYS G 106 -48.23 -20.82 35.27
N ASN G 107 -49.11 -21.58 34.61
CA ASN G 107 -48.64 -22.61 33.68
C ASN G 107 -48.88 -22.19 32.24
N TYR G 108 -48.15 -22.78 31.31
CA TYR G 108 -48.28 -22.40 29.91
C TYR G 108 -48.30 -23.57 28.94
N TYR G 109 -49.24 -23.52 27.99
CA TYR G 109 -49.31 -24.52 26.95
C TYR G 109 -48.80 -23.93 25.64
N ILE G 110 -48.21 -24.77 24.81
CA ILE G 110 -47.86 -24.40 23.44
C ILE G 110 -48.54 -25.36 22.47
N ARG G 111 -49.39 -24.81 21.62
CA ARG G 111 -49.98 -25.62 20.56
C ARG G 111 -49.11 -25.58 19.31
N VAL G 112 -48.63 -26.77 18.94
CA VAL G 112 -47.91 -26.99 17.71
C VAL G 112 -48.85 -27.71 16.77
N PRO G 113 -49.06 -27.15 15.57
CA PRO G 113 -49.94 -27.81 14.59
C PRO G 113 -49.24 -29.03 14.01
N GLN G 114 -49.83 -29.61 12.97
CA GLN G 114 -49.24 -30.78 12.33
C GLN G 114 -48.15 -30.37 11.35
N THR G 115 -46.92 -30.80 11.64
CA THR G 115 -45.86 -30.67 10.67
C THR G 115 -46.10 -31.73 9.61
N SER G 116 -46.85 -31.39 8.57
CA SER G 116 -47.10 -32.31 7.47
C SER G 116 -45.84 -32.52 6.64
N SER G 117 -44.74 -32.78 7.34
CA SER G 117 -43.42 -32.95 6.77
C SER G 117 -42.57 -33.54 7.88
N ASN G 118 -42.23 -34.82 7.75
CA ASN G 118 -41.59 -35.55 8.84
C ASN G 118 -40.11 -35.23 9.03
N ILE G 119 -39.79 -33.94 9.12
CA ILE G 119 -38.47 -33.52 9.58
C ILE G 119 -38.60 -33.13 11.04
N GLU G 120 -37.57 -33.40 11.83
CA GLU G 120 -37.60 -33.12 13.26
C GLU G 120 -37.41 -31.62 13.56
N ASN G 121 -38.39 -31.05 14.27
CA ASN G 121 -38.36 -29.64 14.61
C ASN G 121 -37.89 -29.41 16.05
N GLN G 122 -37.45 -28.19 16.33
CA GLN G 122 -37.03 -27.82 17.68
C GLN G 122 -37.70 -26.53 18.12
N ILE G 123 -38.14 -26.49 19.36
CA ILE G 123 -38.69 -25.29 19.96
C ILE G 123 -37.64 -24.60 20.82
N GLN G 124 -37.35 -23.35 20.48
CA GLN G 124 -36.37 -22.55 21.19
C GLN G 124 -37.06 -21.53 22.09
N PHE G 125 -36.67 -21.54 23.35
CA PHE G 125 -37.14 -20.58 24.35
C PHE G 125 -35.96 -19.72 24.74
N LYS G 126 -36.14 -18.40 24.72
CA LYS G 126 -35.05 -17.49 25.06
C LYS G 126 -35.53 -16.25 25.81
N ARG G 127 -34.98 -16.01 26.99
CA ARG G 127 -35.36 -14.83 27.77
C ARG G 127 -34.81 -13.56 27.13
N GLU G 128 -35.66 -12.54 26.98
CA GLU G 128 -35.26 -11.30 26.34
C GLU G 128 -35.08 -10.16 27.34
N GLU G 129 -33.91 -9.54 27.31
CA GLU G 129 -33.56 -8.45 28.21
C GLU G 129 -33.46 -7.12 27.46
N GLY G 130 -33.53 -7.18 26.13
CA GLY G 130 -33.29 -6.01 25.30
C GLY G 130 -34.54 -5.36 24.72
N ASP G 131 -34.42 -4.83 23.50
CA ASP G 131 -35.49 -4.07 22.87
C ASP G 131 -36.67 -4.92 22.43
N LEU G 132 -36.46 -6.23 22.31
CA LEU G 132 -37.51 -7.14 21.85
C LEU G 132 -38.71 -7.13 22.80
N ARG G 133 -38.47 -6.68 24.04
CA ARG G 133 -39.53 -6.52 25.04
C ARG G 133 -40.62 -5.56 24.56
N ASN G 134 -40.30 -4.72 23.58
CA ASN G 134 -41.28 -3.82 22.99
C ASN G 134 -42.36 -4.56 22.19
N LEU G 135 -42.18 -5.87 22.01
CA LEU G 135 -43.05 -6.65 21.13
C LEU G 135 -44.04 -7.55 21.87
N MET G 136 -44.05 -7.48 23.20
CA MET G 136 -44.96 -8.31 23.99
C MET G 136 -46.34 -7.67 24.13
N ASN G 137 -47.41 -8.47 24.03
CA ASN G 137 -47.34 -9.85 23.58
C ASN G 137 -47.87 -9.94 22.16
N SER G 138 -47.11 -10.54 21.27
CA SER G 138 -47.56 -10.70 19.88
C SER G 138 -46.80 -11.78 19.13
N SER G 139 -47.44 -12.29 18.08
CA SER G 139 -46.76 -13.12 17.11
C SER G 139 -46.09 -12.20 16.08
N VAL G 140 -44.87 -12.56 15.68
CA VAL G 140 -44.13 -11.79 14.71
C VAL G 140 -44.03 -12.58 13.41
N ASN G 141 -44.83 -12.18 12.42
CA ASN G 141 -44.80 -12.78 11.10
C ASN G 141 -43.53 -12.44 10.34
N ILE G 142 -42.83 -13.47 9.87
CA ILE G 142 -41.65 -13.24 9.03
C ILE G 142 -42.08 -13.09 7.57
N ILE G 143 -41.84 -11.91 7.02
CA ILE G 143 -42.15 -11.65 5.62
C ILE G 143 -40.89 -11.74 4.76
N ASP G 144 -40.92 -12.64 3.77
CA ASP G 144 -39.75 -12.93 2.97
C ASP G 144 -40.00 -12.93 1.46
N ASN G 145 -41.11 -12.31 1.05
CA ASN G 145 -41.47 -12.28 -0.37
C ASN G 145 -41.52 -10.87 -0.95
N LEU G 146 -40.92 -9.91 -0.26
CA LEU G 146 -40.79 -8.55 -0.79
C LEU G 146 -39.61 -8.50 -1.75
N ASN G 147 -39.82 -9.03 -2.96
CA ASN G 147 -38.75 -9.12 -3.95
C ASN G 147 -38.72 -7.91 -4.88
N SER G 148 -39.82 -7.17 -4.92
CA SER G 148 -39.97 -6.10 -5.90
C SER G 148 -40.92 -5.00 -5.46
N THR G 149 -41.08 -4.00 -6.31
CA THR G 149 -42.10 -2.98 -6.12
C THR G 149 -43.46 -3.58 -6.45
N GLY G 150 -44.52 -2.86 -6.14
CA GLY G 150 -45.87 -3.36 -6.36
C GLY G 150 -46.61 -3.56 -5.05
N ALA G 151 -47.73 -4.26 -5.11
CA ALA G 151 -48.56 -4.49 -3.93
C ALA G 151 -48.32 -5.86 -3.32
N HIS G 152 -48.24 -5.91 -1.99
CA HIS G 152 -48.19 -7.17 -1.28
C HIS G 152 -49.19 -7.10 -0.14
N TYR G 153 -49.79 -8.24 0.20
CA TYR G 153 -50.69 -8.30 1.35
C TYR G 153 -50.63 -9.65 2.05
N TYR G 154 -50.96 -9.63 3.33
CA TYR G 154 -50.79 -10.79 4.19
C TYR G 154 -51.97 -10.95 5.13
N THR G 155 -52.65 -12.09 5.01
CA THR G 155 -53.88 -12.33 5.75
C THR G 155 -53.63 -13.30 6.91
N ARG G 156 -53.83 -12.83 8.12
CA ARG G 156 -53.73 -13.68 9.31
C ARG G 156 -55.03 -13.57 10.08
N GLN G 157 -55.16 -14.36 11.15
CA GLN G 157 -56.31 -14.23 12.03
C GLN G 157 -56.09 -13.02 12.93
N SER G 158 -57.07 -12.13 12.97
CA SER G 158 -56.94 -10.89 13.72
C SER G 158 -56.97 -11.09 15.22
N PRO G 159 -56.09 -10.38 15.95
CA PRO G 159 -56.12 -10.38 17.41
C PRO G 159 -57.33 -9.59 17.89
N ASP G 160 -57.72 -9.77 19.15
CA ASP G 160 -58.81 -9.00 19.72
C ASP G 160 -58.39 -7.55 19.92
N VAL G 161 -59.34 -6.72 20.33
CA VAL G 161 -59.05 -5.32 20.60
C VAL G 161 -58.05 -5.23 21.76
N HIS G 162 -57.12 -4.28 21.64
CA HIS G 162 -56.03 -4.07 22.60
C HIS G 162 -54.95 -5.16 22.54
N ASP G 163 -55.05 -6.06 21.59
CA ASP G 163 -54.02 -7.09 21.40
C ASP G 163 -53.14 -6.80 20.20
N TYR G 164 -51.98 -7.45 20.14
CA TYR G 164 -50.96 -7.10 19.15
C TYR G 164 -50.66 -8.18 18.11
N ILE G 165 -50.33 -7.73 16.91
CA ILE G 165 -49.77 -8.59 15.88
C ILE G 165 -48.63 -7.85 15.16
N SER G 166 -47.49 -8.52 15.00
CA SER G 166 -46.30 -7.87 14.47
C SER G 166 -45.80 -8.47 13.16
N TYR G 167 -45.00 -7.68 12.45
CA TYR G 167 -44.50 -8.07 11.13
C TYR G 167 -43.05 -7.66 10.94
N GLU G 168 -42.18 -8.63 10.73
CA GLU G 168 -40.78 -8.34 10.40
C GLU G 168 -40.59 -8.47 8.90
N PHE G 169 -40.15 -7.39 8.26
CA PHE G 169 -39.98 -7.39 6.81
C PHE G 169 -38.73 -6.64 6.35
N THR G 170 -38.27 -6.97 5.16
CA THR G 170 -37.06 -6.38 4.59
C THR G 170 -37.37 -5.64 3.29
N ILE G 171 -36.90 -4.40 3.20
CA ILE G 171 -37.10 -3.61 2.00
C ILE G 171 -36.27 -4.20 0.86
N PRO G 172 -36.92 -4.47 -0.28
CA PRO G 172 -36.23 -5.04 -1.45
C PRO G 172 -35.16 -4.09 -1.98
N GLY G 173 -34.11 -4.65 -2.58
CA GLY G 173 -33.02 -3.86 -3.12
C GLY G 173 -31.76 -3.94 -2.30
N ASN G 174 -30.67 -3.38 -2.83
CA ASN G 174 -29.39 -3.40 -2.13
C ASN G 174 -29.30 -2.25 -1.13
N PHE G 175 -28.59 -2.48 -0.03
CA PHE G 175 -28.45 -1.45 1.00
C PHE G 175 -27.19 -0.62 0.80
N ASN G 176 -27.35 0.70 0.85
CA ASN G 176 -26.20 1.60 0.77
C ASN G 176 -26.38 2.84 1.64
N ASN G 177 -27.26 2.72 2.65
CA ASN G 177 -27.51 3.82 3.59
C ASN G 177 -28.01 5.08 2.90
N LYS G 178 -28.56 4.91 1.69
CA LYS G 178 -28.99 6.04 0.89
C LYS G 178 -30.22 5.70 0.07
N ASP G 179 -30.10 4.67 -0.76
CA ASP G 179 -31.21 4.21 -1.60
C ASP G 179 -32.41 3.89 -0.73
N THR G 180 -33.58 4.31 -1.21
CA THR G 180 -34.76 4.28 -0.37
C THR G 180 -36.02 4.01 -1.20
N SER G 181 -37.02 3.40 -0.58
CA SER G 181 -38.27 3.07 -1.24
C SER G 181 -39.46 3.64 -0.50
N ASN G 182 -40.47 4.06 -1.26
CA ASN G 182 -41.71 4.56 -0.69
C ASN G 182 -42.58 3.39 -0.23
N ILE G 183 -42.89 3.36 1.05
CA ILE G 183 -43.62 2.24 1.65
C ILE G 183 -44.98 2.67 2.17
N ARG G 184 -46.04 2.04 1.67
CA ARG G 184 -47.38 2.29 2.17
C ARG G 184 -47.88 1.06 2.92
N LEU G 185 -48.07 1.23 4.23
CA LEU G 185 -48.55 0.16 5.10
C LEU G 185 -49.99 0.45 5.48
N TYR G 186 -50.90 -0.48 5.20
CA TYR G 186 -52.31 -0.24 5.51
C TYR G 186 -53.17 -1.49 5.61
N THR G 187 -54.18 -1.46 6.47
CA THR G 187 -55.10 -2.60 6.61
C THR G 187 -56.36 -2.43 5.76
N SER G 188 -57.03 -3.55 5.49
CA SER G 188 -58.21 -3.54 4.63
C SER G 188 -59.50 -3.22 5.38
N TYR G 189 -59.77 -3.95 6.45
CA TYR G 189 -61.03 -3.82 7.17
C TYR G 189 -60.89 -3.45 8.64
N ASN G 190 -59.94 -4.07 9.33
CA ASN G 190 -59.74 -3.81 10.75
C ASN G 190 -58.87 -2.59 11.01
N GLN G 191 -59.28 -1.78 11.99
CA GLN G 191 -58.51 -0.60 12.36
C GLN G 191 -57.50 -0.93 13.45
N GLY G 192 -56.32 -0.32 13.37
CA GLY G 192 -55.28 -0.56 14.35
C GLY G 192 -54.26 0.56 14.42
N ILE G 193 -53.48 0.57 15.49
CA ILE G 193 -52.41 1.55 15.68
C ILE G 193 -51.05 0.90 15.46
N GLY G 194 -50.27 1.48 14.56
CA GLY G 194 -48.98 0.92 14.20
C GLY G 194 -47.79 1.63 14.82
N THR G 195 -46.78 0.85 15.15
CA THR G 195 -45.52 1.37 15.67
C THR G 195 -44.38 0.75 14.87
N LEU G 196 -43.62 1.59 14.17
CA LEU G 196 -42.61 1.10 13.26
C LEU G 196 -41.20 1.17 13.86
N PHE G 197 -40.49 0.04 13.83
CA PHE G 197 -39.13 -0.02 14.35
C PHE G 197 -38.15 -0.37 13.24
N ARG G 198 -36.96 0.22 13.30
CA ARG G 198 -35.84 -0.20 12.46
C ARG G 198 -35.01 -1.21 13.25
N VAL G 199 -34.65 -2.32 12.62
CA VAL G 199 -33.96 -3.40 13.32
C VAL G 199 -32.46 -3.43 13.06
N THR G 200 -31.68 -3.40 14.14
CA THR G 200 -30.26 -3.70 14.08
C THR G 200 -29.99 -4.90 14.99
N GLU G 201 -28.93 -5.65 14.71
CA GLU G 201 -28.67 -6.88 15.46
C GLU G 201 -27.20 -7.07 15.81
N THR G 202 -26.97 -7.47 17.06
CA THR G 202 -25.63 -7.84 17.51
C THR G 202 -25.65 -9.29 17.98
N ILE G 203 -24.55 -9.73 18.58
CA ILE G 203 -24.46 -11.09 19.12
C ILE G 203 -25.44 -11.26 20.30
N ASP G 204 -25.86 -10.13 20.87
CA ASP G 204 -26.73 -10.15 22.05
C ASP G 204 -28.21 -10.00 21.69
N GLY G 205 -28.51 -9.91 20.40
CA GLY G 205 -29.88 -9.86 19.95
C GLY G 205 -30.27 -8.58 19.22
N TYR G 206 -31.57 -8.44 18.95
CA TYR G 206 -32.09 -7.30 18.22
C TYR G 206 -32.00 -6.00 19.00
N ASN G 207 -31.77 -4.91 18.28
CA ASN G 207 -32.01 -3.58 18.81
C ASN G 207 -33.12 -2.92 17.99
N LEU G 208 -34.03 -2.22 18.66
CA LEU G 208 -35.18 -1.63 17.99
C LEU G 208 -35.17 -0.10 18.03
N ILE G 209 -35.12 0.51 16.84
CA ILE G 209 -35.13 1.96 16.74
C ILE G 209 -36.50 2.48 16.32
N ASN G 210 -37.12 3.28 17.19
CA ASN G 210 -38.45 3.83 16.91
C ASN G 210 -38.37 4.93 15.85
N ILE G 211 -39.02 4.71 14.72
CA ILE G 211 -38.99 5.69 13.63
C ILE G 211 -40.35 6.35 13.39
N GLN G 212 -41.42 5.71 13.84
CA GLN G 212 -42.76 6.29 13.71
C GLN G 212 -43.77 5.64 14.67
N GLN G 213 -44.54 6.48 15.34
CA GLN G 213 -45.56 6.01 16.28
C GLN G 213 -46.94 6.49 15.85
N ASN G 214 -47.97 5.96 16.53
CA ASN G 214 -49.35 6.38 16.31
C ASN G 214 -49.80 6.36 14.86
N LEU G 215 -49.58 5.22 14.21
CA LEU G 215 -49.93 5.05 12.80
C LEU G 215 -51.26 4.34 12.64
N HIS G 216 -52.27 5.08 12.20
CA HIS G 216 -53.60 4.51 11.97
C HIS G 216 -53.64 3.80 10.62
N LEU G 217 -53.82 2.49 10.67
CA LEU G 217 -53.58 1.64 9.51
C LEU G 217 -54.75 1.45 8.54
N LEU G 218 -55.98 1.59 9.04
CA LEU G 218 -57.15 1.38 8.18
C LEU G 218 -57.19 2.37 7.01
N ASN G 219 -56.95 1.85 5.82
CA ASN G 219 -56.89 2.67 4.60
C ASN G 219 -55.91 3.83 4.69
N ASN G 220 -54.74 3.57 5.26
CA ASN G 220 -53.68 4.57 5.35
C ASN G 220 -53.16 4.91 3.96
N THR G 221 -53.21 6.18 3.61
CA THR G 221 -52.71 6.65 2.32
C THR G 221 -51.30 7.19 2.48
N ASN G 222 -50.94 7.48 3.73
CA ASN G 222 -49.64 8.04 4.06
C ASN G 222 -48.52 7.04 3.84
N SER G 223 -47.49 7.47 3.12
CA SER G 223 -46.34 6.62 2.83
C SER G 223 -45.13 7.08 3.63
N ILE G 224 -44.12 6.23 3.70
CA ILE G 224 -42.89 6.55 4.42
C ILE G 224 -41.69 5.95 3.69
N ARG G 225 -40.61 6.72 3.56
CA ARG G 225 -39.44 6.25 2.83
C ARG G 225 -38.51 5.45 3.72
N LEU G 226 -38.31 4.18 3.37
CA LEU G 226 -37.43 3.31 4.16
C LEU G 226 -36.22 2.87 3.35
N LEU G 227 -35.12 2.62 4.06
CA LEU G 227 -33.86 2.25 3.42
C LEU G 227 -33.95 0.88 2.74
N ASN G 228 -33.56 0.83 1.47
CA ASN G 228 -33.48 -0.43 0.75
C ASN G 228 -32.54 -1.40 1.45
N GLY G 229 -32.97 -2.66 1.57
CA GLY G 229 -32.16 -3.68 2.21
C GLY G 229 -32.18 -3.63 3.72
N ALA G 230 -32.82 -2.60 4.27
CA ALA G 230 -32.94 -2.49 5.72
C ALA G 230 -34.08 -3.35 6.26
N ILE G 231 -34.03 -3.64 7.56
CA ILE G 231 -34.99 -4.55 8.18
C ILE G 231 -35.86 -3.82 9.20
N TYR G 232 -37.16 -4.00 9.10
CA TYR G 232 -38.10 -3.29 9.97
C TYR G 232 -39.12 -4.22 10.63
N ILE G 233 -39.69 -3.74 11.73
CA ILE G 233 -40.78 -4.44 12.41
C ILE G 233 -41.95 -3.51 12.69
N LEU G 234 -43.10 -3.84 12.12
CA LEU G 234 -44.33 -3.10 12.40
C LEU G 234 -45.13 -3.81 13.48
N LYS G 235 -45.36 -3.13 14.59
CA LYS G 235 -46.19 -3.68 15.67
C LYS G 235 -47.57 -3.05 15.62
N VAL G 236 -48.60 -3.88 15.52
CA VAL G 236 -49.96 -3.39 15.37
C VAL G 236 -50.85 -3.74 16.56
N GLU G 237 -51.45 -2.73 17.16
CA GLU G 237 -52.47 -2.95 18.19
C GLU G 237 -53.85 -2.81 17.58
N VAL G 238 -54.64 -3.88 17.62
CA VAL G 238 -56.00 -3.84 17.10
C VAL G 238 -56.88 -2.96 17.98
N THR G 239 -57.52 -1.97 17.36
CA THR G 239 -58.38 -1.06 18.10
C THR G 239 -59.85 -1.24 17.72
N GLU G 240 -60.10 -1.85 16.57
CA GLU G 240 -61.46 -2.04 16.08
C GLU G 240 -61.56 -3.31 15.23
N LEU G 241 -62.36 -4.27 15.71
CA LEU G 241 -62.44 -5.58 15.06
C LEU G 241 -63.61 -5.66 14.08
N ASN G 242 -63.33 -5.44 12.81
CA ASN G 242 -64.37 -5.44 11.77
C ASN G 242 -64.32 -6.65 10.85
N ASN G 243 -63.37 -7.55 11.12
CA ASN G 243 -63.24 -8.78 10.34
C ASN G 243 -62.49 -9.82 11.14
N TYR G 244 -62.85 -11.09 10.97
CA TYR G 244 -62.18 -12.17 11.67
C TYR G 244 -60.71 -12.22 11.27
N ASN G 245 -60.42 -11.90 10.02
CA ASN G 245 -59.05 -11.86 9.53
C ASN G 245 -58.52 -10.44 9.40
N ILE G 246 -57.26 -10.25 9.77
CA ILE G 246 -56.58 -8.98 9.52
C ILE G 246 -55.68 -9.14 8.30
N ARG G 247 -55.76 -8.18 7.38
CA ARG G 247 -54.97 -8.21 6.16
C ARG G 247 -54.05 -7.00 6.09
N LEU G 248 -52.76 -7.22 6.26
CA LEU G 248 -51.80 -6.13 6.19
C LEU G 248 -51.22 -5.95 4.80
N HIS G 249 -51.35 -4.74 4.27
CA HIS G 249 -50.82 -4.40 2.95
C HIS G 249 -49.52 -3.63 3.07
N ILE G 250 -48.51 -4.15 2.37
CA ILE G 250 -47.24 -3.47 2.18
C ILE G 250 -47.11 -3.19 0.70
N ASP G 251 -47.31 -1.93 0.30
CA ASP G 251 -47.19 -1.54 -1.11
C ASP G 251 -45.97 -0.68 -1.30
N ILE G 252 -45.12 -1.07 -2.25
CA ILE G 252 -43.82 -0.43 -2.41
C ILE G 252 -43.67 0.24 -3.77
N THR G 253 -43.53 1.56 -3.74
CA THR G 253 -43.17 2.31 -4.95
C THR G 253 -41.75 2.83 -4.78
N ASN G 254 -41.17 3.40 -5.82
CA ASN G 254 -39.81 3.93 -5.73
C ASN G 254 -39.72 5.36 -6.24
N GLU H 5 -25.91 -23.58 13.72
CA GLU H 5 -27.08 -23.32 14.56
C GLU H 5 -27.23 -21.84 14.84
N ARG H 6 -26.14 -21.09 14.67
CA ARG H 6 -26.17 -19.65 14.86
C ARG H 6 -26.48 -18.94 13.55
N THR H 7 -27.42 -17.99 13.60
CA THR H 7 -27.81 -17.26 12.40
C THR H 7 -27.03 -15.97 12.23
N PHE H 8 -26.60 -15.38 13.35
CA PHE H 8 -25.83 -14.14 13.29
C PHE H 8 -24.38 -14.39 12.91
N LEU H 9 -24.04 -14.08 11.66
CA LEU H 9 -22.67 -14.18 11.15
C LEU H 9 -22.03 -15.54 11.42
N PRO H 10 -22.51 -16.59 10.73
CA PRO H 10 -21.96 -17.94 10.93
C PRO H 10 -20.51 -18.05 10.45
N ASN H 11 -19.76 -18.97 11.05
CA ASN H 11 -18.36 -19.18 10.70
C ASN H 11 -18.17 -19.52 9.23
N GLY H 12 -17.05 -19.08 8.65
CA GLY H 12 -16.74 -19.43 7.28
C GLY H 12 -16.09 -18.35 6.45
N ASN H 13 -15.93 -18.61 5.16
CA ASN H 13 -15.25 -17.67 4.28
C ASN H 13 -16.17 -16.58 3.71
N TYR H 14 -15.71 -15.34 3.80
CA TYR H 14 -16.49 -14.19 3.34
C TYR H 14 -15.71 -13.28 2.41
N ASN H 15 -16.41 -12.61 1.53
CA ASN H 15 -15.88 -11.44 0.85
C ASN H 15 -16.26 -10.23 1.68
N ILE H 16 -15.36 -9.23 1.74
CA ILE H 16 -15.66 -8.01 2.45
C ILE H 16 -15.65 -6.81 1.50
N LYS H 17 -16.74 -6.05 1.50
CA LYS H 17 -16.88 -4.92 0.60
C LYS H 17 -17.30 -3.67 1.36
N SER H 18 -17.17 -2.51 0.72
CA SER H 18 -17.74 -1.29 1.25
C SER H 18 -19.11 -1.13 0.61
N ILE H 19 -20.01 -0.42 1.28
CA ILE H 19 -21.33 -0.15 0.71
C ILE H 19 -21.21 0.83 -0.46
N PHE H 20 -20.05 1.46 -0.59
CA PHE H 20 -19.78 2.42 -1.65
C PHE H 20 -19.60 1.74 -3.01
N SER H 21 -19.10 0.51 -2.99
CA SER H 21 -18.85 -0.21 -4.24
C SER H 21 -19.22 -1.70 -4.15
N GLY H 22 -19.85 -2.21 -5.19
CA GLY H 22 -20.24 -3.62 -5.23
C GLY H 22 -19.26 -4.48 -6.01
N SER H 23 -18.17 -3.88 -6.45
CA SER H 23 -17.17 -4.60 -7.24
C SER H 23 -15.76 -4.46 -6.66
N LEU H 24 -15.64 -3.82 -5.50
CA LEU H 24 -14.35 -3.68 -4.84
C LEU H 24 -14.27 -4.51 -3.56
N TYR H 25 -13.21 -5.32 -3.48
CA TYR H 25 -13.05 -6.30 -2.42
C TYR H 25 -11.88 -5.98 -1.52
N LEU H 26 -12.04 -6.21 -0.22
CA LEU H 26 -10.99 -5.96 0.75
C LEU H 26 -9.84 -6.95 0.56
N ASN H 27 -8.62 -6.43 0.48
CA ASN H 27 -7.42 -7.25 0.43
C ASN H 27 -6.22 -6.50 1.00
N PRO H 28 -5.20 -7.24 1.48
CA PRO H 28 -3.98 -6.59 1.94
C PRO H 28 -3.12 -6.15 0.76
N VAL H 29 -2.69 -4.90 0.77
CA VAL H 29 -1.76 -4.41 -0.24
C VAL H 29 -0.61 -3.69 0.44
N SER H 30 0.52 -4.39 0.51
CA SER H 30 1.70 -3.91 1.22
C SER H 30 1.36 -3.53 2.65
N LYS H 31 1.04 -4.54 3.45
CA LYS H 31 0.81 -4.38 4.88
C LYS H 31 -0.48 -3.64 5.25
N SER H 32 -0.91 -2.71 4.40
CA SER H 32 -2.17 -1.99 4.63
C SER H 32 -3.34 -2.66 3.92
N LEU H 33 -4.55 -2.35 4.39
CA LEU H 33 -5.76 -2.95 3.85
C LEU H 33 -6.48 -2.00 2.90
N THR H 34 -6.89 -2.49 1.73
CA THR H 34 -7.54 -1.63 0.75
C THR H 34 -8.58 -2.39 -0.07
N PHE H 35 -9.43 -1.64 -0.77
CA PHE H 35 -10.45 -2.25 -1.63
C PHE H 35 -10.03 -2.22 -3.10
N SER H 36 -9.83 -3.40 -3.68
CA SER H 36 -9.30 -3.53 -5.03
C SER H 36 -10.27 -4.25 -5.95
N ASN H 37 -10.01 -4.22 -7.25
CA ASN H 37 -10.82 -4.96 -8.22
C ASN H 37 -10.84 -6.44 -7.90
N GLU H 38 -11.91 -7.12 -8.33
CA GLU H 38 -12.04 -8.56 -8.12
C GLU H 38 -10.86 -9.32 -8.69
N SER H 39 -10.20 -10.11 -7.85
CA SER H 39 -9.01 -10.84 -8.26
C SER H 39 -9.27 -12.34 -8.33
N SER H 40 -10.38 -12.77 -7.75
CA SER H 40 -10.74 -14.19 -7.67
C SER H 40 -9.64 -15.01 -6.99
N ALA H 41 -8.89 -14.37 -6.12
CA ALA H 41 -7.78 -15.03 -5.43
C ALA H 41 -8.05 -15.14 -3.93
N ASN H 42 -7.24 -15.95 -3.26
CA ASN H 42 -7.41 -16.20 -1.83
C ASN H 42 -7.27 -14.96 -0.95
N ASN H 43 -6.49 -13.98 -1.40
CA ASN H 43 -6.23 -12.80 -0.58
C ASN H 43 -7.44 -11.85 -0.48
N GLN H 44 -8.50 -12.16 -1.21
CA GLN H 44 -9.74 -11.40 -1.11
C GLN H 44 -10.78 -12.20 -0.34
N LYS H 45 -10.39 -13.36 0.15
CA LYS H 45 -11.28 -14.21 0.95
C LYS H 45 -10.94 -14.10 2.43
N TRP H 46 -11.96 -14.00 3.27
CA TRP H 46 -11.74 -13.81 4.70
C TRP H 46 -12.48 -14.84 5.54
N ASN H 47 -11.71 -15.60 6.33
CA ASN H 47 -12.26 -16.57 7.26
C ASN H 47 -12.71 -15.87 8.55
N VAL H 48 -14.02 -15.87 8.78
CA VAL H 48 -14.62 -15.29 9.98
C VAL H 48 -14.97 -16.38 10.97
N GLU H 49 -14.50 -16.21 12.21
CA GLU H 49 -14.76 -17.18 13.27
C GLU H 49 -15.20 -16.50 14.57
N TYR H 50 -16.20 -17.09 15.23
CA TYR H 50 -16.69 -16.58 16.50
C TYR H 50 -15.87 -17.13 17.66
N MET H 51 -15.54 -16.27 18.61
CA MET H 51 -14.87 -16.68 19.84
C MET H 51 -15.82 -16.56 21.02
N ALA H 52 -16.29 -17.70 21.50
CA ALA H 52 -17.27 -17.74 22.57
C ALA H 52 -16.80 -17.08 23.87
N GLU H 53 -15.52 -17.24 24.18
CA GLU H 53 -14.97 -16.78 25.45
C GLU H 53 -14.91 -15.24 25.54
N ASN H 54 -14.86 -14.58 24.39
CA ASN H 54 -14.80 -13.12 24.38
C ASN H 54 -16.08 -12.50 23.83
N ARG H 55 -16.97 -13.36 23.34
CA ARG H 55 -18.24 -12.94 22.72
C ARG H 55 -17.99 -11.95 21.58
N CYS H 56 -17.07 -12.31 20.70
CA CYS H 56 -16.73 -11.46 19.56
C CYS H 56 -16.26 -12.31 18.38
N PHE H 57 -15.75 -11.65 17.34
CA PHE H 57 -15.31 -12.35 16.14
C PHE H 57 -13.86 -12.02 15.78
N LYS H 58 -13.14 -13.02 15.29
CA LYS H 58 -11.83 -12.81 14.68
C LYS H 58 -11.89 -13.16 13.20
N ILE H 59 -11.12 -12.43 12.40
CA ILE H 59 -11.20 -12.55 10.95
C ILE H 59 -9.81 -12.62 10.33
N SER H 60 -9.50 -13.74 9.70
CA SER H 60 -8.19 -13.95 9.09
C SER H 60 -8.27 -13.95 7.57
N ASN H 61 -7.14 -13.72 6.91
CA ASN H 61 -7.06 -13.86 5.46
C ASN H 61 -6.76 -15.31 5.12
N VAL H 62 -7.42 -15.87 4.11
CA VAL H 62 -7.25 -17.29 3.82
C VAL H 62 -5.95 -17.58 3.05
N ALA H 63 -5.30 -16.52 2.55
CA ALA H 63 -4.00 -16.67 1.91
C ALA H 63 -2.89 -16.60 2.95
N GLU H 64 -3.18 -15.94 4.06
CA GLU H 64 -2.31 -15.94 5.23
C GLU H 64 -3.15 -16.23 6.47
N PRO H 65 -3.57 -17.50 6.64
CA PRO H 65 -4.54 -17.92 7.65
C PRO H 65 -4.18 -17.55 9.09
N ASN H 66 -2.91 -17.21 9.34
CA ASN H 66 -2.48 -16.85 10.67
C ASN H 66 -2.34 -15.34 10.82
N LYS H 67 -2.81 -14.61 9.80
CA LYS H 67 -2.86 -13.16 9.85
C LYS H 67 -4.31 -12.72 10.05
N TYR H 68 -4.53 -11.88 11.05
CA TYR H 68 -5.86 -11.42 11.40
C TYR H 68 -6.02 -9.91 11.22
N LEU H 69 -7.25 -9.49 10.96
CA LEU H 69 -7.60 -8.08 10.93
C LEU H 69 -7.38 -7.49 12.32
N SER H 70 -6.52 -6.49 12.39
CA SER H 70 -6.14 -5.88 13.65
C SER H 70 -6.01 -4.37 13.47
N TYR H 71 -5.28 -3.72 14.36
CA TYR H 71 -5.00 -2.29 14.20
C TYR H 71 -3.68 -1.87 14.86
N ASP H 72 -3.06 -0.83 14.30
CA ASP H 72 -1.82 -0.32 14.89
C ASP H 72 -2.03 0.90 15.78
N ASN H 73 -0.94 1.48 16.24
CA ASN H 73 -0.99 2.59 17.18
C ASN H 73 -1.30 3.95 16.56
N PHE H 74 -1.68 3.95 15.28
CA PHE H 74 -1.94 5.19 14.58
C PHE H 74 -3.32 5.22 13.91
N GLY H 75 -4.13 4.22 14.20
CA GLY H 75 -5.51 4.20 13.72
C GLY H 75 -5.68 3.52 12.37
N PHE H 76 -4.69 2.73 11.98
CA PHE H 76 -4.77 1.97 10.74
C PHE H 76 -5.14 0.52 11.00
N ILE H 77 -6.09 0.00 10.23
CA ILE H 77 -6.39 -1.42 10.27
C ILE H 77 -5.22 -2.18 9.64
N SER H 78 -4.81 -3.27 10.27
CA SER H 78 -3.65 -4.01 9.79
C SER H 78 -3.92 -5.52 9.65
N LEU H 79 -2.94 -6.23 9.09
CA LEU H 79 -2.95 -7.68 9.10
C LEU H 79 -1.81 -8.12 10.02
N ASP H 80 -2.16 -8.58 11.22
CA ASP H 80 -1.14 -8.89 12.21
C ASP H 80 -1.39 -10.24 12.87
N SER H 81 -0.39 -10.77 13.55
CA SER H 81 -0.56 -12.01 14.28
C SER H 81 -1.60 -11.82 15.38
N LEU H 82 -2.18 -12.92 15.85
CA LEU H 82 -3.31 -12.86 16.77
C LEU H 82 -3.00 -12.12 18.08
N SER H 83 -3.88 -11.19 18.43
CA SER H 83 -3.77 -10.45 19.68
C SER H 83 -5.14 -9.89 20.07
N ASN H 84 -5.20 -9.16 21.17
CA ASN H 84 -6.46 -8.61 21.66
C ASN H 84 -6.97 -7.45 20.81
N ARG H 85 -6.19 -7.09 19.79
CA ARG H 85 -6.56 -6.03 18.87
C ARG H 85 -7.29 -6.62 17.66
N CYS H 86 -7.49 -7.93 17.69
CA CYS H 86 -8.10 -8.65 16.57
C CYS H 86 -9.55 -8.98 16.84
N TYR H 87 -10.07 -8.48 17.96
CA TYR H 87 -11.41 -8.83 18.42
C TYR H 87 -12.46 -7.84 17.91
N TRP H 88 -13.46 -8.35 17.20
CA TRP H 88 -14.47 -7.49 16.60
C TRP H 88 -15.89 -7.80 17.04
N PHE H 89 -16.62 -6.73 17.36
CA PHE H 89 -18.01 -6.79 17.75
C PHE H 89 -18.84 -6.16 16.62
N PRO H 90 -19.43 -7.00 15.76
CA PRO H 90 -20.19 -6.53 14.60
C PRO H 90 -21.62 -6.12 14.94
N ILE H 91 -22.12 -5.11 14.24
CA ILE H 91 -23.51 -4.70 14.37
C ILE H 91 -24.18 -4.77 12.99
N LYS H 92 -25.08 -5.73 12.82
CA LYS H 92 -25.81 -5.88 11.56
C LYS H 92 -26.89 -4.82 11.47
N ILE H 93 -26.81 -3.97 10.45
CA ILE H 93 -27.76 -2.87 10.29
C ILE H 93 -28.64 -3.04 9.04
N ALA H 94 -28.29 -4.02 8.20
CA ALA H 94 -29.07 -4.35 7.02
C ALA H 94 -28.71 -5.75 6.53
N VAL H 95 -29.31 -6.17 5.42
CA VAL H 95 -29.23 -7.55 4.92
C VAL H 95 -27.88 -8.26 5.11
N ASN H 96 -26.82 -7.69 4.55
CA ASN H 96 -25.48 -8.25 4.73
C ASN H 96 -24.51 -7.16 5.16
N THR H 97 -25.02 -6.14 5.84
CA THR H 97 -24.24 -4.94 6.12
C THR H 97 -23.94 -4.79 7.61
N TYR H 98 -22.67 -4.56 7.93
CA TYR H 98 -22.23 -4.52 9.33
C TYR H 98 -21.39 -3.29 9.66
N ILE H 99 -21.47 -2.88 10.92
CA ILE H 99 -20.54 -1.91 11.48
C ILE H 99 -19.64 -2.67 12.45
N MET H 100 -18.35 -2.72 12.14
CA MET H 100 -17.41 -3.52 12.92
C MET H 100 -16.75 -2.71 14.02
N LEU H 101 -17.18 -2.92 15.26
CA LEU H 101 -16.60 -2.21 16.39
C LEU H 101 -15.40 -2.96 16.95
N SER H 102 -14.40 -2.22 17.44
CA SER H 102 -13.29 -2.86 18.14
C SER H 102 -13.77 -3.24 19.53
N LEU H 103 -13.21 -4.31 20.08
CA LEU H 103 -13.56 -4.72 21.44
C LEU H 103 -12.90 -3.80 22.44
N ASN H 104 -11.81 -3.16 22.01
CA ASN H 104 -11.11 -2.20 22.85
C ASN H 104 -11.66 -0.79 22.70
N LYS H 105 -12.00 -0.17 23.83
CA LYS H 105 -12.49 1.19 23.83
C LYS H 105 -11.37 2.16 24.22
N VAL H 106 -11.24 3.25 23.45
CA VAL H 106 -10.34 4.33 23.80
C VAL H 106 -11.20 5.44 24.38
N ASN H 107 -10.73 6.06 25.47
CA ASN H 107 -11.57 6.84 26.36
C ASN H 107 -12.68 5.91 26.83
N GLU H 108 -13.91 6.28 26.53
CA GLU H 108 -15.03 5.36 26.70
C GLU H 108 -15.84 5.37 25.40
N LEU H 109 -15.12 5.59 24.30
CA LEU H 109 -15.70 5.61 22.96
C LEU H 109 -15.49 4.27 22.27
N ASP H 110 -16.48 3.86 21.48
CA ASP H 110 -16.29 2.72 20.59
C ASP H 110 -15.58 3.20 19.34
N TYR H 111 -14.86 2.29 18.69
CA TYR H 111 -14.21 2.61 17.43
C TYR H 111 -14.62 1.58 16.39
N ALA H 112 -14.71 2.00 15.14
CA ALA H 112 -15.13 1.12 14.06
C ALA H 112 -14.23 1.25 12.84
N TRP H 113 -14.31 0.25 11.97
CA TRP H 113 -13.67 0.34 10.66
C TRP H 113 -14.22 1.56 9.93
N ASP H 114 -13.38 2.22 9.16
CA ASP H 114 -13.77 3.43 8.46
C ASP H 114 -12.93 3.59 7.21
N ILE H 115 -13.60 3.64 6.07
CA ILE H 115 -12.92 3.85 4.79
C ILE H 115 -13.21 5.24 4.22
N TYR H 116 -12.15 5.95 3.84
CA TYR H 116 -12.29 7.26 3.21
C TYR H 116 -12.93 7.10 1.85
N ASP H 117 -13.69 8.12 1.44
CA ASP H 117 -14.24 8.12 0.09
C ASP H 117 -14.05 9.48 -0.56
N THR H 118 -13.97 9.48 -1.89
CA THR H 118 -13.96 10.72 -2.66
C THR H 118 -15.16 10.68 -3.58
N ASN H 119 -16.27 11.26 -3.13
CA ASN H 119 -17.55 11.13 -3.83
C ASN H 119 -17.87 9.66 -4.10
N GLU H 120 -17.90 8.88 -3.02
CA GLU H 120 -18.18 7.44 -3.06
C GLU H 120 -17.13 6.62 -3.80
N ASN H 121 -15.95 7.21 -4.01
CA ASN H 121 -14.82 6.49 -4.56
C ASN H 121 -13.81 6.17 -3.45
N ILE H 122 -13.55 4.88 -3.25
CA ILE H 122 -12.68 4.43 -2.16
C ILE H 122 -11.35 3.88 -2.67
N LEU H 123 -11.11 3.99 -3.97
CA LEU H 123 -9.91 3.44 -4.57
C LEU H 123 -8.63 4.02 -3.97
N SER H 124 -7.73 3.13 -3.55
CA SER H 124 -6.45 3.49 -2.94
C SER H 124 -6.57 4.21 -1.61
N GLN H 125 -7.74 4.12 -0.99
CA GLN H 125 -7.93 4.66 0.35
C GLN H 125 -7.65 3.57 1.38
N PRO H 126 -6.99 3.93 2.49
CA PRO H 126 -6.62 2.96 3.52
C PRO H 126 -7.70 2.77 4.60
N LEU H 127 -7.87 1.53 5.03
CA LEU H 127 -8.85 1.20 6.08
C LEU H 127 -8.36 1.71 7.43
N LEU H 128 -9.23 2.42 8.14
CA LEU H 128 -8.84 3.01 9.42
C LEU H 128 -9.73 2.57 10.57
N LEU H 129 -9.30 2.86 11.79
CA LEU H 129 -10.10 2.61 12.98
C LEU H 129 -10.42 3.94 13.63
N LEU H 130 -11.66 4.39 13.46
CA LEU H 130 -12.05 5.75 13.86
C LEU H 130 -13.23 5.73 14.84
N PRO H 131 -13.40 6.82 15.62
CA PRO H 131 -14.50 6.87 16.60
C PRO H 131 -15.86 6.63 15.97
N ASN H 132 -16.69 5.85 16.65
CA ASN H 132 -18.06 5.59 16.24
C ASN H 132 -19.03 6.34 17.12
N PHE H 133 -20.05 6.95 16.51
CA PHE H 133 -21.01 7.75 17.26
C PHE H 133 -22.45 7.30 17.04
N ASP H 134 -22.71 6.67 15.89
CA ASP H 134 -24.05 6.23 15.54
C ASP H 134 -24.00 5.12 14.50
N ILE H 135 -25.16 4.79 13.93
CA ILE H 135 -25.24 3.77 12.89
C ILE H 135 -25.63 4.38 11.54
N TYR H 136 -25.16 5.59 11.29
CA TYR H 136 -25.58 6.31 10.07
C TYR H 136 -24.42 6.81 9.21
N ASN H 137 -23.19 6.49 9.59
CA ASN H 137 -22.02 6.91 8.83
C ASN H 137 -21.69 5.89 7.73
N SER H 138 -21.88 6.28 6.48
CA SER H 138 -21.71 5.39 5.34
C SER H 138 -20.29 4.82 5.23
N ASN H 139 -19.31 5.60 5.70
CA ASN H 139 -17.92 5.19 5.64
C ASN H 139 -17.59 4.09 6.66
N GLN H 140 -18.52 3.84 7.57
CA GLN H 140 -18.32 2.84 8.62
C GLN H 140 -19.20 1.62 8.41
N MET H 141 -19.64 1.40 7.17
CA MET H 141 -20.54 0.29 6.87
C MET H 141 -19.94 -0.63 5.82
N PHE H 142 -20.01 -1.94 6.08
CA PHE H 142 -19.35 -2.92 5.25
C PHE H 142 -20.20 -4.17 5.04
N LYS H 143 -20.08 -4.75 3.86
CA LYS H 143 -20.83 -5.95 3.51
C LYS H 143 -19.97 -7.21 3.59
N LEU H 144 -20.39 -8.12 4.45
CA LEU H 144 -19.75 -9.42 4.59
C LEU H 144 -20.60 -10.46 3.87
N GLU H 145 -20.08 -11.01 2.78
CA GLU H 145 -20.87 -11.92 1.94
C GLU H 145 -20.29 -13.32 1.91
N LYS H 146 -21.07 -14.28 2.37
CA LYS H 146 -20.65 -15.69 2.45
C LYS H 146 -20.27 -16.26 1.07
N ILE H 147 -19.18 -17.02 1.03
CA ILE H 147 -18.78 -17.71 -0.19
C ILE H 147 -18.42 -19.17 0.11
#